data_6FS9
# 
_entry.id   6FS9 
# 
_audit_conform.dict_name       mmcif_pdbx.dic 
_audit_conform.dict_version    5.383 
_audit_conform.dict_location   http://mmcif.pdb.org/dictionaries/ascii/mmcif_pdbx.dic 
# 
loop_
_database_2.database_id 
_database_2.database_code 
_database_2.pdbx_database_accession 
_database_2.pdbx_DOI 
PDB   6FS9         pdb_00006fs9 10.2210/pdb6fs9/pdb 
WWPDB D_1200008850 ?            ?                   
# 
loop_
_pdbx_audit_revision_history.ordinal 
_pdbx_audit_revision_history.data_content_type 
_pdbx_audit_revision_history.major_revision 
_pdbx_audit_revision_history.minor_revision 
_pdbx_audit_revision_history.revision_date 
1 'Structure model' 1 0 2018-07-11 
2 'Structure model' 1 1 2024-01-17 
# 
_pdbx_audit_revision_details.ordinal             1 
_pdbx_audit_revision_details.revision_ordinal    1 
_pdbx_audit_revision_details.data_content_type   'Structure model' 
_pdbx_audit_revision_details.provider            repository 
_pdbx_audit_revision_details.type                'Initial release' 
_pdbx_audit_revision_details.description         ? 
_pdbx_audit_revision_details.details             ? 
# 
loop_
_pdbx_audit_revision_group.ordinal 
_pdbx_audit_revision_group.revision_ordinal 
_pdbx_audit_revision_group.data_content_type 
_pdbx_audit_revision_group.group 
1 2 'Structure model' 'Data collection'        
2 2 'Structure model' 'Database references'    
3 2 'Structure model' 'Derived calculations'   
4 2 'Structure model' 'Refinement description' 
# 
loop_
_pdbx_audit_revision_category.ordinal 
_pdbx_audit_revision_category.revision_ordinal 
_pdbx_audit_revision_category.data_content_type 
_pdbx_audit_revision_category.category 
1 2 'Structure model' chem_comp_atom                
2 2 'Structure model' chem_comp_bond                
3 2 'Structure model' database_2                    
4 2 'Structure model' pdbx_initial_refinement_model 
5 2 'Structure model' pdbx_struct_conn_angle        
6 2 'Structure model' struct_conn                   
# 
loop_
_pdbx_audit_revision_item.ordinal 
_pdbx_audit_revision_item.revision_ordinal 
_pdbx_audit_revision_item.data_content_type 
_pdbx_audit_revision_item.item 
1  2 'Structure model' '_database_2.pdbx_DOI'                        
2  2 'Structure model' '_database_2.pdbx_database_accession'         
3  2 'Structure model' '_pdbx_struct_conn_angle.ptnr1_auth_comp_id'  
4  2 'Structure model' '_pdbx_struct_conn_angle.ptnr1_auth_seq_id'   
5  2 'Structure model' '_pdbx_struct_conn_angle.ptnr1_label_asym_id' 
6  2 'Structure model' '_pdbx_struct_conn_angle.ptnr1_label_atom_id' 
7  2 'Structure model' '_pdbx_struct_conn_angle.ptnr1_label_comp_id' 
8  2 'Structure model' '_pdbx_struct_conn_angle.ptnr3_auth_comp_id'  
9  2 'Structure model' '_pdbx_struct_conn_angle.ptnr3_auth_seq_id'   
10 2 'Structure model' '_pdbx_struct_conn_angle.ptnr3_label_asym_id' 
11 2 'Structure model' '_pdbx_struct_conn_angle.ptnr3_label_atom_id' 
12 2 'Structure model' '_pdbx_struct_conn_angle.ptnr3_label_comp_id' 
13 2 'Structure model' '_pdbx_struct_conn_angle.value'               
14 2 'Structure model' '_struct_conn.pdbx_dist_value'                
15 2 'Structure model' '_struct_conn.ptnr1_label_atom_id'            
16 2 'Structure model' '_struct_conn.ptnr2_auth_comp_id'             
17 2 'Structure model' '_struct_conn.ptnr2_auth_seq_id'              
18 2 'Structure model' '_struct_conn.ptnr2_label_asym_id'            
19 2 'Structure model' '_struct_conn.ptnr2_label_atom_id'            
20 2 'Structure model' '_struct_conn.ptnr2_label_comp_id'            
# 
_pdbx_database_status.status_code                     REL 
_pdbx_database_status.status_code_sf                  REL 
_pdbx_database_status.status_code_mr                  ? 
_pdbx_database_status.entry_id                        6FS9 
_pdbx_database_status.recvd_initial_deposition_date   2018-02-19 
_pdbx_database_status.SG_entry                        N 
_pdbx_database_status.deposit_site                    PDBE 
_pdbx_database_status.process_site                    PDBE 
_pdbx_database_status.status_code_cs                  ? 
_pdbx_database_status.methods_development_category    ? 
_pdbx_database_status.pdb_format_compatible           Y 
_pdbx_database_status.status_code_nmr_data            ? 
# 
loop_
_audit_author.name 
_audit_author.pdbx_ordinal 
_audit_author.identifier_ORCID 
'Cusack, S.'     1 0000-0002-9324-0796 
'Speranzini, V.' 2 ?                   
# 
_citation.abstract                  ? 
_citation.abstract_id_CAS           ? 
_citation.book_id_ISBN              ? 
_citation.book_publisher            ? 
_citation.book_publisher_city       ? 
_citation.book_title                ? 
_citation.coordinate_linkage        ? 
_citation.country                   UK 
_citation.database_id_Medline       ? 
_citation.details                   ? 
_citation.id                        primary 
_citation.journal_abbrev            'Sci Rep' 
_citation.journal_id_ASTM           ? 
_citation.journal_id_CSD            ? 
_citation.journal_id_ISSN           2045-2322 
_citation.journal_full              ? 
_citation.journal_issue             ? 
_citation.journal_volume            8 
_citation.language                  ? 
_citation.page_first                9633 
_citation.page_last                 9633 
_citation.title                     
'Characterization of influenza virus variants induced by treatment with the endonuclease inhibitor baloxavir marboxil.' 
_citation.year                      2018 
_citation.database_id_CSD           ? 
_citation.pdbx_database_id_DOI      10.1038/s41598-018-27890-4 
_citation.pdbx_database_id_PubMed   29941893 
_citation.unpublished_flag          ? 
# 
loop_
_citation_author.citation_id 
_citation_author.name 
_citation_author.ordinal 
_citation_author.identifier_ORCID 
primary 'Omoto, S.'      1  ? 
primary 'Speranzini, V.' 2  ? 
primary 'Hashimoto, T.'  3  ? 
primary 'Noshi, T.'      4  ? 
primary 'Yamaguchi, H.'  5  ? 
primary 'Kawai, M.'      6  ? 
primary 'Kawaguchi, K.'  7  ? 
primary 'Uehara, T.'     8  ? 
primary 'Shishido, T.'   9  ? 
primary 'Naito, A.'      10 ? 
primary 'Cusack, S.'     11 ? 
# 
loop_
_entity.id 
_entity.type 
_entity.src_method 
_entity.pdbx_description 
_entity.formula_weight 
_entity.pdbx_number_of_molecules 
_entity.pdbx_ec 
_entity.pdbx_mutation 
_entity.pdbx_fragment 
_entity.details 
1 polymer     man 'Polymerase acidic protein' 23506.596 1 3.1.-.- I38T ? 'N-terminal GAMGSGMA linker, I38T mutation' 
2 non-polymer syn 'MANGANESE (II) ION'        54.938    2 ?       ?    ? ?                                           
3 non-polymer syn 'Baloxavir acid'            483.487   1 ?       ?    ? ?                                           
4 non-polymer syn 'CHLORIDE ION'              35.453    2 ?       ?    ? ?                                           
5 water       nat water                       18.015    8 ?       ?    ? ?                                           
# 
_entity_name_com.entity_id   1 
_entity_name_com.name        'RNA-directed RNA polymerase subunit P2' 
# 
_entity_poly.entity_id                      1 
_entity_poly.type                           'polypeptide(L)' 
_entity_poly.nstd_linkage                   no 
_entity_poly.nstd_monomer                   no 
_entity_poly.pdbx_seq_one_letter_code       
;GAMGSGMAMDTFITRNFQTTIIQKAKNTMAEFSEDPELQPAMLFNTCVHLEVCYVISDMNFLDEEGKSYTALEGQGKEQN
LRPQYEVIEGMPRTIAWMVQRSLAQEHGIETPKYLADLFDYKTKRFIEVGITKGLADDYFWKKKEKLGNSMELMIFSYNQ
DYSLSNESSLDEEGKGRVLSRLTELQAELSLKNLWQVLIGEEDVE
;
_entity_poly.pdbx_seq_one_letter_code_can   
;GAMGSGMAMDTFITRNFQTTIIQKAKNTMAEFSEDPELQPAMLFNTCVHLEVCYVISDMNFLDEEGKSYTALEGQGKEQN
LRPQYEVIEGMPRTIAWMVQRSLAQEHGIETPKYLADLFDYKTKRFIEVGITKGLADDYFWKKKEKLGNSMELMIFSYNQ
DYSLSNESSLDEEGKGRVLSRLTELQAELSLKNLWQVLIGEEDVE
;
_entity_poly.pdbx_strand_id                 A 
_entity_poly.pdbx_target_identifier         ? 
# 
loop_
_pdbx_entity_nonpoly.entity_id 
_pdbx_entity_nonpoly.name 
_pdbx_entity_nonpoly.comp_id 
2 'MANGANESE (II) ION' MN  
3 'Baloxavir acid'     E4Z 
4 'CHLORIDE ION'       CL  
5 water                HOH 
# 
loop_
_entity_poly_seq.entity_id 
_entity_poly_seq.num 
_entity_poly_seq.mon_id 
_entity_poly_seq.hetero 
1 1   GLY n 
1 2   ALA n 
1 3   MET n 
1 4   GLY n 
1 5   SER n 
1 6   GLY n 
1 7   MET n 
1 8   ALA n 
1 9   MET n 
1 10  ASP n 
1 11  THR n 
1 12  PHE n 
1 13  ILE n 
1 14  THR n 
1 15  ARG n 
1 16  ASN n 
1 17  PHE n 
1 18  GLN n 
1 19  THR n 
1 20  THR n 
1 21  ILE n 
1 22  ILE n 
1 23  GLN n 
1 24  LYS n 
1 25  ALA n 
1 26  LYS n 
1 27  ASN n 
1 28  THR n 
1 29  MET n 
1 30  ALA n 
1 31  GLU n 
1 32  PHE n 
1 33  SER n 
1 34  GLU n 
1 35  ASP n 
1 36  PRO n 
1 37  GLU n 
1 38  LEU n 
1 39  GLN n 
1 40  PRO n 
1 41  ALA n 
1 42  MET n 
1 43  LEU n 
1 44  PHE n 
1 45  ASN n 
1 46  THR n 
1 47  CYS n 
1 48  VAL n 
1 49  HIS n 
1 50  LEU n 
1 51  GLU n 
1 52  VAL n 
1 53  CYS n 
1 54  TYR n 
1 55  VAL n 
1 56  ILE n 
1 57  SER n 
1 58  ASP n 
1 59  MET n 
1 60  ASN n 
1 61  PHE n 
1 62  LEU n 
1 63  ASP n 
1 64  GLU n 
1 65  GLU n 
1 66  GLY n 
1 67  LYS n 
1 68  SER n 
1 69  TYR n 
1 70  THR n 
1 71  ALA n 
1 72  LEU n 
1 73  GLU n 
1 74  GLY n 
1 75  GLN n 
1 76  GLY n 
1 77  LYS n 
1 78  GLU n 
1 79  GLN n 
1 80  ASN n 
1 81  LEU n 
1 82  ARG n 
1 83  PRO n 
1 84  GLN n 
1 85  TYR n 
1 86  GLU n 
1 87  VAL n 
1 88  ILE n 
1 89  GLU n 
1 90  GLY n 
1 91  MET n 
1 92  PRO n 
1 93  ARG n 
1 94  THR n 
1 95  ILE n 
1 96  ALA n 
1 97  TRP n 
1 98  MET n 
1 99  VAL n 
1 100 GLN n 
1 101 ARG n 
1 102 SER n 
1 103 LEU n 
1 104 ALA n 
1 105 GLN n 
1 106 GLU n 
1 107 HIS n 
1 108 GLY n 
1 109 ILE n 
1 110 GLU n 
1 111 THR n 
1 112 PRO n 
1 113 LYS n 
1 114 TYR n 
1 115 LEU n 
1 116 ALA n 
1 117 ASP n 
1 118 LEU n 
1 119 PHE n 
1 120 ASP n 
1 121 TYR n 
1 122 LYS n 
1 123 THR n 
1 124 LYS n 
1 125 ARG n 
1 126 PHE n 
1 127 ILE n 
1 128 GLU n 
1 129 VAL n 
1 130 GLY n 
1 131 ILE n 
1 132 THR n 
1 133 LYS n 
1 134 GLY n 
1 135 LEU n 
1 136 ALA n 
1 137 ASP n 
1 138 ASP n 
1 139 TYR n 
1 140 PHE n 
1 141 TRP n 
1 142 LYS n 
1 143 LYS n 
1 144 LYS n 
1 145 GLU n 
1 146 LYS n 
1 147 LEU n 
1 148 GLY n 
1 149 ASN n 
1 150 SER n 
1 151 MET n 
1 152 GLU n 
1 153 LEU n 
1 154 MET n 
1 155 ILE n 
1 156 PHE n 
1 157 SER n 
1 158 TYR n 
1 159 ASN n 
1 160 GLN n 
1 161 ASP n 
1 162 TYR n 
1 163 SER n 
1 164 LEU n 
1 165 SER n 
1 166 ASN n 
1 167 GLU n 
1 168 SER n 
1 169 SER n 
1 170 LEU n 
1 171 ASP n 
1 172 GLU n 
1 173 GLU n 
1 174 GLY n 
1 175 LYS n 
1 176 GLY n 
1 177 ARG n 
1 178 VAL n 
1 179 LEU n 
1 180 SER n 
1 181 ARG n 
1 182 LEU n 
1 183 THR n 
1 184 GLU n 
1 185 LEU n 
1 186 GLN n 
1 187 ALA n 
1 188 GLU n 
1 189 LEU n 
1 190 SER n 
1 191 LEU n 
1 192 LYS n 
1 193 ASN n 
1 194 LEU n 
1 195 TRP n 
1 196 GLN n 
1 197 VAL n 
1 198 LEU n 
1 199 ILE n 
1 200 GLY n 
1 201 GLU n 
1 202 GLU n 
1 203 ASP n 
1 204 VAL n 
1 205 GLU n 
# 
_entity_src_gen.entity_id                          1 
_entity_src_gen.pdbx_src_id                        1 
_entity_src_gen.pdbx_alt_source_flag               sample 
_entity_src_gen.pdbx_seq_type                      'Biological sequence' 
_entity_src_gen.pdbx_beg_seq_num                   1 
_entity_src_gen.pdbx_end_seq_num                   205 
_entity_src_gen.gene_src_common_name               ? 
_entity_src_gen.gene_src_genus                     ? 
_entity_src_gen.pdbx_gene_src_gene                 PA 
_entity_src_gen.gene_src_species                   ? 
_entity_src_gen.gene_src_strain                    ? 
_entity_src_gen.gene_src_tissue                    ? 
_entity_src_gen.gene_src_tissue_fraction           ? 
_entity_src_gen.gene_src_details                   ? 
_entity_src_gen.pdbx_gene_src_fragment             ? 
_entity_src_gen.pdbx_gene_src_scientific_name      'Influenza B virus (B/Memphis/13/2003)' 
_entity_src_gen.pdbx_gene_src_ncbi_taxonomy_id     1601067 
_entity_src_gen.pdbx_gene_src_variant              ? 
_entity_src_gen.pdbx_gene_src_cell_line            ? 
_entity_src_gen.pdbx_gene_src_atcc                 ? 
_entity_src_gen.pdbx_gene_src_organ                ? 
_entity_src_gen.pdbx_gene_src_organelle            ? 
_entity_src_gen.pdbx_gene_src_cell                 ? 
_entity_src_gen.pdbx_gene_src_cellular_location    ? 
_entity_src_gen.host_org_common_name               ? 
_entity_src_gen.pdbx_host_org_scientific_name      'Escherichia coli' 
_entity_src_gen.pdbx_host_org_ncbi_taxonomy_id     562 
_entity_src_gen.host_org_genus                     ? 
_entity_src_gen.pdbx_host_org_gene                 ? 
_entity_src_gen.pdbx_host_org_organ                ? 
_entity_src_gen.host_org_species                   ? 
_entity_src_gen.pdbx_host_org_tissue               ? 
_entity_src_gen.pdbx_host_org_tissue_fraction      ? 
_entity_src_gen.pdbx_host_org_strain               ? 
_entity_src_gen.pdbx_host_org_variant              ? 
_entity_src_gen.pdbx_host_org_cell_line            ? 
_entity_src_gen.pdbx_host_org_atcc                 ? 
_entity_src_gen.pdbx_host_org_culture_collection   ? 
_entity_src_gen.pdbx_host_org_cell                 ? 
_entity_src_gen.pdbx_host_org_organelle            ? 
_entity_src_gen.pdbx_host_org_cellular_location    ? 
_entity_src_gen.pdbx_host_org_vector_type          ? 
_entity_src_gen.pdbx_host_org_vector               ? 
_entity_src_gen.host_org_details                   ? 
_entity_src_gen.expression_system_id               ? 
_entity_src_gen.plasmid_name                       pETM11 
_entity_src_gen.plasmid_details                    ? 
_entity_src_gen.pdbx_description                   ? 
# 
loop_
_chem_comp.id 
_chem_comp.type 
_chem_comp.mon_nstd_flag 
_chem_comp.name 
_chem_comp.pdbx_synonyms 
_chem_comp.formula 
_chem_comp.formula_weight 
ALA 'L-peptide linking' y ALANINE              ? 'C3 H7 N O2'         89.093  
ARG 'L-peptide linking' y ARGININE             ? 'C6 H15 N4 O2 1'     175.209 
ASN 'L-peptide linking' y ASPARAGINE           ? 'C4 H8 N2 O3'        132.118 
ASP 'L-peptide linking' y 'ASPARTIC ACID'      ? 'C4 H7 N O4'         133.103 
CL  non-polymer         . 'CHLORIDE ION'       ? 'Cl -1'              35.453  
CYS 'L-peptide linking' y CYSTEINE             ? 'C3 H7 N O2 S'       121.158 
E4Z non-polymer         . 'Baloxavir acid'     ? 'C24 H19 F2 N3 O4 S' 483.487 
GLN 'L-peptide linking' y GLUTAMINE            ? 'C5 H10 N2 O3'       146.144 
GLU 'L-peptide linking' y 'GLUTAMIC ACID'      ? 'C5 H9 N O4'         147.129 
GLY 'peptide linking'   y GLYCINE              ? 'C2 H5 N O2'         75.067  
HIS 'L-peptide linking' y HISTIDINE            ? 'C6 H10 N3 O2 1'     156.162 
HOH non-polymer         . WATER                ? 'H2 O'               18.015  
ILE 'L-peptide linking' y ISOLEUCINE           ? 'C6 H13 N O2'        131.173 
LEU 'L-peptide linking' y LEUCINE              ? 'C6 H13 N O2'        131.173 
LYS 'L-peptide linking' y LYSINE               ? 'C6 H15 N2 O2 1'     147.195 
MET 'L-peptide linking' y METHIONINE           ? 'C5 H11 N O2 S'      149.211 
MN  non-polymer         . 'MANGANESE (II) ION' ? 'Mn 2'               54.938  
PHE 'L-peptide linking' y PHENYLALANINE        ? 'C9 H11 N O2'        165.189 
PRO 'L-peptide linking' y PROLINE              ? 'C5 H9 N O2'         115.130 
SER 'L-peptide linking' y SERINE               ? 'C3 H7 N O3'         105.093 
THR 'L-peptide linking' y THREONINE            ? 'C4 H9 N O3'         119.119 
TRP 'L-peptide linking' y TRYPTOPHAN           ? 'C11 H12 N2 O2'      204.225 
TYR 'L-peptide linking' y TYROSINE             ? 'C9 H11 N O3'        181.189 
VAL 'L-peptide linking' y VALINE               ? 'C5 H11 N O2'        117.146 
# 
loop_
_pdbx_poly_seq_scheme.asym_id 
_pdbx_poly_seq_scheme.entity_id 
_pdbx_poly_seq_scheme.seq_id 
_pdbx_poly_seq_scheme.mon_id 
_pdbx_poly_seq_scheme.ndb_seq_num 
_pdbx_poly_seq_scheme.pdb_seq_num 
_pdbx_poly_seq_scheme.auth_seq_num 
_pdbx_poly_seq_scheme.pdb_mon_id 
_pdbx_poly_seq_scheme.auth_mon_id 
_pdbx_poly_seq_scheme.pdb_strand_id 
_pdbx_poly_seq_scheme.pdb_ins_code 
_pdbx_poly_seq_scheme.hetero 
A 1 1   GLY 1   -7  ?   ?   ?   A . n 
A 1 2   ALA 2   -6  ?   ?   ?   A . n 
A 1 3   MET 3   -5  ?   ?   ?   A . n 
A 1 4   GLY 4   -4  ?   ?   ?   A . n 
A 1 5   SER 5   -3  ?   ?   ?   A . n 
A 1 6   GLY 6   -2  ?   ?   ?   A . n 
A 1 7   MET 7   -1  -1  MET MET A . n 
A 1 8   ALA 8   0   0   ALA ALA A . n 
A 1 9   MET 9   1   1   MET MET A . n 
A 1 10  ASP 10  2   2   ASP ASP A . n 
A 1 11  THR 11  3   3   THR THR A . n 
A 1 12  PHE 12  4   4   PHE PHE A . n 
A 1 13  ILE 13  5   5   ILE ILE A . n 
A 1 14  THR 14  6   6   THR THR A . n 
A 1 15  ARG 15  7   7   ARG ARG A . n 
A 1 16  ASN 16  8   8   ASN ASN A . n 
A 1 17  PHE 17  9   9   PHE PHE A . n 
A 1 18  GLN 18  10  10  GLN GLN A . n 
A 1 19  THR 19  11  11  THR THR A . n 
A 1 20  THR 20  12  12  THR THR A . n 
A 1 21  ILE 21  13  13  ILE ILE A . n 
A 1 22  ILE 22  14  14  ILE ILE A . n 
A 1 23  GLN 23  15  15  GLN GLN A . n 
A 1 24  LYS 24  16  16  LYS LYS A . n 
A 1 25  ALA 25  17  17  ALA ALA A . n 
A 1 26  LYS 26  18  18  LYS LYS A . n 
A 1 27  ASN 27  19  19  ASN ASN A . n 
A 1 28  THR 28  20  20  THR THR A . n 
A 1 29  MET 29  21  21  MET MET A . n 
A 1 30  ALA 30  22  22  ALA ALA A . n 
A 1 31  GLU 31  23  23  GLU GLU A . n 
A 1 32  PHE 32  24  24  PHE PHE A . n 
A 1 33  SER 33  25  25  SER SER A . n 
A 1 34  GLU 34  26  26  GLU GLU A . n 
A 1 35  ASP 35  27  27  ASP ASP A . n 
A 1 36  PRO 36  28  28  PRO PRO A . n 
A 1 37  GLU 37  29  29  GLU GLU A . n 
A 1 38  LEU 38  30  30  LEU LEU A . n 
A 1 39  GLN 39  31  31  GLN GLN A . n 
A 1 40  PRO 40  32  32  PRO PRO A . n 
A 1 41  ALA 41  33  33  ALA ALA A . n 
A 1 42  MET 42  34  34  MET MET A . n 
A 1 43  LEU 43  35  35  LEU LEU A . n 
A 1 44  PHE 44  36  36  PHE PHE A . n 
A 1 45  ASN 45  37  37  ASN ASN A . n 
A 1 46  THR 46  38  38  THR THR A . n 
A 1 47  CYS 47  39  39  CYS CYS A . n 
A 1 48  VAL 48  40  40  VAL VAL A . n 
A 1 49  HIS 49  41  41  HIS HIS A . n 
A 1 50  LEU 50  42  42  LEU LEU A . n 
A 1 51  GLU 51  43  43  GLU GLU A . n 
A 1 52  VAL 52  44  44  VAL VAL A . n 
A 1 53  CYS 53  45  45  CYS CYS A . n 
A 1 54  TYR 54  46  46  TYR TYR A . n 
A 1 55  VAL 55  47  47  VAL VAL A . n 
A 1 56  ILE 56  48  48  ILE ILE A . n 
A 1 57  SER 57  49  49  SER SER A . n 
A 1 58  ASP 58  50  50  ASP ASP A . n 
A 1 59  MET 59  51  51  MET MET A . n 
A 1 60  ASN 60  52  52  ASN ASN A . n 
A 1 61  PHE 61  53  53  PHE PHE A . n 
A 1 62  LEU 62  54  54  LEU LEU A . n 
A 1 63  ASP 63  55  55  ASP ASP A . n 
A 1 64  GLU 64  56  56  GLU GLU A . n 
A 1 65  GLU 65  57  57  GLU GLU A . n 
A 1 66  GLY 66  58  58  GLY GLY A . n 
A 1 67  LYS 67  59  59  LYS LYS A . n 
A 1 68  SER 68  60  60  SER SER A . n 
A 1 69  TYR 69  61  61  TYR TYR A . n 
A 1 70  THR 70  62  62  THR THR A . n 
A 1 71  ALA 71  63  ?   ?   ?   A . n 
A 1 72  LEU 72  64  ?   ?   ?   A . n 
A 1 73  GLU 73  65  ?   ?   ?   A . n 
A 1 74  GLY 74  66  ?   ?   ?   A . n 
A 1 75  GLN 75  67  ?   ?   ?   A . n 
A 1 76  GLY 76  68  ?   ?   ?   A . n 
A 1 77  LYS 77  69  ?   ?   ?   A . n 
A 1 78  GLU 78  70  ?   ?   ?   A . n 
A 1 79  GLN 79  71  ?   ?   ?   A . n 
A 1 80  ASN 80  72  ?   ?   ?   A . n 
A 1 81  LEU 81  73  73  LEU LEU A . n 
A 1 82  ARG 82  74  74  ARG ARG A . n 
A 1 83  PRO 83  75  75  PRO PRO A . n 
A 1 84  GLN 84  76  76  GLN GLN A . n 
A 1 85  TYR 85  77  77  TYR TYR A . n 
A 1 86  GLU 86  78  78  GLU GLU A . n 
A 1 87  VAL 87  79  79  VAL VAL A . n 
A 1 88  ILE 88  80  80  ILE ILE A . n 
A 1 89  GLU 89  81  81  GLU GLU A . n 
A 1 90  GLY 90  82  82  GLY GLY A . n 
A 1 91  MET 91  83  83  MET MET A . n 
A 1 92  PRO 92  84  84  PRO PRO A . n 
A 1 93  ARG 93  85  85  ARG ARG A . n 
A 1 94  THR 94  86  86  THR THR A . n 
A 1 95  ILE 95  87  87  ILE ILE A . n 
A 1 96  ALA 96  88  88  ALA ALA A . n 
A 1 97  TRP 97  89  89  TRP TRP A . n 
A 1 98  MET 98  90  90  MET MET A . n 
A 1 99  VAL 99  91  91  VAL VAL A . n 
A 1 100 GLN 100 92  92  GLN GLN A . n 
A 1 101 ARG 101 93  93  ARG ARG A . n 
A 1 102 SER 102 94  94  SER SER A . n 
A 1 103 LEU 103 95  95  LEU LEU A . n 
A 1 104 ALA 104 96  96  ALA ALA A . n 
A 1 105 GLN 105 97  97  GLN GLN A . n 
A 1 106 GLU 106 98  98  GLU GLU A . n 
A 1 107 HIS 107 99  99  HIS HIS A . n 
A 1 108 GLY 108 100 100 GLY GLY A . n 
A 1 109 ILE 109 101 101 ILE ILE A . n 
A 1 110 GLU 110 102 102 GLU GLU A . n 
A 1 111 THR 111 103 103 THR THR A . n 
A 1 112 PRO 112 104 104 PRO PRO A . n 
A 1 113 LYS 113 105 105 LYS LYS A . n 
A 1 114 TYR 114 106 106 TYR TYR A . n 
A 1 115 LEU 115 107 107 LEU LEU A . n 
A 1 116 ALA 116 108 108 ALA ALA A . n 
A 1 117 ASP 117 109 109 ASP ASP A . n 
A 1 118 LEU 118 110 110 LEU LEU A . n 
A 1 119 PHE 119 111 111 PHE PHE A . n 
A 1 120 ASP 120 112 112 ASP ASP A . n 
A 1 121 TYR 121 113 113 TYR TYR A . n 
A 1 122 LYS 122 114 114 LYS LYS A . n 
A 1 123 THR 123 115 115 THR THR A . n 
A 1 124 LYS 124 116 116 LYS LYS A . n 
A 1 125 ARG 125 117 117 ARG ARG A . n 
A 1 126 PHE 126 118 118 PHE PHE A . n 
A 1 127 ILE 127 119 119 ILE ILE A . n 
A 1 128 GLU 128 120 120 GLU GLU A . n 
A 1 129 VAL 129 121 121 VAL VAL A . n 
A 1 130 GLY 130 122 122 GLY GLY A . n 
A 1 131 ILE 131 123 123 ILE ILE A . n 
A 1 132 THR 132 124 124 THR THR A . n 
A 1 133 LYS 133 125 125 LYS LYS A . n 
A 1 134 GLY 134 126 126 GLY GLY A . n 
A 1 135 LEU 135 127 127 LEU LEU A . n 
A 1 136 ALA 136 128 128 ALA ALA A . n 
A 1 137 ASP 137 129 129 ASP ASP A . n 
A 1 138 ASP 138 130 130 ASP ASP A . n 
A 1 139 TYR 139 131 131 TYR TYR A . n 
A 1 140 PHE 140 132 132 PHE PHE A . n 
A 1 141 TRP 141 133 133 TRP TRP A . n 
A 1 142 LYS 142 134 134 LYS LYS A . n 
A 1 143 LYS 143 135 135 LYS LYS A . n 
A 1 144 LYS 144 136 136 LYS LYS A . n 
A 1 145 GLU 145 137 137 GLU GLU A . n 
A 1 146 LYS 146 138 138 LYS LYS A . n 
A 1 147 LEU 147 139 139 LEU LEU A . n 
A 1 148 GLY 148 140 140 GLY GLY A . n 
A 1 149 ASN 149 141 141 ASN ASN A . n 
A 1 150 SER 150 142 142 SER SER A . n 
A 1 151 MET 151 143 143 MET MET A . n 
A 1 152 GLU 152 144 144 GLU GLU A . n 
A 1 153 LEU 153 145 145 LEU LEU A . n 
A 1 154 MET 154 146 146 MET MET A . n 
A 1 155 ILE 155 147 147 ILE ILE A . n 
A 1 156 PHE 156 148 148 PHE PHE A . n 
A 1 157 SER 157 149 149 SER SER A . n 
A 1 158 TYR 158 150 150 TYR TYR A . n 
A 1 159 ASN 159 151 151 ASN ASN A . n 
A 1 160 GLN 160 152 152 GLN GLN A . n 
A 1 161 ASP 161 153 153 ASP ASP A . n 
A 1 162 TYR 162 154 154 TYR TYR A . n 
A 1 163 SER 163 155 155 SER SER A . n 
A 1 164 LEU 164 156 156 LEU LEU A . n 
A 1 165 SER 165 157 157 SER SER A . n 
A 1 166 ASN 166 158 158 ASN ASN A . n 
A 1 167 GLU 167 159 159 GLU GLU A . n 
A 1 168 SER 168 160 160 SER SER A . n 
A 1 169 SER 169 161 161 SER SER A . n 
A 1 170 LEU 170 162 162 LEU LEU A . n 
A 1 171 ASP 171 163 163 ASP ASP A . n 
A 1 172 GLU 172 164 164 GLU GLU A . n 
A 1 173 GLU 173 165 165 GLU GLU A . n 
A 1 174 GLY 174 166 166 GLY GLY A . n 
A 1 175 LYS 175 167 167 LYS LYS A . n 
A 1 176 GLY 176 168 168 GLY GLY A . n 
A 1 177 ARG 177 169 169 ARG ARG A . n 
A 1 178 VAL 178 170 170 VAL VAL A . n 
A 1 179 LEU 179 171 171 LEU LEU A . n 
A 1 180 SER 180 172 172 SER SER A . n 
A 1 181 ARG 181 173 173 ARG ARG A . n 
A 1 182 LEU 182 174 174 LEU LEU A . n 
A 1 183 THR 183 175 175 THR THR A . n 
A 1 184 GLU 184 176 176 GLU GLU A . n 
A 1 185 LEU 185 177 177 LEU LEU A . n 
A 1 186 GLN 186 178 178 GLN GLN A . n 
A 1 187 ALA 187 179 179 ALA ALA A . n 
A 1 188 GLU 188 180 180 GLU GLU A . n 
A 1 189 LEU 189 181 181 LEU LEU A . n 
A 1 190 SER 190 182 182 SER SER A . n 
A 1 191 LEU 191 183 183 LEU LEU A . n 
A 1 192 LYS 192 184 184 LYS LYS A . n 
A 1 193 ASN 193 185 185 ASN ASN A . n 
A 1 194 LEU 194 186 186 LEU LEU A . n 
A 1 195 TRP 195 187 187 TRP TRP A . n 
A 1 196 GLN 196 188 188 GLN GLN A . n 
A 1 197 VAL 197 189 189 VAL VAL A . n 
A 1 198 LEU 198 190 190 LEU LEU A . n 
A 1 199 ILE 199 191 191 ILE ILE A . n 
A 1 200 GLY 200 192 ?   ?   ?   A . n 
A 1 201 GLU 201 193 ?   ?   ?   A . n 
A 1 202 GLU 202 194 ?   ?   ?   A . n 
A 1 203 ASP 203 195 ?   ?   ?   A . n 
A 1 204 VAL 204 196 ?   ?   ?   A . n 
A 1 205 GLU 205 197 ?   ?   ?   A . n 
# 
loop_
_pdbx_nonpoly_scheme.asym_id 
_pdbx_nonpoly_scheme.entity_id 
_pdbx_nonpoly_scheme.mon_id 
_pdbx_nonpoly_scheme.ndb_seq_num 
_pdbx_nonpoly_scheme.pdb_seq_num 
_pdbx_nonpoly_scheme.auth_seq_num 
_pdbx_nonpoly_scheme.pdb_mon_id 
_pdbx_nonpoly_scheme.auth_mon_id 
_pdbx_nonpoly_scheme.pdb_strand_id 
_pdbx_nonpoly_scheme.pdb_ins_code 
B 2 MN  1 201 1195 MN  MN  A . 
C 2 MN  1 202 1196 MN  MN  A . 
D 3 E4Z 1 203 200  E4Z S47 A . 
E 4 CL  1 204 1    CL  CL  A . 
F 4 CL  1 205 1    CL  CL  A . 
G 5 HOH 1 301 1    HOH HOH A . 
G 5 HOH 2 302 4    HOH HOH A . 
G 5 HOH 3 303 10   HOH HOH A . 
G 5 HOH 4 304 9    HOH HOH A . 
G 5 HOH 5 305 5    HOH HOH A . 
G 5 HOH 6 306 3    HOH HOH A . 
G 5 HOH 7 307 11   HOH HOH A . 
G 5 HOH 8 308 17   HOH HOH A . 
# 
loop_
_software.citation_id 
_software.classification 
_software.compiler_name 
_software.compiler_version 
_software.contact_author 
_software.contact_author_email 
_software.date 
_software.description 
_software.dependencies 
_software.hardware 
_software.language 
_software.location 
_software.mods 
_software.name 
_software.os 
_software.os_version 
_software.type 
_software.version 
_software.pdbx_ordinal 
? refinement       ? ? ? ? ? ? ? ? ? ? ? REFMAC ? ? ? 5.8.0189 1 
? 'data reduction' ? ? ? ? ? ? ? ? ? ? ? XDS    ? ? ? .        2 
? 'data scaling'   ? ? ? ? ? ? ? ? ? ? ? XSCALE ? ? ? .        3 
? phasing          ? ? ? ? ? ? ? ? ? ? ? PHASER ? ? ? .        4 
# 
_cell.angle_alpha                  90.00 
_cell.angle_alpha_esd              ? 
_cell.angle_beta                   90.00 
_cell.angle_beta_esd               ? 
_cell.angle_gamma                  90.00 
_cell.angle_gamma_esd              ? 
_cell.entry_id                     6FS9 
_cell.details                      ? 
_cell.formula_units_Z              ? 
_cell.length_a                     63.710 
_cell.length_a_esd                 ? 
_cell.length_b                     63.710 
_cell.length_b_esd                 ? 
_cell.length_c                     125.410 
_cell.length_c_esd                 ? 
_cell.volume                       ? 
_cell.volume_esd                   ? 
_cell.Z_PDB                        8 
_cell.reciprocal_angle_alpha       ? 
_cell.reciprocal_angle_beta        ? 
_cell.reciprocal_angle_gamma       ? 
_cell.reciprocal_angle_alpha_esd   ? 
_cell.reciprocal_angle_beta_esd    ? 
_cell.reciprocal_angle_gamma_esd   ? 
_cell.reciprocal_length_a          ? 
_cell.reciprocal_length_b          ? 
_cell.reciprocal_length_c          ? 
_cell.reciprocal_length_a_esd      ? 
_cell.reciprocal_length_b_esd      ? 
_cell.reciprocal_length_c_esd      ? 
_cell.pdbx_unique_axis             ? 
# 
_symmetry.entry_id                         6FS9 
_symmetry.cell_setting                     ? 
_symmetry.Int_Tables_number                80 
_symmetry.space_group_name_Hall            ? 
_symmetry.space_group_name_H-M             'I 41' 
_symmetry.pdbx_full_space_group_name_H-M   ? 
# 
_exptl.absorpt_coefficient_mu     ? 
_exptl.absorpt_correction_T_max   ? 
_exptl.absorpt_correction_T_min   ? 
_exptl.absorpt_correction_type    ? 
_exptl.absorpt_process_details    ? 
_exptl.entry_id                   6FS9 
_exptl.crystals_number            1 
_exptl.details                    ? 
_exptl.method                     'X-RAY DIFFRACTION' 
_exptl.method_details             ? 
# 
_exptl_crystal.colour                      ? 
_exptl_crystal.density_diffrn              ? 
_exptl_crystal.density_Matthews            2.71 
_exptl_crystal.density_method              ? 
_exptl_crystal.density_percent_sol         54.56 
_exptl_crystal.description                 ? 
_exptl_crystal.F_000                       ? 
_exptl_crystal.id                          1 
_exptl_crystal.preparation                 ? 
_exptl_crystal.size_max                    ? 
_exptl_crystal.size_mid                    ? 
_exptl_crystal.size_min                    ? 
_exptl_crystal.size_rad                    ? 
_exptl_crystal.colour_lustre               ? 
_exptl_crystal.colour_modifier             ? 
_exptl_crystal.colour_primary              ? 
_exptl_crystal.density_meas                ? 
_exptl_crystal.density_meas_esd            ? 
_exptl_crystal.density_meas_gt             ? 
_exptl_crystal.density_meas_lt             ? 
_exptl_crystal.density_meas_temp           ? 
_exptl_crystal.density_meas_temp_esd       ? 
_exptl_crystal.density_meas_temp_gt        ? 
_exptl_crystal.density_meas_temp_lt        ? 
_exptl_crystal.pdbx_crystal_image_url      ? 
_exptl_crystal.pdbx_crystal_image_format   ? 
_exptl_crystal.pdbx_mosaicity              ? 
_exptl_crystal.pdbx_mosaicity_esd          ? 
# 
_exptl_crystal_grow.apparatus       ? 
_exptl_crystal_grow.atmosphere      ? 
_exptl_crystal_grow.crystal_id      1 
_exptl_crystal_grow.details         ? 
_exptl_crystal_grow.method          'VAPOR DIFFUSION, SITTING DROP' 
_exptl_crystal_grow.method_ref      ? 
_exptl_crystal_grow.pH              ? 
_exptl_crystal_grow.pressure        ? 
_exptl_crystal_grow.pressure_esd    ? 
_exptl_crystal_grow.seeding         ? 
_exptl_crystal_grow.seeding_ref     ? 
_exptl_crystal_grow.temp            293 
_exptl_crystal_grow.temp_details    ? 
_exptl_crystal_grow.temp_esd        ? 
_exptl_crystal_grow.time            ? 
_exptl_crystal_grow.pdbx_details    
;Protein, at 15-17 mg/ml, was incubated with 10-fold molar excess of BXA for 30 min at RT, mixtures were centrifuged at RT for 5 minutes at 12000 g, and soluble fraction was used for crystallization trials (final protein concentration 8-10 mg/ml).
Mother liquor was 0.2 M CaCl2, 0.1 M MES pH 6.0, 20% (w/v) PEG6000
;
_exptl_crystal_grow.pdbx_pH_range   ? 
# 
_diffrn.ambient_environment    ? 
_diffrn.ambient_temp           100 
_diffrn.ambient_temp_details   ? 
_diffrn.ambient_temp_esd       ? 
_diffrn.crystal_id             1 
_diffrn.crystal_support        ? 
_diffrn.crystal_treatment      ? 
_diffrn.details                ? 
_diffrn.id                     1 
_diffrn.ambient_pressure       ? 
_diffrn.ambient_pressure_esd   ? 
_diffrn.ambient_pressure_gt    ? 
_diffrn.ambient_pressure_lt    ? 
_diffrn.ambient_temp_gt        ? 
_diffrn.ambient_temp_lt        ? 
# 
_diffrn_detector.details                      ? 
_diffrn_detector.detector                     PIXEL 
_diffrn_detector.diffrn_id                    1 
_diffrn_detector.type                         'DECTRIS PILATUS3 2M' 
_diffrn_detector.area_resol_mean              ? 
_diffrn_detector.dtime                        ? 
_diffrn_detector.pdbx_frames_total            ? 
_diffrn_detector.pdbx_collection_time_total   ? 
_diffrn_detector.pdbx_collection_date         2017-10-18 
# 
_diffrn_radiation.collimation                      ? 
_diffrn_radiation.diffrn_id                        1 
_diffrn_radiation.filter_edge                      ? 
_diffrn_radiation.inhomogeneity                    ? 
_diffrn_radiation.monochromator                    ? 
_diffrn_radiation.polarisn_norm                    ? 
_diffrn_radiation.polarisn_ratio                   ? 
_diffrn_radiation.probe                            ? 
_diffrn_radiation.type                             ? 
_diffrn_radiation.xray_symbol                      ? 
_diffrn_radiation.wavelength_id                    1 
_diffrn_radiation.pdbx_monochromatic_or_laue_m_l   M 
_diffrn_radiation.pdbx_wavelength_list             ? 
_diffrn_radiation.pdbx_wavelength                  ? 
_diffrn_radiation.pdbx_diffrn_protocol             'SINGLE WAVELENGTH' 
_diffrn_radiation.pdbx_analyzer                    ? 
_diffrn_radiation.pdbx_scattering_type             x-ray 
# 
_diffrn_radiation_wavelength.id           1 
_diffrn_radiation_wavelength.wavelength   0.966 
_diffrn_radiation_wavelength.wt           1.0 
# 
_diffrn_source.current                     ? 
_diffrn_source.details                     ? 
_diffrn_source.diffrn_id                   1 
_diffrn_source.power                       ? 
_diffrn_source.size                        ? 
_diffrn_source.source                      SYNCHROTRON 
_diffrn_source.target                      ? 
_diffrn_source.type                        'ESRF BEAMLINE MASSIF-1' 
_diffrn_source.voltage                     ? 
_diffrn_source.take-off_angle              ? 
_diffrn_source.pdbx_wavelength_list        0.966 
_diffrn_source.pdbx_wavelength             ? 
_diffrn_source.pdbx_synchrotron_beamline   MASSIF-1 
_diffrn_source.pdbx_synchrotron_site       ESRF 
# 
_reflns.B_iso_Wilson_estimate            ? 
_reflns.entry_id                         6FS9 
_reflns.data_reduction_details           ? 
_reflns.data_reduction_method            ? 
_reflns.d_resolution_high                2.28 
_reflns.d_resolution_low                 56.8 
_reflns.details                          ? 
_reflns.limit_h_max                      ? 
_reflns.limit_h_min                      ? 
_reflns.limit_k_max                      ? 
_reflns.limit_k_min                      ? 
_reflns.limit_l_max                      ? 
_reflns.limit_l_min                      ? 
_reflns.number_all                       ? 
_reflns.number_obs                       10663 
_reflns.observed_criterion               ? 
_reflns.observed_criterion_F_max         ? 
_reflns.observed_criterion_F_min         ? 
_reflns.observed_criterion_I_max         ? 
_reflns.observed_criterion_I_min         ? 
_reflns.observed_criterion_sigma_F       ? 
_reflns.observed_criterion_sigma_I       ? 
_reflns.percent_possible_obs             93.5 
_reflns.R_free_details                   ? 
_reflns.Rmerge_F_all                     ? 
_reflns.Rmerge_F_obs                     ? 
_reflns.Friedel_coverage                 ? 
_reflns.number_gt                        ? 
_reflns.threshold_expression             ? 
_reflns.pdbx_redundancy                  4.4 
_reflns.pdbx_Rmerge_I_obs                ? 
_reflns.pdbx_Rmerge_I_all                ? 
_reflns.pdbx_Rsym_value                  0.044 
_reflns.pdbx_netI_over_av_sigmaI         ? 
_reflns.pdbx_netI_over_sigmaI            16.1 
_reflns.pdbx_res_netI_over_av_sigmaI_2   ? 
_reflns.pdbx_res_netI_over_sigmaI_2      ? 
_reflns.pdbx_chi_squared                 ? 
_reflns.pdbx_scaling_rejects             ? 
_reflns.pdbx_d_res_high_opt              ? 
_reflns.pdbx_d_res_low_opt               ? 
_reflns.pdbx_d_res_opt_method            ? 
_reflns.phase_calculation_details        ? 
_reflns.pdbx_Rrim_I_all                  ? 
_reflns.pdbx_Rpim_I_all                  ? 
_reflns.pdbx_d_opt                       ? 
_reflns.pdbx_number_measured_all         ? 
_reflns.pdbx_diffrn_id                   1 
_reflns.pdbx_ordinal                     1 
_reflns.pdbx_CC_half                     0.999 
_reflns.pdbx_R_split                     ? 
# 
_reflns_shell.d_res_high                  2.28 
_reflns_shell.d_res_low                   2.34 
_reflns_shell.meanI_over_sigI_all         ? 
_reflns_shell.meanI_over_sigI_obs         2.37 
_reflns_shell.number_measured_all         ? 
_reflns_shell.number_measured_obs         ? 
_reflns_shell.number_possible             ? 
_reflns_shell.number_unique_all           ? 
_reflns_shell.number_unique_obs           ? 
_reflns_shell.percent_possible_all        ? 
_reflns_shell.percent_possible_obs        ? 
_reflns_shell.Rmerge_F_all                ? 
_reflns_shell.Rmerge_F_obs                ? 
_reflns_shell.Rmerge_I_all                ? 
_reflns_shell.Rmerge_I_obs                ? 
_reflns_shell.meanI_over_sigI_gt          ? 
_reflns_shell.meanI_over_uI_all           ? 
_reflns_shell.meanI_over_uI_gt            ? 
_reflns_shell.number_measured_gt          ? 
_reflns_shell.number_unique_gt            ? 
_reflns_shell.percent_possible_gt         ? 
_reflns_shell.Rmerge_F_gt                 ? 
_reflns_shell.Rmerge_I_gt                 ? 
_reflns_shell.pdbx_redundancy             ? 
_reflns_shell.pdbx_Rsym_value             0.561 
_reflns_shell.pdbx_chi_squared            ? 
_reflns_shell.pdbx_netI_over_sigmaI_all   ? 
_reflns_shell.pdbx_netI_over_sigmaI_obs   ? 
_reflns_shell.pdbx_Rrim_I_all             ? 
_reflns_shell.pdbx_Rpim_I_all             ? 
_reflns_shell.pdbx_rejects                ? 
_reflns_shell.pdbx_ordinal                1 
_reflns_shell.pdbx_diffrn_id              1 
_reflns_shell.pdbx_CC_half                0.899 
_reflns_shell.pdbx_R_split                ? 
# 
_refine.aniso_B[1][1]                            2.55 
_refine.aniso_B[1][2]                            -0.00 
_refine.aniso_B[1][3]                            -0.00 
_refine.aniso_B[2][2]                            2.55 
_refine.aniso_B[2][3]                            -0.00 
_refine.aniso_B[3][3]                            -5.10 
_refine.B_iso_max                                ? 
_refine.B_iso_mean                               62.623 
_refine.B_iso_min                                ? 
_refine.correlation_coeff_Fo_to_Fc               0.969 
_refine.correlation_coeff_Fo_to_Fc_free          0.944 
_refine.details                                  'HYDROGENS HAVE BEEN ADDED IN THE RIDING POSITIONS' 
_refine.diff_density_max                         ? 
_refine.diff_density_max_esd                     ? 
_refine.diff_density_min                         ? 
_refine.diff_density_min_esd                     ? 
_refine.diff_density_rms                         ? 
_refine.diff_density_rms_esd                     ? 
_refine.entry_id                                 6FS9 
_refine.pdbx_refine_id                           'X-RAY DIFFRACTION' 
_refine.ls_abs_structure_details                 ? 
_refine.ls_abs_structure_Flack                   ? 
_refine.ls_abs_structure_Flack_esd               ? 
_refine.ls_abs_structure_Rogers                  ? 
_refine.ls_abs_structure_Rogers_esd              ? 
_refine.ls_d_res_high                            2.28 
_refine.ls_d_res_low                             56.80 
_refine.ls_extinction_coef                       ? 
_refine.ls_extinction_coef_esd                   ? 
_refine.ls_extinction_expression                 ? 
_refine.ls_extinction_method                     ? 
_refine.ls_goodness_of_fit_all                   ? 
_refine.ls_goodness_of_fit_all_esd               ? 
_refine.ls_goodness_of_fit_obs                   ? 
_refine.ls_goodness_of_fit_obs_esd               ? 
_refine.ls_hydrogen_treatment                    ? 
_refine.ls_matrix_type                           ? 
_refine.ls_number_constraints                    ? 
_refine.ls_number_parameters                     ? 
_refine.ls_number_reflns_all                     ? 
_refine.ls_number_reflns_obs                     10147 
_refine.ls_number_reflns_R_free                  516 
_refine.ls_number_reflns_R_work                  ? 
_refine.ls_number_restraints                     ? 
_refine.ls_percent_reflns_obs                    93.44 
_refine.ls_percent_reflns_R_free                 4.8 
_refine.ls_R_factor_all                          ? 
_refine.ls_R_factor_obs                          0.18177 
_refine.ls_R_factor_R_free                       0.23541 
_refine.ls_R_factor_R_free_error                 ? 
_refine.ls_R_factor_R_free_error_details         ? 
_refine.ls_R_factor_R_work                       0.17911 
_refine.ls_R_Fsqd_factor_obs                     ? 
_refine.ls_R_I_factor_obs                        ? 
_refine.ls_redundancy_reflns_all                 ? 
_refine.ls_redundancy_reflns_obs                 ? 
_refine.ls_restrained_S_all                      ? 
_refine.ls_restrained_S_obs                      ? 
_refine.ls_shift_over_esd_max                    ? 
_refine.ls_shift_over_esd_mean                   ? 
_refine.ls_structure_factor_coef                 ? 
_refine.ls_weighting_details                     ? 
_refine.ls_weighting_scheme                      ? 
_refine.ls_wR_factor_all                         ? 
_refine.ls_wR_factor_obs                         ? 
_refine.ls_wR_factor_R_free                      ? 
_refine.ls_wR_factor_R_work                      ? 
_refine.occupancy_max                            ? 
_refine.occupancy_min                            ? 
_refine.solvent_model_details                    ? 
_refine.solvent_model_param_bsol                 ? 
_refine.solvent_model_param_ksol                 ? 
_refine.ls_R_factor_gt                           ? 
_refine.ls_goodness_of_fit_gt                    ? 
_refine.ls_goodness_of_fit_ref                   ? 
_refine.ls_shift_over_su_max                     ? 
_refine.ls_shift_over_su_max_lt                  ? 
_refine.ls_shift_over_su_mean                    ? 
_refine.ls_shift_over_su_mean_lt                 ? 
_refine.pdbx_ls_sigma_I                          ? 
_refine.pdbx_ls_sigma_F                          ? 
_refine.pdbx_ls_sigma_Fsqd                       ? 
_refine.pdbx_data_cutoff_high_absF               ? 
_refine.pdbx_data_cutoff_high_rms_absF           ? 
_refine.pdbx_data_cutoff_low_absF                ? 
_refine.pdbx_isotropic_thermal_model             ? 
_refine.pdbx_ls_cross_valid_method               THROUGHOUT 
_refine.pdbx_method_to_determine_struct          'MOLECULAR REPLACEMENT' 
_refine.pdbx_starting_model                      PDB:5FML 
_refine.pdbx_stereochemistry_target_values       ? 
_refine.pdbx_R_Free_selection_details            RANDOM 
_refine.pdbx_stereochem_target_val_spec_case     ? 
_refine.pdbx_overall_ESU_R                       0.262 
_refine.pdbx_overall_ESU_R_Free                  0.217 
_refine.pdbx_solvent_vdw_probe_radii             1.20 
_refine.pdbx_solvent_ion_probe_radii             0.80 
_refine.pdbx_solvent_shrinkage_radii             0.80 
_refine.pdbx_real_space_R                        ? 
_refine.pdbx_density_correlation                 ? 
_refine.pdbx_pd_number_of_powder_patterns        ? 
_refine.pdbx_pd_number_of_points                 ? 
_refine.pdbx_pd_meas_number_of_points            ? 
_refine.pdbx_pd_proc_ls_prof_R_factor            ? 
_refine.pdbx_pd_proc_ls_prof_wR_factor           ? 
_refine.pdbx_pd_Marquardt_correlation_coeff      ? 
_refine.pdbx_pd_Fsqrd_R_factor                   ? 
_refine.pdbx_pd_ls_matrix_band_width             ? 
_refine.pdbx_overall_phase_error                 ? 
_refine.pdbx_overall_SU_R_free_Cruickshank_DPI   ? 
_refine.pdbx_overall_SU_R_free_Blow_DPI          ? 
_refine.pdbx_overall_SU_R_Blow_DPI               ? 
_refine.pdbx_TLS_residual_ADP_flag               ? 
_refine.pdbx_diffrn_id                           1 
_refine.overall_SU_B                             7.359 
_refine.overall_SU_ML                            0.172 
_refine.overall_SU_R_Cruickshank_DPI             ? 
_refine.overall_SU_R_free                        ? 
_refine.overall_FOM_free_R_set                   ? 
_refine.overall_FOM_work_R_set                   ? 
_refine.pdbx_average_fsc_overall                 ? 
_refine.pdbx_average_fsc_work                    ? 
_refine.pdbx_average_fsc_free                    ? 
# 
_refine_hist.pdbx_refine_id                   'X-RAY DIFFRACTION' 
_refine_hist.cycle_id                         1 
_refine_hist.pdbx_number_atoms_protein        1494 
_refine_hist.pdbx_number_atoms_nucleic_acid   0 
_refine_hist.pdbx_number_atoms_ligand         38 
_refine_hist.number_atoms_solvent             8 
_refine_hist.number_atoms_total               1540 
_refine_hist.d_res_high                       2.28 
_refine_hist.d_res_low                        56.80 
# 
loop_
_refine_ls_restr.pdbx_refine_id 
_refine_ls_restr.criterion 
_refine_ls_restr.dev_ideal 
_refine_ls_restr.dev_ideal_target 
_refine_ls_restr.number 
_refine_ls_restr.rejects 
_refine_ls_restr.type 
_refine_ls_restr.weight 
_refine_ls_restr.pdbx_restraint_function 
'X-RAY DIFFRACTION' ? 0.016  0.020  1549 ? r_bond_refined_d             ? ? 
'X-RAY DIFFRACTION' ? 0.002  0.020  1417 ? r_bond_other_d               ? ? 
'X-RAY DIFFRACTION' ? 1.824  1.994  2094 ? r_angle_refined_deg          ? ? 
'X-RAY DIFFRACTION' ? 1.064  3.000  3299 ? r_angle_other_deg            ? ? 
'X-RAY DIFFRACTION' ? 6.181  5.000  180  ? r_dihedral_angle_1_deg       ? ? 
'X-RAY DIFFRACTION' ? 40.617 25.068 73   ? r_dihedral_angle_2_deg       ? ? 
'X-RAY DIFFRACTION' ? 17.695 15.000 285  ? r_dihedral_angle_3_deg       ? ? 
'X-RAY DIFFRACTION' ? 22.890 15.000 7    ? r_dihedral_angle_4_deg       ? ? 
'X-RAY DIFFRACTION' ? 0.104  0.200  228  ? r_chiral_restr               ? ? 
'X-RAY DIFFRACTION' ? 0.009  0.020  1681 ? r_gen_planes_refined         ? ? 
'X-RAY DIFFRACTION' ? 0.002  0.020  310  ? r_gen_planes_other           ? ? 
'X-RAY DIFFRACTION' ? ?      ?      ?    ? r_nbd_refined                ? ? 
'X-RAY DIFFRACTION' ? ?      ?      ?    ? r_nbd_other                  ? ? 
'X-RAY DIFFRACTION' ? ?      ?      ?    ? r_nbtor_refined              ? ? 
'X-RAY DIFFRACTION' ? ?      ?      ?    ? r_nbtor_other                ? ? 
'X-RAY DIFFRACTION' ? ?      ?      ?    ? r_xyhbond_nbd_refined        ? ? 
'X-RAY DIFFRACTION' ? ?      ?      ?    ? r_xyhbond_nbd_other          ? ? 
'X-RAY DIFFRACTION' ? ?      ?      ?    ? r_metal_ion_refined          ? ? 
'X-RAY DIFFRACTION' ? ?      ?      ?    ? r_metal_ion_other            ? ? 
'X-RAY DIFFRACTION' ? ?      ?      ?    ? r_symmetry_vdw_refined       ? ? 
'X-RAY DIFFRACTION' ? ?      ?      ?    ? r_symmetry_vdw_other         ? ? 
'X-RAY DIFFRACTION' ? ?      ?      ?    ? r_symmetry_hbond_refined     ? ? 
'X-RAY DIFFRACTION' ? ?      ?      ?    ? r_symmetry_hbond_other       ? ? 
'X-RAY DIFFRACTION' ? ?      ?      ?    ? r_symmetry_metal_ion_refined ? ? 
'X-RAY DIFFRACTION' ? ?      ?      ?    ? r_symmetry_metal_ion_other   ? ? 
'X-RAY DIFFRACTION' ? 5.464  6.038  726  ? r_mcbond_it                  ? ? 
'X-RAY DIFFRACTION' ? 5.449  6.038  725  ? r_mcbond_other               ? ? 
'X-RAY DIFFRACTION' ? 7.342  9.038  904  ? r_mcangle_it                 ? ? 
'X-RAY DIFFRACTION' ? 7.343  9.039  905  ? r_mcangle_other              ? ? 
'X-RAY DIFFRACTION' ? 6.599  6.614  823  ? r_scbond_it                  ? ? 
'X-RAY DIFFRACTION' ? 6.595  6.612  824  ? r_scbond_other               ? ? 
'X-RAY DIFFRACTION' ? ?      ?      ?    ? r_scangle_it                 ? ? 
'X-RAY DIFFRACTION' ? 9.530  9.657  1191 ? r_scangle_other              ? ? 
'X-RAY DIFFRACTION' ? 11.299 67.278 1716 ? r_long_range_B_refined       ? ? 
'X-RAY DIFFRACTION' ? 11.297 67.280 1717 ? r_long_range_B_other         ? ? 
'X-RAY DIFFRACTION' ? ?      ?      ?    ? r_rigid_bond_restr           ? ? 
'X-RAY DIFFRACTION' ? ?      ?      ?    ? r_sphericity_free            ? ? 
'X-RAY DIFFRACTION' ? ?      ?      ?    ? r_sphericity_bonded          ? ? 
# 
_refine_ls_shell.pdbx_refine_id                   'X-RAY DIFFRACTION' 
_refine_ls_shell.d_res_high                       2.279 
_refine_ls_shell.d_res_low                        2.338 
_refine_ls_shell.number_reflns_all                ? 
_refine_ls_shell.number_reflns_obs                ? 
_refine_ls_shell.number_reflns_R_free             35 
_refine_ls_shell.number_reflns_R_work             794 
_refine_ls_shell.percent_reflns_obs               99.76 
_refine_ls_shell.percent_reflns_R_free            ? 
_refine_ls_shell.R_factor_all                     ? 
_refine_ls_shell.R_factor_obs                     ? 
_refine_ls_shell.R_factor_R_free                  0.372 
_refine_ls_shell.R_factor_R_free_error            ? 
_refine_ls_shell.R_factor_R_work                  0.272 
_refine_ls_shell.redundancy_reflns_all            ? 
_refine_ls_shell.redundancy_reflns_obs            ? 
_refine_ls_shell.wR_factor_all                    ? 
_refine_ls_shell.wR_factor_obs                    ? 
_refine_ls_shell.wR_factor_R_free                 ? 
_refine_ls_shell.wR_factor_R_work                 ? 
_refine_ls_shell.pdbx_total_number_of_bins_used   20 
_refine_ls_shell.pdbx_phase_error                 ? 
_refine_ls_shell.pdbx_fsc_work                    ? 
_refine_ls_shell.pdbx_fsc_free                    ? 
# 
_struct.entry_id                     6FS9 
_struct.title                        
'Influenza B/Memphis/13/03 endonuclease with I38T mutation with bound inhibitor, baloxavir acid (BXA)' 
_struct.pdbx_model_details           ? 
_struct.pdbx_formula_weight          ? 
_struct.pdbx_formula_weight_method   ? 
_struct.pdbx_model_type_details      ? 
_struct.pdbx_CASP_flag               N 
# 
_struct_keywords.entry_id        6FS9 
_struct_keywords.text            'Influenza polymerase, endonuclease, inhibitor, VIRAL PROTEIN' 
_struct_keywords.pdbx_keywords   'VIRAL PROTEIN' 
# 
loop_
_struct_asym.id 
_struct_asym.pdbx_blank_PDB_chainid_flag 
_struct_asym.pdbx_modified 
_struct_asym.entity_id 
_struct_asym.details 
A N N 1 ? 
B N N 2 ? 
C N N 2 ? 
D N N 3 ? 
E N N 4 ? 
F N N 4 ? 
G N N 5 ? 
# 
_struct_ref.id                         1 
_struct_ref.db_name                    UNP 
_struct_ref.db_code                    Q5V8Z9_9INFB 
_struct_ref.pdbx_db_accession          Q5V8Z9 
_struct_ref.pdbx_db_isoform            ? 
_struct_ref.entity_id                  1 
_struct_ref.pdbx_seq_one_letter_code   
;MDTFITRNFQTTIIQKAKNTMAEFSEDPELQPAMLFNICVHLEVCYVISDMNFLDEEGKAYTALEGQGKEQNLRPQYEVI
EGMPRTIAWMVQRSLAQEHGIETPKYLADLFDYKTKRFIEVGITKGLADDYFWKKKEKLGNSMELMIFSYNQDYSLSNES
SLDEEGKGRVLSRLTELQAELSLKNLWQVLIGEEDVE
;
_struct_ref.pdbx_align_begin           1 
# 
_struct_ref_seq.align_id                      1 
_struct_ref_seq.ref_id                        1 
_struct_ref_seq.pdbx_PDB_id_code              6FS9 
_struct_ref_seq.pdbx_strand_id                A 
_struct_ref_seq.seq_align_beg                 9 
_struct_ref_seq.pdbx_seq_align_beg_ins_code   ? 
_struct_ref_seq.seq_align_end                 205 
_struct_ref_seq.pdbx_seq_align_end_ins_code   ? 
_struct_ref_seq.pdbx_db_accession             Q5V8Z9 
_struct_ref_seq.db_align_beg                  1 
_struct_ref_seq.pdbx_db_align_beg_ins_code    ? 
_struct_ref_seq.db_align_end                  197 
_struct_ref_seq.pdbx_db_align_end_ins_code    ? 
_struct_ref_seq.pdbx_auth_seq_align_beg       1 
_struct_ref_seq.pdbx_auth_seq_align_end       197 
# 
loop_
_struct_ref_seq_dif.align_id 
_struct_ref_seq_dif.pdbx_pdb_id_code 
_struct_ref_seq_dif.mon_id 
_struct_ref_seq_dif.pdbx_pdb_strand_id 
_struct_ref_seq_dif.seq_num 
_struct_ref_seq_dif.pdbx_pdb_ins_code 
_struct_ref_seq_dif.pdbx_seq_db_name 
_struct_ref_seq_dif.pdbx_seq_db_accession_code 
_struct_ref_seq_dif.db_mon_id 
_struct_ref_seq_dif.pdbx_seq_db_seq_num 
_struct_ref_seq_dif.details 
_struct_ref_seq_dif.pdbx_auth_seq_num 
_struct_ref_seq_dif.pdbx_ordinal 
1 6FS9 GLY A 1  ? UNP Q5V8Z9 ?   ?  'expression tag'      -7 1  
1 6FS9 ALA A 2  ? UNP Q5V8Z9 ?   ?  'expression tag'      -6 2  
1 6FS9 MET A 3  ? UNP Q5V8Z9 ?   ?  'expression tag'      -5 3  
1 6FS9 GLY A 4  ? UNP Q5V8Z9 ?   ?  'expression tag'      -4 4  
1 6FS9 SER A 5  ? UNP Q5V8Z9 ?   ?  'expression tag'      -3 5  
1 6FS9 GLY A 6  ? UNP Q5V8Z9 ?   ?  'expression tag'      -2 6  
1 6FS9 MET A 7  ? UNP Q5V8Z9 ?   ?  'expression tag'      -1 7  
1 6FS9 ALA A 8  ? UNP Q5V8Z9 ?   ?  'expression tag'      0  8  
1 6FS9 THR A 46 ? UNP Q5V8Z9 ILE 38 'engineered mutation' 38 9  
1 6FS9 SER A 68 ? UNP Q5V8Z9 ALA 60 conflict              60 10 
# 
_pdbx_struct_assembly.id                   1 
_pdbx_struct_assembly.details              author_and_software_defined_assembly 
_pdbx_struct_assembly.method_details       PISA 
_pdbx_struct_assembly.oligomeric_details   monomeric 
_pdbx_struct_assembly.oligomeric_count     1 
# 
loop_
_pdbx_struct_assembly_prop.biol_id 
_pdbx_struct_assembly_prop.type 
_pdbx_struct_assembly_prop.value 
_pdbx_struct_assembly_prop.details 
1 'ABSA (A^2)' 370   ? 
1 MORE         -20   ? 
1 'SSA (A^2)'  10050 ? 
# 
_pdbx_struct_assembly_gen.assembly_id       1 
_pdbx_struct_assembly_gen.oper_expression   1 
_pdbx_struct_assembly_gen.asym_id_list      A,B,C,D,E,F,G 
# 
_pdbx_struct_assembly_auth_evidence.id                     1 
_pdbx_struct_assembly_auth_evidence.assembly_id            1 
_pdbx_struct_assembly_auth_evidence.experimental_support   'gel filtration' 
_pdbx_struct_assembly_auth_evidence.details                ? 
# 
_pdbx_struct_oper_list.id                   1 
_pdbx_struct_oper_list.type                 'identity operation' 
_pdbx_struct_oper_list.name                 1_555 
_pdbx_struct_oper_list.symmetry_operation   x,y,z 
_pdbx_struct_oper_list.matrix[1][1]         1.0000000000 
_pdbx_struct_oper_list.matrix[1][2]         0.0000000000 
_pdbx_struct_oper_list.matrix[1][3]         0.0000000000 
_pdbx_struct_oper_list.vector[1]            0.0000000000 
_pdbx_struct_oper_list.matrix[2][1]         0.0000000000 
_pdbx_struct_oper_list.matrix[2][2]         1.0000000000 
_pdbx_struct_oper_list.matrix[2][3]         0.0000000000 
_pdbx_struct_oper_list.vector[2]            0.0000000000 
_pdbx_struct_oper_list.matrix[3][1]         0.0000000000 
_pdbx_struct_oper_list.matrix[3][2]         0.0000000000 
_pdbx_struct_oper_list.matrix[3][3]         1.0000000000 
_pdbx_struct_oper_list.vector[3]            0.0000000000 
# 
loop_
_struct_conf.conf_type_id 
_struct_conf.id 
_struct_conf.pdbx_PDB_helix_id 
_struct_conf.beg_label_comp_id 
_struct_conf.beg_label_asym_id 
_struct_conf.beg_label_seq_id 
_struct_conf.pdbx_beg_PDB_ins_code 
_struct_conf.end_label_comp_id 
_struct_conf.end_label_asym_id 
_struct_conf.end_label_seq_id 
_struct_conf.pdbx_end_PDB_ins_code 
_struct_conf.beg_auth_comp_id 
_struct_conf.beg_auth_asym_id 
_struct_conf.beg_auth_seq_id 
_struct_conf.end_auth_comp_id 
_struct_conf.end_auth_asym_id 
_struct_conf.end_auth_seq_id 
_struct_conf.pdbx_PDB_helix_class 
_struct_conf.details 
_struct_conf.pdbx_PDB_helix_length 
HELX_P HELX_P1 AA1 ALA A 8   ? PHE A 17  ? ALA A 0   PHE A 9   1 ? 10 
HELX_P HELX_P2 AA2 GLN A 18  ? PHE A 32  ? GLN A 10  PHE A 24  1 ? 15 
HELX_P HELX_P3 AA3 GLN A 39  ? ASP A 58  ? GLN A 31  ASP A 50  1 ? 20 
HELX_P HELX_P4 AA4 PRO A 92  ? HIS A 107 ? PRO A 84  HIS A 99  1 ? 16 
HELX_P HELX_P5 AA5 LEU A 135 ? GLY A 148 ? LEU A 127 GLY A 140 1 ? 14 
HELX_P HELX_P6 AA6 ASP A 171 ? LYS A 192 ? ASP A 163 LYS A 184 1 ? 22 
HELX_P HELX_P7 AA7 LEU A 194 ? ILE A 199 ? LEU A 186 ILE A 191 1 ? 6  
# 
_struct_conf_type.id          HELX_P 
_struct_conf_type.criteria    ? 
_struct_conf_type.reference   ? 
# 
loop_
_struct_conn.id 
_struct_conn.conn_type_id 
_struct_conn.pdbx_leaving_atom_flag 
_struct_conn.pdbx_PDB_id 
_struct_conn.ptnr1_label_asym_id 
_struct_conn.ptnr1_label_comp_id 
_struct_conn.ptnr1_label_seq_id 
_struct_conn.ptnr1_label_atom_id 
_struct_conn.pdbx_ptnr1_label_alt_id 
_struct_conn.pdbx_ptnr1_PDB_ins_code 
_struct_conn.pdbx_ptnr1_standard_comp_id 
_struct_conn.ptnr1_symmetry 
_struct_conn.ptnr2_label_asym_id 
_struct_conn.ptnr2_label_comp_id 
_struct_conn.ptnr2_label_seq_id 
_struct_conn.ptnr2_label_atom_id 
_struct_conn.pdbx_ptnr2_label_alt_id 
_struct_conn.pdbx_ptnr2_PDB_ins_code 
_struct_conn.ptnr1_auth_asym_id 
_struct_conn.ptnr1_auth_comp_id 
_struct_conn.ptnr1_auth_seq_id 
_struct_conn.ptnr2_auth_asym_id 
_struct_conn.ptnr2_auth_comp_id 
_struct_conn.ptnr2_auth_seq_id 
_struct_conn.ptnr2_symmetry 
_struct_conn.pdbx_ptnr3_label_atom_id 
_struct_conn.pdbx_ptnr3_label_seq_id 
_struct_conn.pdbx_ptnr3_label_comp_id 
_struct_conn.pdbx_ptnr3_label_asym_id 
_struct_conn.pdbx_ptnr3_label_alt_id 
_struct_conn.pdbx_ptnr3_PDB_ins_code 
_struct_conn.details 
_struct_conn.pdbx_dist_value 
_struct_conn.pdbx_value_order 
_struct_conn.pdbx_role 
metalc1  metalc ? ? A HIS 49  NE2 ? ? ? 1_555 B MN  . MN ? ? A HIS 41  A MN  201 1_555 ? ? ? ? ? ? ? 2.166 ? ? 
metalc2  metalc ? ? A GLU 89  OE1 ? ? ? 1_555 C MN  . MN ? ? A GLU 81  A MN  202 1_555 ? ? ? ? ? ? ? 2.423 ? ? 
metalc3  metalc ? ? A ASP 117 OD2 ? ? ? 1_555 B MN  . MN ? ? A ASP 109 A MN  201 1_555 ? ? ? ? ? ? ? 1.970 ? ? 
metalc4  metalc ? ? A ASP 117 OD1 ? ? ? 1_555 C MN  . MN ? ? A ASP 109 A MN  202 1_555 ? ? ? ? ? ? ? 2.116 ? ? 
metalc5  metalc ? ? A GLU 128 OE2 ? ? ? 1_555 B MN  . MN ? ? A GLU 120 A MN  201 1_555 ? ? ? ? ? ? ? 2.158 ? ? 
metalc6  metalc ? ? A VAL 129 O   ? ? ? 1_555 B MN  . MN ? ? A VAL 121 A MN  201 1_555 ? ? ? ? ? ? ? 2.080 ? ? 
metalc7  metalc ? ? B MN  .   MN  ? ? ? 1_555 D E4Z . O1 ? ? A MN  201 A E4Z 203 1_555 ? ? ? ? ? ? ? 2.118 ? ? 
metalc8  metalc ? ? B MN  .   MN  ? ? ? 1_555 D E4Z . O2 ? ? A MN  201 A E4Z 203 1_555 ? ? ? ? ? ? ? 2.277 ? ? 
metalc9  metalc ? ? C MN  .   MN  ? ? ? 1_555 D E4Z . O3 ? ? A MN  202 A E4Z 203 1_555 ? ? ? ? ? ? ? 2.343 ? ? 
metalc10 metalc ? ? C MN  .   MN  ? ? ? 1_555 D E4Z . O2 ? ? A MN  202 A E4Z 203 1_555 ? ? ? ? ? ? ? 2.460 ? ? 
metalc11 metalc ? ? C MN  .   MN  ? ? ? 1_555 G HOH . O  ? ? A MN  202 A HOH 301 1_555 ? ? ? ? ? ? ? 2.415 ? ? 
metalc12 metalc ? ? C MN  .   MN  ? ? ? 1_555 G HOH . O  ? ? A MN  202 A HOH 307 1_555 ? ? ? ? ? ? ? 2.260 ? ? 
# 
_struct_conn_type.id          metalc 
_struct_conn_type.criteria    ? 
_struct_conn_type.reference   ? 
# 
loop_
_pdbx_struct_conn_angle.id 
_pdbx_struct_conn_angle.ptnr1_label_atom_id 
_pdbx_struct_conn_angle.ptnr1_label_alt_id 
_pdbx_struct_conn_angle.ptnr1_label_asym_id 
_pdbx_struct_conn_angle.ptnr1_label_comp_id 
_pdbx_struct_conn_angle.ptnr1_label_seq_id 
_pdbx_struct_conn_angle.ptnr1_auth_atom_id 
_pdbx_struct_conn_angle.ptnr1_auth_asym_id 
_pdbx_struct_conn_angle.ptnr1_auth_comp_id 
_pdbx_struct_conn_angle.ptnr1_auth_seq_id 
_pdbx_struct_conn_angle.ptnr1_PDB_ins_code 
_pdbx_struct_conn_angle.ptnr1_symmetry 
_pdbx_struct_conn_angle.ptnr2_label_atom_id 
_pdbx_struct_conn_angle.ptnr2_label_alt_id 
_pdbx_struct_conn_angle.ptnr2_label_asym_id 
_pdbx_struct_conn_angle.ptnr2_label_comp_id 
_pdbx_struct_conn_angle.ptnr2_label_seq_id 
_pdbx_struct_conn_angle.ptnr2_auth_atom_id 
_pdbx_struct_conn_angle.ptnr2_auth_asym_id 
_pdbx_struct_conn_angle.ptnr2_auth_comp_id 
_pdbx_struct_conn_angle.ptnr2_auth_seq_id 
_pdbx_struct_conn_angle.ptnr2_PDB_ins_code 
_pdbx_struct_conn_angle.ptnr2_symmetry 
_pdbx_struct_conn_angle.ptnr3_label_atom_id 
_pdbx_struct_conn_angle.ptnr3_label_alt_id 
_pdbx_struct_conn_angle.ptnr3_label_asym_id 
_pdbx_struct_conn_angle.ptnr3_label_comp_id 
_pdbx_struct_conn_angle.ptnr3_label_seq_id 
_pdbx_struct_conn_angle.ptnr3_auth_atom_id 
_pdbx_struct_conn_angle.ptnr3_auth_asym_id 
_pdbx_struct_conn_angle.ptnr3_auth_comp_id 
_pdbx_struct_conn_angle.ptnr3_auth_seq_id 
_pdbx_struct_conn_angle.ptnr3_PDB_ins_code 
_pdbx_struct_conn_angle.ptnr3_symmetry 
_pdbx_struct_conn_angle.value 
_pdbx_struct_conn_angle.value_esd 
1  NE2 ? A HIS 49  ? A HIS 41  ? 1_555 MN ? B MN . ? A MN 201 ? 1_555 OD2 ? A ASP 117 ? A ASP 109 ? 1_555 91.7  ? 
2  NE2 ? A HIS 49  ? A HIS 41  ? 1_555 MN ? B MN . ? A MN 201 ? 1_555 OE2 ? A GLU 128 ? A GLU 120 ? 1_555 171.1 ? 
3  OD2 ? A ASP 117 ? A ASP 109 ? 1_555 MN ? B MN . ? A MN 201 ? 1_555 OE2 ? A GLU 128 ? A GLU 120 ? 1_555 87.3  ? 
4  NE2 ? A HIS 49  ? A HIS 41  ? 1_555 MN ? B MN . ? A MN 201 ? 1_555 O   ? A VAL 129 ? A VAL 121 ? 1_555 87.2  ? 
5  OD2 ? A ASP 117 ? A ASP 109 ? 1_555 MN ? B MN . ? A MN 201 ? 1_555 O   ? A VAL 129 ? A VAL 121 ? 1_555 90.0  ? 
6  OE2 ? A GLU 128 ? A GLU 120 ? 1_555 MN ? B MN . ? A MN 201 ? 1_555 O   ? A VAL 129 ? A VAL 121 ? 1_555 84.0  ? 
7  NE2 ? A HIS 49  ? A HIS 41  ? 1_555 MN ? B MN . ? A MN 201 ? 1_555 O1  ? D E4Z .   ? A E4Z 203 ? 1_555 98.8  ? 
8  OD2 ? A ASP 117 ? A ASP 109 ? 1_555 MN ? B MN . ? A MN 201 ? 1_555 O1  ? D E4Z .   ? A E4Z 203 ? 1_555 169.5 ? 
9  OE2 ? A GLU 128 ? A GLU 120 ? 1_555 MN ? B MN . ? A MN 201 ? 1_555 O1  ? D E4Z .   ? A E4Z 203 ? 1_555 82.3  ? 
10 O   ? A VAL 129 ? A VAL 121 ? 1_555 MN ? B MN . ? A MN 201 ? 1_555 O1  ? D E4Z .   ? A E4Z 203 ? 1_555 90.0  ? 
11 NE2 ? A HIS 49  ? A HIS 41  ? 1_555 MN ? B MN . ? A MN 201 ? 1_555 O2  ? D E4Z .   ? A E4Z 203 ? 1_555 104.3 ? 
12 OD2 ? A ASP 117 ? A ASP 109 ? 1_555 MN ? B MN . ? A MN 201 ? 1_555 O2  ? D E4Z .   ? A E4Z 203 ? 1_555 106.3 ? 
13 OE2 ? A GLU 128 ? A GLU 120 ? 1_555 MN ? B MN . ? A MN 201 ? 1_555 O2  ? D E4Z .   ? A E4Z 203 ? 1_555 84.4  ? 
14 O   ? A VAL 129 ? A VAL 121 ? 1_555 MN ? B MN . ? A MN 201 ? 1_555 O2  ? D E4Z .   ? A E4Z 203 ? 1_555 159.6 ? 
15 O1  ? D E4Z .   ? A E4Z 203 ? 1_555 MN ? B MN . ? A MN 201 ? 1_555 O2  ? D E4Z .   ? A E4Z 203 ? 1_555 71.8  ? 
16 OE1 ? A GLU 89  ? A GLU 81  ? 1_555 MN ? C MN . ? A MN 202 ? 1_555 OD1 ? A ASP 117 ? A ASP 109 ? 1_555 91.0  ? 
17 OE1 ? A GLU 89  ? A GLU 81  ? 1_555 MN ? C MN . ? A MN 202 ? 1_555 O3  ? D E4Z .   ? A E4Z 203 ? 1_555 87.4  ? 
18 OD1 ? A ASP 117 ? A ASP 109 ? 1_555 MN ? C MN . ? A MN 202 ? 1_555 O3  ? D E4Z .   ? A E4Z 203 ? 1_555 167.4 ? 
19 OE1 ? A GLU 89  ? A GLU 81  ? 1_555 MN ? C MN . ? A MN 202 ? 1_555 O2  ? D E4Z .   ? A E4Z 203 ? 1_555 107.3 ? 
20 OD1 ? A ASP 117 ? A ASP 109 ? 1_555 MN ? C MN . ? A MN 202 ? 1_555 O2  ? D E4Z .   ? A E4Z 203 ? 1_555 97.3  ? 
21 O3  ? D E4Z .   ? A E4Z 203 ? 1_555 MN ? C MN . ? A MN 202 ? 1_555 O2  ? D E4Z .   ? A E4Z 203 ? 1_555 71.3  ? 
22 OE1 ? A GLU 89  ? A GLU 81  ? 1_555 MN ? C MN . ? A MN 202 ? 1_555 O   ? G HOH .   ? A HOH 301 ? 1_555 176.3 ? 
23 OD1 ? A ASP 117 ? A ASP 109 ? 1_555 MN ? C MN . ? A MN 202 ? 1_555 O   ? G HOH .   ? A HOH 301 ? 1_555 92.6  ? 
24 O3  ? D E4Z .   ? A E4Z 203 ? 1_555 MN ? C MN . ? A MN 202 ? 1_555 O   ? G HOH .   ? A HOH 301 ? 1_555 89.0  ? 
25 O2  ? D E4Z .   ? A E4Z 203 ? 1_555 MN ? C MN . ? A MN 202 ? 1_555 O   ? G HOH .   ? A HOH 301 ? 1_555 72.0  ? 
26 OE1 ? A GLU 89  ? A GLU 81  ? 1_555 MN ? C MN . ? A MN 202 ? 1_555 O   ? G HOH .   ? A HOH 307 ? 1_555 87.3  ? 
27 OD1 ? A ASP 117 ? A ASP 109 ? 1_555 MN ? C MN . ? A MN 202 ? 1_555 O   ? G HOH .   ? A HOH 307 ? 1_555 91.4  ? 
28 O3  ? D E4Z .   ? A E4Z 203 ? 1_555 MN ? C MN . ? A MN 202 ? 1_555 O   ? G HOH .   ? A HOH 307 ? 1_555 101.1 ? 
29 O2  ? D E4Z .   ? A E4Z 203 ? 1_555 MN ? C MN . ? A MN 202 ? 1_555 O   ? G HOH .   ? A HOH 307 ? 1_555 162.8 ? 
30 O   ? G HOH .   ? A HOH 301 ? 1_555 MN ? C MN . ? A MN 202 ? 1_555 O   ? G HOH .   ? A HOH 307 ? 1_555 92.9  ? 
# 
loop_
_struct_sheet.id 
_struct_sheet.type 
_struct_sheet.number_strands 
_struct_sheet.details 
AA1 ? 3 ? 
AA2 ? 5 ? 
# 
loop_
_struct_sheet_order.sheet_id 
_struct_sheet_order.range_id_1 
_struct_sheet_order.range_id_2 
_struct_sheet_order.offset 
_struct_sheet_order.sense 
AA1 1 2 ? anti-parallel 
AA1 2 3 ? anti-parallel 
AA2 1 2 ? anti-parallel 
AA2 2 3 ? anti-parallel 
AA2 3 4 ? parallel      
AA2 4 5 ? anti-parallel 
# 
loop_
_struct_sheet_range.sheet_id 
_struct_sheet_range.id 
_struct_sheet_range.beg_label_comp_id 
_struct_sheet_range.beg_label_asym_id 
_struct_sheet_range.beg_label_seq_id 
_struct_sheet_range.pdbx_beg_PDB_ins_code 
_struct_sheet_range.end_label_comp_id 
_struct_sheet_range.end_label_asym_id 
_struct_sheet_range.end_label_seq_id 
_struct_sheet_range.pdbx_end_PDB_ins_code 
_struct_sheet_range.beg_auth_comp_id 
_struct_sheet_range.beg_auth_asym_id 
_struct_sheet_range.beg_auth_seq_id 
_struct_sheet_range.end_auth_comp_id 
_struct_sheet_range.end_auth_asym_id 
_struct_sheet_range.end_auth_seq_id 
AA1 1 SER A 68  ? TYR A 69  ? SER A 60  TYR A 61  
AA1 2 PHE A 61  ? LEU A 62  ? PHE A 53  LEU A 54  
AA1 3 ARG A 82  ? PRO A 83  ? ARG A 74  PRO A 75  
AA2 1 TYR A 85  ? VAL A 87  ? TYR A 77  VAL A 79  
AA2 2 LEU A 118 ? ASP A 120 ? LEU A 110 ASP A 112 
AA2 3 ARG A 125 ? THR A 132 ? ARG A 117 THR A 124 
AA2 4 GLU A 152 ? SER A 157 ? GLU A 144 SER A 149 
AA2 5 TYR A 162 ? LEU A 164 ? TYR A 154 LEU A 156 
# 
loop_
_pdbx_struct_sheet_hbond.sheet_id 
_pdbx_struct_sheet_hbond.range_id_1 
_pdbx_struct_sheet_hbond.range_id_2 
_pdbx_struct_sheet_hbond.range_1_label_atom_id 
_pdbx_struct_sheet_hbond.range_1_label_comp_id 
_pdbx_struct_sheet_hbond.range_1_label_asym_id 
_pdbx_struct_sheet_hbond.range_1_label_seq_id 
_pdbx_struct_sheet_hbond.range_1_PDB_ins_code 
_pdbx_struct_sheet_hbond.range_1_auth_atom_id 
_pdbx_struct_sheet_hbond.range_1_auth_comp_id 
_pdbx_struct_sheet_hbond.range_1_auth_asym_id 
_pdbx_struct_sheet_hbond.range_1_auth_seq_id 
_pdbx_struct_sheet_hbond.range_2_label_atom_id 
_pdbx_struct_sheet_hbond.range_2_label_comp_id 
_pdbx_struct_sheet_hbond.range_2_label_asym_id 
_pdbx_struct_sheet_hbond.range_2_label_seq_id 
_pdbx_struct_sheet_hbond.range_2_PDB_ins_code 
_pdbx_struct_sheet_hbond.range_2_auth_atom_id 
_pdbx_struct_sheet_hbond.range_2_auth_comp_id 
_pdbx_struct_sheet_hbond.range_2_auth_asym_id 
_pdbx_struct_sheet_hbond.range_2_auth_seq_id 
AA1 1 2 O TYR A 69  ? O TYR A 61  N PHE A 61  ? N PHE A 53  
AA1 2 3 N LEU A 62  ? N LEU A 54  O ARG A 82  ? O ARG A 74  
AA2 1 2 N GLU A 86  ? N GLU A 78  O PHE A 119 ? O PHE A 111 
AA2 2 3 N ASP A 120 ? N ASP A 112 O ARG A 125 ? O ARG A 117 
AA2 3 4 N GLY A 130 ? N GLY A 122 O PHE A 156 ? O PHE A 148 
AA2 4 5 N ILE A 155 ? N ILE A 147 O SER A 163 ? O SER A 155 
# 
loop_
_struct_site.id 
_struct_site.pdbx_evidence_code 
_struct_site.pdbx_auth_asym_id 
_struct_site.pdbx_auth_comp_id 
_struct_site.pdbx_auth_seq_id 
_struct_site.pdbx_auth_ins_code 
_struct_site.pdbx_num_residues 
_struct_site.details 
AC1 Software A MN  201 ? 5  'binding site for residue MN A 201'  
AC2 Software A MN  202 ? 5  'binding site for residue MN A 202'  
AC3 Software A E4Z 203 ? 16 'binding site for residue E4Z A 203' 
AC4 Software A CL  204 ? 4  'binding site for residue CL A 204'  
AC5 Software A CL  205 ? 5  'binding site for residue CL A 205'  
# 
loop_
_struct_site_gen.id 
_struct_site_gen.site_id 
_struct_site_gen.pdbx_num_res 
_struct_site_gen.label_comp_id 
_struct_site_gen.label_asym_id 
_struct_site_gen.label_seq_id 
_struct_site_gen.pdbx_auth_ins_code 
_struct_site_gen.auth_comp_id 
_struct_site_gen.auth_asym_id 
_struct_site_gen.auth_seq_id 
_struct_site_gen.label_atom_id 
_struct_site_gen.label_alt_id 
_struct_site_gen.symmetry 
_struct_site_gen.details 
1  AC1 5  HIS A 49  ? HIS A 41  . ? 1_555 ? 
2  AC1 5  ASP A 117 ? ASP A 109 . ? 1_555 ? 
3  AC1 5  GLU A 128 ? GLU A 120 . ? 1_555 ? 
4  AC1 5  VAL A 129 ? VAL A 121 . ? 1_555 ? 
5  AC1 5  E4Z D .   ? E4Z A 203 . ? 1_555 ? 
6  AC2 5  GLU A 89  ? GLU A 81  . ? 1_555 ? 
7  AC2 5  ASP A 117 ? ASP A 109 . ? 1_555 ? 
8  AC2 5  E4Z D .   ? E4Z A 203 . ? 1_555 ? 
9  AC2 5  HOH G .   ? HOH A 301 . ? 1_555 ? 
10 AC2 5  HOH G .   ? HOH A 307 . ? 1_555 ? 
11 AC3 16 PHE A 32  ? PHE A 24  . ? 1_555 ? 
12 AC3 16 GLU A 34  ? GLU A 26  . ? 1_555 ? 
13 AC3 16 MET A 42  ? MET A 34  . ? 1_555 ? 
14 AC3 16 HIS A 49  ? HIS A 41  . ? 1_555 ? 
15 AC3 16 GLU A 89  ? GLU A 81  . ? 1_555 ? 
16 AC3 16 ARG A 93  ? ARG A 85  . ? 1_555 ? 
17 AC3 16 ASP A 117 ? ASP A 109 . ? 1_555 ? 
18 AC3 16 GLU A 128 ? GLU A 120 . ? 1_555 ? 
19 AC3 16 VAL A 129 ? VAL A 121 . ? 1_555 ? 
20 AC3 16 TYR A 139 ? TYR A 131 . ? 1_555 ? 
21 AC3 16 LYS A 143 ? LYS A 135 . ? 1_555 ? 
22 AC3 16 LEU A 191 ? LEU A 183 . ? 7_554 ? 
23 AC3 16 MN  B .   ? MN  A 201 . ? 1_555 ? 
24 AC3 16 MN  C .   ? MN  A 202 . ? 1_555 ? 
25 AC3 16 HOH G .   ? HOH A 301 . ? 1_555 ? 
26 AC3 16 HOH G .   ? HOH A 305 . ? 1_555 ? 
27 AC4 4  ARG A 93  ? ARG A 85  . ? 1_555 ? 
28 AC4 4  LEU A 115 ? LEU A 107 . ? 1_555 ? 
29 AC4 4  GLN A 186 ? GLN A 178 . ? 7_554 ? 
30 AC4 4  SER A 190 ? SER A 182 . ? 7_554 ? 
31 AC5 5  TYR A 114 ? TYR A 106 . ? 1_555 ? 
32 AC5 5  LYS A 146 ? LYS A 138 . ? 1_555 ? 
33 AC5 5  ASN A 193 ? ASN A 185 . ? 7_554 ? 
34 AC5 5  TRP A 195 ? TRP A 187 . ? 7_554 ? 
35 AC5 5  GLN A 196 ? GLN A 188 . ? 7_554 ? 
# 
loop_
_pdbx_validate_torsion.id 
_pdbx_validate_torsion.PDB_model_num 
_pdbx_validate_torsion.auth_comp_id 
_pdbx_validate_torsion.auth_asym_id 
_pdbx_validate_torsion.auth_seq_id 
_pdbx_validate_torsion.PDB_ins_code 
_pdbx_validate_torsion.label_alt_id 
_pdbx_validate_torsion.phi 
_pdbx_validate_torsion.psi 
1 1 SER A 25  ? ? 27.65   51.73   
2 1 ASP A 55  ? ? -102.05 -167.99 
3 1 TYR A 61  ? ? -174.38 138.90  
4 1 ASN A 151 ? ? -96.43  33.98   
5 1 SER A 155 ? ? -161.59 89.84   
# 
loop_
_pdbx_unobs_or_zero_occ_residues.id 
_pdbx_unobs_or_zero_occ_residues.PDB_model_num 
_pdbx_unobs_or_zero_occ_residues.polymer_flag 
_pdbx_unobs_or_zero_occ_residues.occupancy_flag 
_pdbx_unobs_or_zero_occ_residues.auth_asym_id 
_pdbx_unobs_or_zero_occ_residues.auth_comp_id 
_pdbx_unobs_or_zero_occ_residues.auth_seq_id 
_pdbx_unobs_or_zero_occ_residues.PDB_ins_code 
_pdbx_unobs_or_zero_occ_residues.label_asym_id 
_pdbx_unobs_or_zero_occ_residues.label_comp_id 
_pdbx_unobs_or_zero_occ_residues.label_seq_id 
1  1 Y 1 A GLY -7  ? A GLY 1   
2  1 Y 1 A ALA -6  ? A ALA 2   
3  1 Y 1 A MET -5  ? A MET 3   
4  1 Y 1 A GLY -4  ? A GLY 4   
5  1 Y 1 A SER -3  ? A SER 5   
6  1 Y 1 A GLY -2  ? A GLY 6   
7  1 Y 1 A ALA 63  ? A ALA 71  
8  1 Y 1 A LEU 64  ? A LEU 72  
9  1 Y 1 A GLU 65  ? A GLU 73  
10 1 Y 1 A GLY 66  ? A GLY 74  
11 1 Y 1 A GLN 67  ? A GLN 75  
12 1 Y 1 A GLY 68  ? A GLY 76  
13 1 Y 1 A LYS 69  ? A LYS 77  
14 1 Y 1 A GLU 70  ? A GLU 78  
15 1 Y 1 A GLN 71  ? A GLN 79  
16 1 Y 1 A ASN 72  ? A ASN 80  
17 1 Y 1 A GLY 192 ? A GLY 200 
18 1 Y 1 A GLU 193 ? A GLU 201 
19 1 Y 1 A GLU 194 ? A GLU 202 
20 1 Y 1 A ASP 195 ? A ASP 203 
21 1 Y 1 A VAL 196 ? A VAL 204 
22 1 Y 1 A GLU 197 ? A GLU 205 
# 
loop_
_chem_comp_atom.comp_id 
_chem_comp_atom.atom_id 
_chem_comp_atom.type_symbol 
_chem_comp_atom.pdbx_aromatic_flag 
_chem_comp_atom.pdbx_stereo_config 
_chem_comp_atom.pdbx_ordinal 
ALA N    N  N N 1   
ALA CA   C  N S 2   
ALA C    C  N N 3   
ALA O    O  N N 4   
ALA CB   C  N N 5   
ALA OXT  O  N N 6   
ALA H    H  N N 7   
ALA H2   H  N N 8   
ALA HA   H  N N 9   
ALA HB1  H  N N 10  
ALA HB2  H  N N 11  
ALA HB3  H  N N 12  
ALA HXT  H  N N 13  
ARG N    N  N N 14  
ARG CA   C  N S 15  
ARG C    C  N N 16  
ARG O    O  N N 17  
ARG CB   C  N N 18  
ARG CG   C  N N 19  
ARG CD   C  N N 20  
ARG NE   N  N N 21  
ARG CZ   C  N N 22  
ARG NH1  N  N N 23  
ARG NH2  N  N N 24  
ARG OXT  O  N N 25  
ARG H    H  N N 26  
ARG H2   H  N N 27  
ARG HA   H  N N 28  
ARG HB2  H  N N 29  
ARG HB3  H  N N 30  
ARG HG2  H  N N 31  
ARG HG3  H  N N 32  
ARG HD2  H  N N 33  
ARG HD3  H  N N 34  
ARG HE   H  N N 35  
ARG HH11 H  N N 36  
ARG HH12 H  N N 37  
ARG HH21 H  N N 38  
ARG HH22 H  N N 39  
ARG HXT  H  N N 40  
ASN N    N  N N 41  
ASN CA   C  N S 42  
ASN C    C  N N 43  
ASN O    O  N N 44  
ASN CB   C  N N 45  
ASN CG   C  N N 46  
ASN OD1  O  N N 47  
ASN ND2  N  N N 48  
ASN OXT  O  N N 49  
ASN H    H  N N 50  
ASN H2   H  N N 51  
ASN HA   H  N N 52  
ASN HB2  H  N N 53  
ASN HB3  H  N N 54  
ASN HD21 H  N N 55  
ASN HD22 H  N N 56  
ASN HXT  H  N N 57  
ASP N    N  N N 58  
ASP CA   C  N S 59  
ASP C    C  N N 60  
ASP O    O  N N 61  
ASP CB   C  N N 62  
ASP CG   C  N N 63  
ASP OD1  O  N N 64  
ASP OD2  O  N N 65  
ASP OXT  O  N N 66  
ASP H    H  N N 67  
ASP H2   H  N N 68  
ASP HA   H  N N 69  
ASP HB2  H  N N 70  
ASP HB3  H  N N 71  
ASP HD2  H  N N 72  
ASP HXT  H  N N 73  
CL  CL   CL N N 74  
CYS N    N  N N 75  
CYS CA   C  N R 76  
CYS C    C  N N 77  
CYS O    O  N N 78  
CYS CB   C  N N 79  
CYS SG   S  N N 80  
CYS OXT  O  N N 81  
CYS H    H  N N 82  
CYS H2   H  N N 83  
CYS HA   H  N N 84  
CYS HB2  H  N N 85  
CYS HB3  H  N N 86  
CYS HG   H  N N 87  
CYS HXT  H  N N 88  
E4Z C1   C  N N 89  
E4Z N1   N  N N 90  
E4Z O1   O  N N 91  
E4Z C2   C  N N 92  
E4Z O2   O  N N 93  
E4Z O3   O  N N 94  
E4Z C4   C  N N 95  
E4Z O4   O  N N 96  
E4Z C5   C  N N 97  
E4Z C6   C  N N 98  
E4Z C7   C  N R 99  
E4Z C13  C  Y N 100 
E4Z C14  C  N N 101 
E4Z C15  C  Y N 102 
E4Z C16  C  Y N 103 
E4Z C17  C  Y N 104 
E4Z C18  C  Y N 105 
E4Z C19  C  Y N 106 
E4Z C20  C  Y N 107 
E4Z C21  C  Y N 108 
E4Z C22  C  Y N 109 
E4Z C23  C  Y N 110 
E4Z C24  C  Y N 111 
E4Z F2   F  N N 112 
E4Z C12  C  Y N 113 
E4Z F1   F  N N 114 
E4Z S3   S  N N 115 
E4Z C11  C  N S 116 
E4Z N2   N  N N 117 
E4Z C8   C  N N 118 
E4Z C9   C  N N 119 
E4Z C10  C  N N 120 
E4Z N3   N  N N 121 
E4Z C3   C  N N 122 
E4Z H1   H  N N 123 
E4Z H3   H  N N 124 
E4Z H4   H  N N 125 
E4Z H5   H  N N 126 
E4Z H6   H  N N 127 
E4Z H7   H  N N 128 
E4Z H8   H  N N 129 
E4Z H9   H  N N 130 
E4Z H10  H  N N 131 
E4Z H11  H  N N 132 
E4Z H12  H  N N 133 
E4Z H13  H  N N 134 
E4Z H14  H  N N 135 
E4Z H15  H  N N 136 
E4Z H16  H  N N 137 
E4Z H17  H  N N 138 
E4Z H18  H  N N 139 
E4Z H19  H  N N 140 
E4Z H20  H  N N 141 
GLN N    N  N N 142 
GLN CA   C  N S 143 
GLN C    C  N N 144 
GLN O    O  N N 145 
GLN CB   C  N N 146 
GLN CG   C  N N 147 
GLN CD   C  N N 148 
GLN OE1  O  N N 149 
GLN NE2  N  N N 150 
GLN OXT  O  N N 151 
GLN H    H  N N 152 
GLN H2   H  N N 153 
GLN HA   H  N N 154 
GLN HB2  H  N N 155 
GLN HB3  H  N N 156 
GLN HG2  H  N N 157 
GLN HG3  H  N N 158 
GLN HE21 H  N N 159 
GLN HE22 H  N N 160 
GLN HXT  H  N N 161 
GLU N    N  N N 162 
GLU CA   C  N S 163 
GLU C    C  N N 164 
GLU O    O  N N 165 
GLU CB   C  N N 166 
GLU CG   C  N N 167 
GLU CD   C  N N 168 
GLU OE1  O  N N 169 
GLU OE2  O  N N 170 
GLU OXT  O  N N 171 
GLU H    H  N N 172 
GLU H2   H  N N 173 
GLU HA   H  N N 174 
GLU HB2  H  N N 175 
GLU HB3  H  N N 176 
GLU HG2  H  N N 177 
GLU HG3  H  N N 178 
GLU HE2  H  N N 179 
GLU HXT  H  N N 180 
GLY N    N  N N 181 
GLY CA   C  N N 182 
GLY C    C  N N 183 
GLY O    O  N N 184 
GLY OXT  O  N N 185 
GLY H    H  N N 186 
GLY H2   H  N N 187 
GLY HA2  H  N N 188 
GLY HA3  H  N N 189 
GLY HXT  H  N N 190 
HIS N    N  N N 191 
HIS CA   C  N S 192 
HIS C    C  N N 193 
HIS O    O  N N 194 
HIS CB   C  N N 195 
HIS CG   C  Y N 196 
HIS ND1  N  Y N 197 
HIS CD2  C  Y N 198 
HIS CE1  C  Y N 199 
HIS NE2  N  Y N 200 
HIS OXT  O  N N 201 
HIS H    H  N N 202 
HIS H2   H  N N 203 
HIS HA   H  N N 204 
HIS HB2  H  N N 205 
HIS HB3  H  N N 206 
HIS HD1  H  N N 207 
HIS HD2  H  N N 208 
HIS HE1  H  N N 209 
HIS HE2  H  N N 210 
HIS HXT  H  N N 211 
HOH O    O  N N 212 
HOH H1   H  N N 213 
HOH H2   H  N N 214 
ILE N    N  N N 215 
ILE CA   C  N S 216 
ILE C    C  N N 217 
ILE O    O  N N 218 
ILE CB   C  N S 219 
ILE CG1  C  N N 220 
ILE CG2  C  N N 221 
ILE CD1  C  N N 222 
ILE OXT  O  N N 223 
ILE H    H  N N 224 
ILE H2   H  N N 225 
ILE HA   H  N N 226 
ILE HB   H  N N 227 
ILE HG12 H  N N 228 
ILE HG13 H  N N 229 
ILE HG21 H  N N 230 
ILE HG22 H  N N 231 
ILE HG23 H  N N 232 
ILE HD11 H  N N 233 
ILE HD12 H  N N 234 
ILE HD13 H  N N 235 
ILE HXT  H  N N 236 
LEU N    N  N N 237 
LEU CA   C  N S 238 
LEU C    C  N N 239 
LEU O    O  N N 240 
LEU CB   C  N N 241 
LEU CG   C  N N 242 
LEU CD1  C  N N 243 
LEU CD2  C  N N 244 
LEU OXT  O  N N 245 
LEU H    H  N N 246 
LEU H2   H  N N 247 
LEU HA   H  N N 248 
LEU HB2  H  N N 249 
LEU HB3  H  N N 250 
LEU HG   H  N N 251 
LEU HD11 H  N N 252 
LEU HD12 H  N N 253 
LEU HD13 H  N N 254 
LEU HD21 H  N N 255 
LEU HD22 H  N N 256 
LEU HD23 H  N N 257 
LEU HXT  H  N N 258 
LYS N    N  N N 259 
LYS CA   C  N S 260 
LYS C    C  N N 261 
LYS O    O  N N 262 
LYS CB   C  N N 263 
LYS CG   C  N N 264 
LYS CD   C  N N 265 
LYS CE   C  N N 266 
LYS NZ   N  N N 267 
LYS OXT  O  N N 268 
LYS H    H  N N 269 
LYS H2   H  N N 270 
LYS HA   H  N N 271 
LYS HB2  H  N N 272 
LYS HB3  H  N N 273 
LYS HG2  H  N N 274 
LYS HG3  H  N N 275 
LYS HD2  H  N N 276 
LYS HD3  H  N N 277 
LYS HE2  H  N N 278 
LYS HE3  H  N N 279 
LYS HZ1  H  N N 280 
LYS HZ2  H  N N 281 
LYS HZ3  H  N N 282 
LYS HXT  H  N N 283 
MET N    N  N N 284 
MET CA   C  N S 285 
MET C    C  N N 286 
MET O    O  N N 287 
MET CB   C  N N 288 
MET CG   C  N N 289 
MET SD   S  N N 290 
MET CE   C  N N 291 
MET OXT  O  N N 292 
MET H    H  N N 293 
MET H2   H  N N 294 
MET HA   H  N N 295 
MET HB2  H  N N 296 
MET HB3  H  N N 297 
MET HG2  H  N N 298 
MET HG3  H  N N 299 
MET HE1  H  N N 300 
MET HE2  H  N N 301 
MET HE3  H  N N 302 
MET HXT  H  N N 303 
MN  MN   MN N N 304 
PHE N    N  N N 305 
PHE CA   C  N S 306 
PHE C    C  N N 307 
PHE O    O  N N 308 
PHE CB   C  N N 309 
PHE CG   C  Y N 310 
PHE CD1  C  Y N 311 
PHE CD2  C  Y N 312 
PHE CE1  C  Y N 313 
PHE CE2  C  Y N 314 
PHE CZ   C  Y N 315 
PHE OXT  O  N N 316 
PHE H    H  N N 317 
PHE H2   H  N N 318 
PHE HA   H  N N 319 
PHE HB2  H  N N 320 
PHE HB3  H  N N 321 
PHE HD1  H  N N 322 
PHE HD2  H  N N 323 
PHE HE1  H  N N 324 
PHE HE2  H  N N 325 
PHE HZ   H  N N 326 
PHE HXT  H  N N 327 
PRO N    N  N N 328 
PRO CA   C  N S 329 
PRO C    C  N N 330 
PRO O    O  N N 331 
PRO CB   C  N N 332 
PRO CG   C  N N 333 
PRO CD   C  N N 334 
PRO OXT  O  N N 335 
PRO H    H  N N 336 
PRO HA   H  N N 337 
PRO HB2  H  N N 338 
PRO HB3  H  N N 339 
PRO HG2  H  N N 340 
PRO HG3  H  N N 341 
PRO HD2  H  N N 342 
PRO HD3  H  N N 343 
PRO HXT  H  N N 344 
SER N    N  N N 345 
SER CA   C  N S 346 
SER C    C  N N 347 
SER O    O  N N 348 
SER CB   C  N N 349 
SER OG   O  N N 350 
SER OXT  O  N N 351 
SER H    H  N N 352 
SER H2   H  N N 353 
SER HA   H  N N 354 
SER HB2  H  N N 355 
SER HB3  H  N N 356 
SER HG   H  N N 357 
SER HXT  H  N N 358 
THR N    N  N N 359 
THR CA   C  N S 360 
THR C    C  N N 361 
THR O    O  N N 362 
THR CB   C  N R 363 
THR OG1  O  N N 364 
THR CG2  C  N N 365 
THR OXT  O  N N 366 
THR H    H  N N 367 
THR H2   H  N N 368 
THR HA   H  N N 369 
THR HB   H  N N 370 
THR HG1  H  N N 371 
THR HG21 H  N N 372 
THR HG22 H  N N 373 
THR HG23 H  N N 374 
THR HXT  H  N N 375 
TRP N    N  N N 376 
TRP CA   C  N S 377 
TRP C    C  N N 378 
TRP O    O  N N 379 
TRP CB   C  N N 380 
TRP CG   C  Y N 381 
TRP CD1  C  Y N 382 
TRP CD2  C  Y N 383 
TRP NE1  N  Y N 384 
TRP CE2  C  Y N 385 
TRP CE3  C  Y N 386 
TRP CZ2  C  Y N 387 
TRP CZ3  C  Y N 388 
TRP CH2  C  Y N 389 
TRP OXT  O  N N 390 
TRP H    H  N N 391 
TRP H2   H  N N 392 
TRP HA   H  N N 393 
TRP HB2  H  N N 394 
TRP HB3  H  N N 395 
TRP HD1  H  N N 396 
TRP HE1  H  N N 397 
TRP HE3  H  N N 398 
TRP HZ2  H  N N 399 
TRP HZ3  H  N N 400 
TRP HH2  H  N N 401 
TRP HXT  H  N N 402 
TYR N    N  N N 403 
TYR CA   C  N S 404 
TYR C    C  N N 405 
TYR O    O  N N 406 
TYR CB   C  N N 407 
TYR CG   C  Y N 408 
TYR CD1  C  Y N 409 
TYR CD2  C  Y N 410 
TYR CE1  C  Y N 411 
TYR CE2  C  Y N 412 
TYR CZ   C  Y N 413 
TYR OH   O  N N 414 
TYR OXT  O  N N 415 
TYR H    H  N N 416 
TYR H2   H  N N 417 
TYR HA   H  N N 418 
TYR HB2  H  N N 419 
TYR HB3  H  N N 420 
TYR HD1  H  N N 421 
TYR HD2  H  N N 422 
TYR HE1  H  N N 423 
TYR HE2  H  N N 424 
TYR HH   H  N N 425 
TYR HXT  H  N N 426 
VAL N    N  N N 427 
VAL CA   C  N S 428 
VAL C    C  N N 429 
VAL O    O  N N 430 
VAL CB   C  N N 431 
VAL CG1  C  N N 432 
VAL CG2  C  N N 433 
VAL OXT  O  N N 434 
VAL H    H  N N 435 
VAL H2   H  N N 436 
VAL HA   H  N N 437 
VAL HB   H  N N 438 
VAL HG11 H  N N 439 
VAL HG12 H  N N 440 
VAL HG13 H  N N 441 
VAL HG21 H  N N 442 
VAL HG22 H  N N 443 
VAL HG23 H  N N 444 
VAL HXT  H  N N 445 
# 
loop_
_chem_comp_bond.comp_id 
_chem_comp_bond.atom_id_1 
_chem_comp_bond.atom_id_2 
_chem_comp_bond.value_order 
_chem_comp_bond.pdbx_aromatic_flag 
_chem_comp_bond.pdbx_stereo_config 
_chem_comp_bond.pdbx_ordinal 
ALA N   CA   sing N N 1   
ALA N   H    sing N N 2   
ALA N   H2   sing N N 3   
ALA CA  C    sing N N 4   
ALA CA  CB   sing N N 5   
ALA CA  HA   sing N N 6   
ALA C   O    doub N N 7   
ALA C   OXT  sing N N 8   
ALA CB  HB1  sing N N 9   
ALA CB  HB2  sing N N 10  
ALA CB  HB3  sing N N 11  
ALA OXT HXT  sing N N 12  
ARG N   CA   sing N N 13  
ARG N   H    sing N N 14  
ARG N   H2   sing N N 15  
ARG CA  C    sing N N 16  
ARG CA  CB   sing N N 17  
ARG CA  HA   sing N N 18  
ARG C   O    doub N N 19  
ARG C   OXT  sing N N 20  
ARG CB  CG   sing N N 21  
ARG CB  HB2  sing N N 22  
ARG CB  HB3  sing N N 23  
ARG CG  CD   sing N N 24  
ARG CG  HG2  sing N N 25  
ARG CG  HG3  sing N N 26  
ARG CD  NE   sing N N 27  
ARG CD  HD2  sing N N 28  
ARG CD  HD3  sing N N 29  
ARG NE  CZ   sing N N 30  
ARG NE  HE   sing N N 31  
ARG CZ  NH1  sing N N 32  
ARG CZ  NH2  doub N N 33  
ARG NH1 HH11 sing N N 34  
ARG NH1 HH12 sing N N 35  
ARG NH2 HH21 sing N N 36  
ARG NH2 HH22 sing N N 37  
ARG OXT HXT  sing N N 38  
ASN N   CA   sing N N 39  
ASN N   H    sing N N 40  
ASN N   H2   sing N N 41  
ASN CA  C    sing N N 42  
ASN CA  CB   sing N N 43  
ASN CA  HA   sing N N 44  
ASN C   O    doub N N 45  
ASN C   OXT  sing N N 46  
ASN CB  CG   sing N N 47  
ASN CB  HB2  sing N N 48  
ASN CB  HB3  sing N N 49  
ASN CG  OD1  doub N N 50  
ASN CG  ND2  sing N N 51  
ASN ND2 HD21 sing N N 52  
ASN ND2 HD22 sing N N 53  
ASN OXT HXT  sing N N 54  
ASP N   CA   sing N N 55  
ASP N   H    sing N N 56  
ASP N   H2   sing N N 57  
ASP CA  C    sing N N 58  
ASP CA  CB   sing N N 59  
ASP CA  HA   sing N N 60  
ASP C   O    doub N N 61  
ASP C   OXT  sing N N 62  
ASP CB  CG   sing N N 63  
ASP CB  HB2  sing N N 64  
ASP CB  HB3  sing N N 65  
ASP CG  OD1  doub N N 66  
ASP CG  OD2  sing N N 67  
ASP OD2 HD2  sing N N 68  
ASP OXT HXT  sing N N 69  
CYS N   CA   sing N N 70  
CYS N   H    sing N N 71  
CYS N   H2   sing N N 72  
CYS CA  C    sing N N 73  
CYS CA  CB   sing N N 74  
CYS CA  HA   sing N N 75  
CYS C   O    doub N N 76  
CYS C   OXT  sing N N 77  
CYS CB  SG   sing N N 78  
CYS CB  HB2  sing N N 79  
CYS CB  HB3  sing N N 80  
CYS SG  HG   sing N N 81  
CYS OXT HXT  sing N N 82  
E4Z C9  O4   sing N N 83  
E4Z C9  C10  sing N N 84  
E4Z O4  C8   sing N N 85  
E4Z C10 N3   sing N N 86  
E4Z C8  C7   sing N N 87  
E4Z O3  C6   doub N N 88  
E4Z N3  C6   sing N N 89  
E4Z N3  C7   sing N N 90  
E4Z C6  C4   sing N N 91  
E4Z C7  N2   sing N N 92  
E4Z O2  C5   sing N N 93  
E4Z C4  C5   doub N N 94  
E4Z C4  N1   sing N N 95  
E4Z C5  C1   sing N N 96  
E4Z N2  N1   sing N N 97  
E4Z N2  C11  sing N N 98  
E4Z N1  C3   sing N N 99  
E4Z C1  O1   doub N N 100 
E4Z C1  C2   sing N N 101 
E4Z C3  C2   doub N N 102 
E4Z C11 C12  sing N N 103 
E4Z C11 C16  sing N N 104 
E4Z C21 C22  doub Y N 105 
E4Z C21 C12  sing Y N 106 
E4Z C22 C23  sing Y N 107 
E4Z C12 C13  doub Y N 108 
E4Z C23 F2   sing N N 109 
E4Z C23 C24  doub Y N 110 
E4Z C13 C24  sing Y N 111 
E4Z C13 C14  sing N N 112 
E4Z C24 F1   sing N N 113 
E4Z C14 S3   sing N N 114 
E4Z C16 C20  doub Y N 115 
E4Z C16 C15  sing Y N 116 
E4Z C20 C19  sing Y N 117 
E4Z S3  C15  sing N N 118 
E4Z C15 C17  doub Y N 119 
E4Z C19 C18  doub Y N 120 
E4Z C17 C18  sing Y N 121 
E4Z C2  H1   sing N N 122 
E4Z C7  H3   sing N N 123 
E4Z C14 H4   sing N N 124 
E4Z C14 H5   sing N N 125 
E4Z C17 H6   sing N N 126 
E4Z C18 H7   sing N N 127 
E4Z C19 H8   sing N N 128 
E4Z C20 H9   sing N N 129 
E4Z C21 H10  sing N N 130 
E4Z C22 H11  sing N N 131 
E4Z C11 H12  sing N N 132 
E4Z C8  H13  sing N N 133 
E4Z C8  H14  sing N N 134 
E4Z C9  H15  sing N N 135 
E4Z C9  H16  sing N N 136 
E4Z C10 H17  sing N N 137 
E4Z C10 H18  sing N N 138 
E4Z C3  H19  sing N N 139 
E4Z O2  H20  sing N N 140 
GLN N   CA   sing N N 141 
GLN N   H    sing N N 142 
GLN N   H2   sing N N 143 
GLN CA  C    sing N N 144 
GLN CA  CB   sing N N 145 
GLN CA  HA   sing N N 146 
GLN C   O    doub N N 147 
GLN C   OXT  sing N N 148 
GLN CB  CG   sing N N 149 
GLN CB  HB2  sing N N 150 
GLN CB  HB3  sing N N 151 
GLN CG  CD   sing N N 152 
GLN CG  HG2  sing N N 153 
GLN CG  HG3  sing N N 154 
GLN CD  OE1  doub N N 155 
GLN CD  NE2  sing N N 156 
GLN NE2 HE21 sing N N 157 
GLN NE2 HE22 sing N N 158 
GLN OXT HXT  sing N N 159 
GLU N   CA   sing N N 160 
GLU N   H    sing N N 161 
GLU N   H2   sing N N 162 
GLU CA  C    sing N N 163 
GLU CA  CB   sing N N 164 
GLU CA  HA   sing N N 165 
GLU C   O    doub N N 166 
GLU C   OXT  sing N N 167 
GLU CB  CG   sing N N 168 
GLU CB  HB2  sing N N 169 
GLU CB  HB3  sing N N 170 
GLU CG  CD   sing N N 171 
GLU CG  HG2  sing N N 172 
GLU CG  HG3  sing N N 173 
GLU CD  OE1  doub N N 174 
GLU CD  OE2  sing N N 175 
GLU OE2 HE2  sing N N 176 
GLU OXT HXT  sing N N 177 
GLY N   CA   sing N N 178 
GLY N   H    sing N N 179 
GLY N   H2   sing N N 180 
GLY CA  C    sing N N 181 
GLY CA  HA2  sing N N 182 
GLY CA  HA3  sing N N 183 
GLY C   O    doub N N 184 
GLY C   OXT  sing N N 185 
GLY OXT HXT  sing N N 186 
HIS N   CA   sing N N 187 
HIS N   H    sing N N 188 
HIS N   H2   sing N N 189 
HIS CA  C    sing N N 190 
HIS CA  CB   sing N N 191 
HIS CA  HA   sing N N 192 
HIS C   O    doub N N 193 
HIS C   OXT  sing N N 194 
HIS CB  CG   sing N N 195 
HIS CB  HB2  sing N N 196 
HIS CB  HB3  sing N N 197 
HIS CG  ND1  sing Y N 198 
HIS CG  CD2  doub Y N 199 
HIS ND1 CE1  doub Y N 200 
HIS ND1 HD1  sing N N 201 
HIS CD2 NE2  sing Y N 202 
HIS CD2 HD2  sing N N 203 
HIS CE1 NE2  sing Y N 204 
HIS CE1 HE1  sing N N 205 
HIS NE2 HE2  sing N N 206 
HIS OXT HXT  sing N N 207 
HOH O   H1   sing N N 208 
HOH O   H2   sing N N 209 
ILE N   CA   sing N N 210 
ILE N   H    sing N N 211 
ILE N   H2   sing N N 212 
ILE CA  C    sing N N 213 
ILE CA  CB   sing N N 214 
ILE CA  HA   sing N N 215 
ILE C   O    doub N N 216 
ILE C   OXT  sing N N 217 
ILE CB  CG1  sing N N 218 
ILE CB  CG2  sing N N 219 
ILE CB  HB   sing N N 220 
ILE CG1 CD1  sing N N 221 
ILE CG1 HG12 sing N N 222 
ILE CG1 HG13 sing N N 223 
ILE CG2 HG21 sing N N 224 
ILE CG2 HG22 sing N N 225 
ILE CG2 HG23 sing N N 226 
ILE CD1 HD11 sing N N 227 
ILE CD1 HD12 sing N N 228 
ILE CD1 HD13 sing N N 229 
ILE OXT HXT  sing N N 230 
LEU N   CA   sing N N 231 
LEU N   H    sing N N 232 
LEU N   H2   sing N N 233 
LEU CA  C    sing N N 234 
LEU CA  CB   sing N N 235 
LEU CA  HA   sing N N 236 
LEU C   O    doub N N 237 
LEU C   OXT  sing N N 238 
LEU CB  CG   sing N N 239 
LEU CB  HB2  sing N N 240 
LEU CB  HB3  sing N N 241 
LEU CG  CD1  sing N N 242 
LEU CG  CD2  sing N N 243 
LEU CG  HG   sing N N 244 
LEU CD1 HD11 sing N N 245 
LEU CD1 HD12 sing N N 246 
LEU CD1 HD13 sing N N 247 
LEU CD2 HD21 sing N N 248 
LEU CD2 HD22 sing N N 249 
LEU CD2 HD23 sing N N 250 
LEU OXT HXT  sing N N 251 
LYS N   CA   sing N N 252 
LYS N   H    sing N N 253 
LYS N   H2   sing N N 254 
LYS CA  C    sing N N 255 
LYS CA  CB   sing N N 256 
LYS CA  HA   sing N N 257 
LYS C   O    doub N N 258 
LYS C   OXT  sing N N 259 
LYS CB  CG   sing N N 260 
LYS CB  HB2  sing N N 261 
LYS CB  HB3  sing N N 262 
LYS CG  CD   sing N N 263 
LYS CG  HG2  sing N N 264 
LYS CG  HG3  sing N N 265 
LYS CD  CE   sing N N 266 
LYS CD  HD2  sing N N 267 
LYS CD  HD3  sing N N 268 
LYS CE  NZ   sing N N 269 
LYS CE  HE2  sing N N 270 
LYS CE  HE3  sing N N 271 
LYS NZ  HZ1  sing N N 272 
LYS NZ  HZ2  sing N N 273 
LYS NZ  HZ3  sing N N 274 
LYS OXT HXT  sing N N 275 
MET N   CA   sing N N 276 
MET N   H    sing N N 277 
MET N   H2   sing N N 278 
MET CA  C    sing N N 279 
MET CA  CB   sing N N 280 
MET CA  HA   sing N N 281 
MET C   O    doub N N 282 
MET C   OXT  sing N N 283 
MET CB  CG   sing N N 284 
MET CB  HB2  sing N N 285 
MET CB  HB3  sing N N 286 
MET CG  SD   sing N N 287 
MET CG  HG2  sing N N 288 
MET CG  HG3  sing N N 289 
MET SD  CE   sing N N 290 
MET CE  HE1  sing N N 291 
MET CE  HE2  sing N N 292 
MET CE  HE3  sing N N 293 
MET OXT HXT  sing N N 294 
PHE N   CA   sing N N 295 
PHE N   H    sing N N 296 
PHE N   H2   sing N N 297 
PHE CA  C    sing N N 298 
PHE CA  CB   sing N N 299 
PHE CA  HA   sing N N 300 
PHE C   O    doub N N 301 
PHE C   OXT  sing N N 302 
PHE CB  CG   sing N N 303 
PHE CB  HB2  sing N N 304 
PHE CB  HB3  sing N N 305 
PHE CG  CD1  doub Y N 306 
PHE CG  CD2  sing Y N 307 
PHE CD1 CE1  sing Y N 308 
PHE CD1 HD1  sing N N 309 
PHE CD2 CE2  doub Y N 310 
PHE CD2 HD2  sing N N 311 
PHE CE1 CZ   doub Y N 312 
PHE CE1 HE1  sing N N 313 
PHE CE2 CZ   sing Y N 314 
PHE CE2 HE2  sing N N 315 
PHE CZ  HZ   sing N N 316 
PHE OXT HXT  sing N N 317 
PRO N   CA   sing N N 318 
PRO N   CD   sing N N 319 
PRO N   H    sing N N 320 
PRO CA  C    sing N N 321 
PRO CA  CB   sing N N 322 
PRO CA  HA   sing N N 323 
PRO C   O    doub N N 324 
PRO C   OXT  sing N N 325 
PRO CB  CG   sing N N 326 
PRO CB  HB2  sing N N 327 
PRO CB  HB3  sing N N 328 
PRO CG  CD   sing N N 329 
PRO CG  HG2  sing N N 330 
PRO CG  HG3  sing N N 331 
PRO CD  HD2  sing N N 332 
PRO CD  HD3  sing N N 333 
PRO OXT HXT  sing N N 334 
SER N   CA   sing N N 335 
SER N   H    sing N N 336 
SER N   H2   sing N N 337 
SER CA  C    sing N N 338 
SER CA  CB   sing N N 339 
SER CA  HA   sing N N 340 
SER C   O    doub N N 341 
SER C   OXT  sing N N 342 
SER CB  OG   sing N N 343 
SER CB  HB2  sing N N 344 
SER CB  HB3  sing N N 345 
SER OG  HG   sing N N 346 
SER OXT HXT  sing N N 347 
THR N   CA   sing N N 348 
THR N   H    sing N N 349 
THR N   H2   sing N N 350 
THR CA  C    sing N N 351 
THR CA  CB   sing N N 352 
THR CA  HA   sing N N 353 
THR C   O    doub N N 354 
THR C   OXT  sing N N 355 
THR CB  OG1  sing N N 356 
THR CB  CG2  sing N N 357 
THR CB  HB   sing N N 358 
THR OG1 HG1  sing N N 359 
THR CG2 HG21 sing N N 360 
THR CG2 HG22 sing N N 361 
THR CG2 HG23 sing N N 362 
THR OXT HXT  sing N N 363 
TRP N   CA   sing N N 364 
TRP N   H    sing N N 365 
TRP N   H2   sing N N 366 
TRP CA  C    sing N N 367 
TRP CA  CB   sing N N 368 
TRP CA  HA   sing N N 369 
TRP C   O    doub N N 370 
TRP C   OXT  sing N N 371 
TRP CB  CG   sing N N 372 
TRP CB  HB2  sing N N 373 
TRP CB  HB3  sing N N 374 
TRP CG  CD1  doub Y N 375 
TRP CG  CD2  sing Y N 376 
TRP CD1 NE1  sing Y N 377 
TRP CD1 HD1  sing N N 378 
TRP CD2 CE2  doub Y N 379 
TRP CD2 CE3  sing Y N 380 
TRP NE1 CE2  sing Y N 381 
TRP NE1 HE1  sing N N 382 
TRP CE2 CZ2  sing Y N 383 
TRP CE3 CZ3  doub Y N 384 
TRP CE3 HE3  sing N N 385 
TRP CZ2 CH2  doub Y N 386 
TRP CZ2 HZ2  sing N N 387 
TRP CZ3 CH2  sing Y N 388 
TRP CZ3 HZ3  sing N N 389 
TRP CH2 HH2  sing N N 390 
TRP OXT HXT  sing N N 391 
TYR N   CA   sing N N 392 
TYR N   H    sing N N 393 
TYR N   H2   sing N N 394 
TYR CA  C    sing N N 395 
TYR CA  CB   sing N N 396 
TYR CA  HA   sing N N 397 
TYR C   O    doub N N 398 
TYR C   OXT  sing N N 399 
TYR CB  CG   sing N N 400 
TYR CB  HB2  sing N N 401 
TYR CB  HB3  sing N N 402 
TYR CG  CD1  doub Y N 403 
TYR CG  CD2  sing Y N 404 
TYR CD1 CE1  sing Y N 405 
TYR CD1 HD1  sing N N 406 
TYR CD2 CE2  doub Y N 407 
TYR CD2 HD2  sing N N 408 
TYR CE1 CZ   doub Y N 409 
TYR CE1 HE1  sing N N 410 
TYR CE2 CZ   sing Y N 411 
TYR CE2 HE2  sing N N 412 
TYR CZ  OH   sing N N 413 
TYR OH  HH   sing N N 414 
TYR OXT HXT  sing N N 415 
VAL N   CA   sing N N 416 
VAL N   H    sing N N 417 
VAL N   H2   sing N N 418 
VAL CA  C    sing N N 419 
VAL CA  CB   sing N N 420 
VAL CA  HA   sing N N 421 
VAL C   O    doub N N 422 
VAL C   OXT  sing N N 423 
VAL CB  CG1  sing N N 424 
VAL CB  CG2  sing N N 425 
VAL CB  HB   sing N N 426 
VAL CG1 HG11 sing N N 427 
VAL CG1 HG12 sing N N 428 
VAL CG1 HG13 sing N N 429 
VAL CG2 HG21 sing N N 430 
VAL CG2 HG22 sing N N 431 
VAL CG2 HG23 sing N N 432 
VAL OXT HXT  sing N N 433 
# 
_pdbx_initial_refinement_model.id               1 
_pdbx_initial_refinement_model.entity_id_list   ? 
_pdbx_initial_refinement_model.type             'experimental model' 
_pdbx_initial_refinement_model.source_name      PDB 
_pdbx_initial_refinement_model.accession_code   5FML 
_pdbx_initial_refinement_model.details          PDB:5FML 
# 
_atom_sites.entry_id                    6FS9 
_atom_sites.fract_transf_matrix[1][1]   -0.00689967 
_atom_sites.fract_transf_matrix[1][2]   -0.00956086 
_atom_sites.fract_transf_matrix[1][3]   -0.01036093 
_atom_sites.fract_transf_matrix[2][1]   -0.01360830 
_atom_sites.fract_transf_matrix[2][2]   0.00150211 
_atom_sites.fract_transf_matrix[2][3]   0.00767608 
_atom_sites.fract_transf_matrix[3][1]   -0.00187166 
_atom_sites.fract_transf_matrix[3][2]   0.00627775 
_atom_sites.fract_transf_matrix[3][3]   -0.00454658 
_atom_sites.fract_transf_vector[1]      0.056207 
_atom_sites.fract_transf_vector[2]      0.198861 
_atom_sites.fract_transf_vector[3]      -0.181936 
# 
loop_
_atom_type.symbol 
C  
CL 
F  
MN 
N  
O  
S  
# 
loop_
_atom_site.group_PDB 
_atom_site.id 
_atom_site.type_symbol 
_atom_site.label_atom_id 
_atom_site.label_alt_id 
_atom_site.label_comp_id 
_atom_site.label_asym_id 
_atom_site.label_entity_id 
_atom_site.label_seq_id 
_atom_site.pdbx_PDB_ins_code 
_atom_site.Cartn_x 
_atom_site.Cartn_y 
_atom_site.Cartn_z 
_atom_site.occupancy 
_atom_site.B_iso_or_equiv 
_atom_site.pdbx_formal_charge 
_atom_site.auth_seq_id 
_atom_site.auth_comp_id 
_atom_site.auth_asym_id 
_atom_site.auth_atom_id 
_atom_site.pdbx_PDB_model_num 
ATOM   1    N  N   . MET A 1 7   ? -5.393  8.497   -25.010 1.00 30.00  ? -1  MET A N   1 
ATOM   2    C  CA  . MET A 1 7   ? -4.232  8.024   -24.266 1.00 30.00  ? -1  MET A CA  1 
ATOM   3    C  C   . MET A 1 7   ? -4.443  6.597   -23.779 1.00 30.00  ? -1  MET A C   1 
ATOM   4    O  O   . MET A 1 7   ? -5.528  6.242   -23.343 1.00 30.00  ? -1  MET A O   1 
ATOM   5    C  CB  . MET A 1 7   ? -3.941  8.947   -23.081 1.00 30.00  ? -1  MET A CB  1 
ATOM   6    C  CG  . MET A 1 7   ? -2.498  8.913   -22.609 1.00 30.00  ? -1  MET A CG  1 
ATOM   7    S  SD  . MET A 1 7   ? -2.262  9.579   -20.953 1.00 30.00  ? -1  MET A SD  1 
ATOM   8    C  CE  . MET A 1 7   ? -1.382  11.087  -21.316 1.00 30.00  ? -1  MET A CE  1 
ATOM   9    N  N   . ALA A 1 8   ? -3.405  5.779   -23.867 1.00 52.44  ? 0   ALA A N   1 
ATOM   10   C  CA  . ALA A 1 8   ? -3.493  4.402   -23.422 1.00 60.02  ? 0   ALA A CA  1 
ATOM   11   C  C   . ALA A 1 8   ? -3.079  4.315   -21.968 1.00 53.86  ? 0   ALA A C   1 
ATOM   12   O  O   . ALA A 1 8   ? -2.424  5.208   -21.453 1.00 62.84  ? 0   ALA A O   1 
ATOM   13   C  CB  . ALA A 1 8   ? -2.617  3.511   -24.277 1.00 48.78  ? 0   ALA A CB  1 
ATOM   14   N  N   . MET A 1 9   ? -3.472  3.235   -21.310 1.00 54.66  ? 1   MET A N   1 
ATOM   15   C  CA  . MET A 1 9   ? -3.141  3.024   -19.912 1.00 55.90  ? 1   MET A CA  1 
ATOM   16   C  C   . MET A 1 9   ? -1.630  2.995   -19.716 1.00 52.88  ? 1   MET A C   1 
ATOM   17   O  O   . MET A 1 9   ? -1.102  3.682   -18.858 1.00 49.81  ? 1   MET A O   1 
ATOM   18   C  CB  . MET A 1 9   ? -3.785  1.736   -19.409 1.00 57.20  ? 1   MET A CB  1 
ATOM   19   C  CG  . MET A 1 9   ? -3.763  1.564   -17.903 1.00 66.88  ? 1   MET A CG  1 
ATOM   20   S  SD  . MET A 1 9   ? -4.315  3.002   -16.980 1.00 58.35  ? 1   MET A SD  1 
ATOM   21   C  CE  . MET A 1 9   ? -5.990  2.527   -16.604 1.00 60.49  ? 1   MET A CE  1 
ATOM   22   N  N   . ASP A 1 10  ? -0.933  2.195   -20.513 1.00 59.51  ? 2   ASP A N   1 
ATOM   23   C  CA  . ASP A 1 10  ? 0.536   2.135   -20.413 1.00 65.67  ? 2   ASP A CA  1 
ATOM   24   C  C   . ASP A 1 10  ? 1.188   3.516   -20.478 1.00 59.59  ? 2   ASP A C   1 
ATOM   25   O  O   . ASP A 1 10  ? 2.067   3.792   -19.697 1.00 63.19  ? 2   ASP A O   1 
ATOM   26   C  CB  . ASP A 1 10  ? 1.163   1.196   -21.460 1.00 75.79  ? 2   ASP A CB  1 
ATOM   27   C  CG  . ASP A 1 10  ? 1.137   -0.278  -21.020 1.00 100.50 ? 2   ASP A CG  1 
ATOM   28   O  OD1 . ASP A 1 10  ? 1.815   -0.664  -20.022 1.00 110.96 ? 2   ASP A OD1 1 
ATOM   29   O  OD2 . ASP A 1 10  ? 0.433   -1.070  -21.687 1.00 118.57 ? 2   ASP A OD2 1 
ATOM   30   N  N   . THR A 1 11  ? 0.747   4.383   -21.388 1.00 54.28  ? 3   THR A N   1 
ATOM   31   C  CA  . THR A 1 11  ? 1.285   5.722   -21.461 1.00 52.99  ? 3   THR A CA  1 
ATOM   32   C  C   . THR A 1 11  ? 0.956   6.553   -20.195 1.00 47.93  ? 3   THR A C   1 
ATOM   33   O  O   . THR A 1 11  ? 1.830   7.243   -19.598 1.00 45.31  ? 3   THR A O   1 
ATOM   34   C  CB  . THR A 1 11  ? 0.768   6.456   -22.721 1.00 56.86  ? 3   THR A CB  1 
ATOM   35   O  OG1 . THR A 1 11  ? 1.033   5.653   -23.863 1.00 59.49  ? 3   THR A OG1 1 
ATOM   36   C  CG2 . THR A 1 11  ? 1.450   7.824   -22.897 1.00 50.45  ? 3   THR A CG2 1 
ATOM   37   N  N   . PHE A 1 12  ? -0.290  6.484   -19.765 1.00 48.84  ? 4   PHE A N   1 
ATOM   38   C  CA  . PHE A 1 12  ? -0.655  7.124   -18.512 1.00 53.20  ? 4   PHE A CA  1 
ATOM   39   C  C   . PHE A 1 12  ? 0.261   6.683   -17.348 1.00 54.44  ? 4   PHE A C   1 
ATOM   40   O  O   . PHE A 1 12  ? 0.790   7.527   -16.599 1.00 55.75  ? 4   PHE A O   1 
ATOM   41   C  CB  . PHE A 1 12  ? -2.095  6.816   -18.153 1.00 56.04  ? 4   PHE A CB  1 
ATOM   42   C  CG  . PHE A 1 12  ? -2.574  7.625   -16.993 1.00 59.89  ? 4   PHE A CG  1 
ATOM   43   C  CD1 . PHE A 1 12  ? -2.995  8.940   -17.184 1.00 57.18  ? 4   PHE A CD1 1 
ATOM   44   C  CD2 . PHE A 1 12  ? -2.554  7.104   -15.707 1.00 59.86  ? 4   PHE A CD2 1 
ATOM   45   C  CE1 . PHE A 1 12  ? -3.425  9.707   -16.111 1.00 66.26  ? 4   PHE A CE1 1 
ATOM   46   C  CE2 . PHE A 1 12  ? -2.991  7.867   -14.616 1.00 68.33  ? 4   PHE A CE2 1 
ATOM   47   C  CZ  . PHE A 1 12  ? -3.428  9.171   -14.821 1.00 67.14  ? 4   PHE A CZ  1 
ATOM   48   N  N   . ILE A 1 13  ? 0.458   5.357   -17.224 1.00 48.82  ? 5   ILE A N   1 
ATOM   49   C  CA  . ILE A 1 13  ? 1.317   4.796   -16.172 1.00 52.11  ? 5   ILE A CA  1 
ATOM   50   C  C   . ILE A 1 13  ? 2.730   5.407   -16.183 1.00 49.73  ? 5   ILE A C   1 
ATOM   51   O  O   . ILE A 1 13  ? 3.243   5.923   -15.157 1.00 50.52  ? 5   ILE A O   1 
ATOM   52   C  CB  . ILE A 1 13  ? 1.308   3.230   -16.200 1.00 51.46  ? 5   ILE A CB  1 
ATOM   53   C  CG1 . ILE A 1 13  ? -0.082  2.750   -15.753 1.00 49.94  ? 5   ILE A CG1 1 
ATOM   54   C  CG2 . ILE A 1 13  ? 2.404   2.625   -15.305 1.00 46.06  ? 5   ILE A CG2 1 
ATOM   55   C  CD1 . ILE A 1 13  ? -0.455  1.361   -16.231 1.00 54.11  ? 5   ILE A CD1 1 
ATOM   56   N  N   . THR A 1 14  ? 3.329   5.402   -17.355 1.00 48.52  ? 6   THR A N   1 
ATOM   57   C  CA  . THR A 1 14  ? 4.691   5.879   -17.489 1.00 55.26  ? 6   THR A CA  1 
ATOM   58   C  C   . THR A 1 14  ? 4.754   7.396   -17.181 1.00 53.85  ? 6   THR A C   1 
ATOM   59   O  O   . THR A 1 14  ? 5.736   7.847   -16.650 1.00 59.42  ? 6   THR A O   1 
ATOM   60   C  CB  . THR A 1 14  ? 5.334   5.429   -18.824 1.00 54.45  ? 6   THR A CB  1 
ATOM   61   O  OG1 . THR A 1 14  ? 4.769   6.137   -19.919 1.00 71.55  ? 6   THR A OG1 1 
ATOM   62   C  CG2 . THR A 1 14  ? 5.081   3.966   -19.074 1.00 57.63  ? 6   THR A CG2 1 
ATOM   63   N  N   . ARG A 1 15  ? 3.672   8.144   -17.414 1.00 57.18  ? 7   ARG A N   1 
ATOM   64   C  CA  . ARG A 1 15  ? 3.639   9.596   -17.123 1.00 60.82  ? 7   ARG A CA  1 
ATOM   65   C  C   . ARG A 1 15  ? 3.301   9.997   -15.708 1.00 64.73  ? 7   ARG A C   1 
ATOM   66   O  O   . ARG A 1 15  ? 3.646   11.110  -15.294 1.00 63.53  ? 7   ARG A O   1 
ATOM   67   C  CB  . ARG A 1 15  ? 2.631   10.298  -18.031 1.00 64.35  ? 7   ARG A CB  1 
ATOM   68   C  CG  . ARG A 1 15  ? 3.079   10.310  -19.475 1.00 71.56  ? 7   ARG A CG  1 
ATOM   69   C  CD  . ARG A 1 15  ? 2.370   11.342  -20.315 1.00 77.13  ? 7   ARG A CD  1 
ATOM   70   N  NE  . ARG A 1 15  ? 2.759   11.181  -21.710 1.00 88.15  ? 7   ARG A NE  1 
ATOM   71   C  CZ  . ARG A 1 15  ? 2.106   11.685  -22.755 1.00 93.81  ? 7   ARG A CZ  1 
ATOM   72   N  NH1 . ARG A 1 15  ? 1.013   12.423  -22.601 1.00 93.38  ? 7   ARG A NH1 1 
ATOM   73   N  NH2 . ARG A 1 15  ? 2.550   11.433  -23.975 1.00 95.02  ? 7   ARG A NH2 1 
ATOM   74   N  N   . ASN A 1 16  ? 2.596   9.131   -14.979 1.00 65.36  ? 8   ASN A N   1 
ATOM   75   C  CA  . ASN A 1 16  ? 2.125   9.447   -13.611 1.00 56.70  ? 8   ASN A CA  1 
ATOM   76   C  C   . ASN A 1 16  ? 2.798   8.722   -12.425 1.00 57.89  ? 8   ASN A C   1 
ATOM   77   O  O   . ASN A 1 16  ? 2.489   8.995   -11.266 1.00 56.89  ? 8   ASN A O   1 
ATOM   78   C  CB  . ASN A 1 16  ? 0.625   9.257   -13.605 1.00 53.72  ? 8   ASN A CB  1 
ATOM   79   C  CG  . ASN A 1 16  ? -0.070  10.244  -14.543 1.00 55.63  ? 8   ASN A CG  1 
ATOM   80   O  OD1 . ASN A 1 16  ? -0.340  11.351  -14.157 1.00 67.05  ? 8   ASN A OD1 1 
ATOM   81   N  ND2 . ASN A 1 16  ? -0.321  9.850   -15.772 1.00 61.84  ? 8   ASN A ND2 1 
ATOM   82   N  N   . PHE A 1 17  ? 3.710   7.792   -12.704 1.00 54.51  ? 9   PHE A N   1 
ATOM   83   C  CA  . PHE A 1 17  ? 4.362   7.051   -11.668 1.00 48.29  ? 9   PHE A CA  1 
ATOM   84   C  C   . PHE A 1 17  ? 5.876   7.053   -11.891 1.00 46.19  ? 9   PHE A C   1 
ATOM   85   O  O   . PHE A 1 17  ? 6.366   6.991   -13.007 1.00 55.86  ? 9   PHE A O   1 
ATOM   86   C  CB  . PHE A 1 17  ? 3.794   5.621   -11.653 1.00 51.15  ? 9   PHE A CB  1 
ATOM   87   C  CG  . PHE A 1 17  ? 2.335   5.527   -11.217 1.00 48.75  ? 9   PHE A CG  1 
ATOM   88   C  CD1 . PHE A 1 17  ? 1.979   5.634   -9.856  1.00 52.23  ? 9   PHE A CD1 1 
ATOM   89   C  CD2 . PHE A 1 17  ? 1.345   5.291   -12.127 1.00 47.08  ? 9   PHE A CD2 1 
ATOM   90   C  CE1 . PHE A 1 17  ? 0.677   5.537   -9.443  1.00 48.17  ? 9   PHE A CE1 1 
ATOM   91   C  CE2 . PHE A 1 17  ? 0.019   5.177   -11.725 1.00 56.05  ? 9   PHE A CE2 1 
ATOM   92   C  CZ  . PHE A 1 17  ? -0.320  5.311   -10.381 1.00 53.67  ? 9   PHE A CZ  1 
ATOM   93   N  N   . GLN A 1 18  ? 6.608   7.117   -10.802 1.00 51.28  ? 10  GLN A N   1 
ATOM   94   C  CA  . GLN A 1 18  ? 8.061   6.969   -10.790 1.00 53.59  ? 10  GLN A CA  1 
ATOM   95   C  C   . GLN A 1 18  ? 8.525   5.606   -11.356 1.00 54.80  ? 10  GLN A C   1 
ATOM   96   O  O   . GLN A 1 18  ? 7.903   4.575   -11.112 1.00 58.24  ? 10  GLN A O   1 
ATOM   97   C  CB  . GLN A 1 18  ? 8.513   7.017   -9.342  1.00 58.11  ? 10  GLN A CB  1 
ATOM   98   C  CG  . GLN A 1 18  ? 8.061   8.269   -8.575  1.00 67.87  ? 10  GLN A CG  1 
ATOM   99   C  CD  . GLN A 1 18  ? 8.516   8.292   -7.127  1.00 72.30  ? 10  GLN A CD  1 
ATOM   100  O  OE1 . GLN A 1 18  ? 8.473   9.319   -6.490  1.00 93.86  ? 10  GLN A OE1 1 
ATOM   101  N  NE2 . GLN A 1 18  ? 8.976   7.187   -6.629  1.00 63.91  ? 10  GLN A NE2 1 
ATOM   102  N  N   . THR A 1 19  ? 9.623   5.612   -12.081 1.00 51.02  ? 11  THR A N   1 
ATOM   103  C  CA  . THR A 1 19  ? 10.264  4.405   -12.611 1.00 61.36  ? 11  THR A CA  1 
ATOM   104  C  C   . THR A 1 19  ? 10.472  3.290   -11.562 1.00 58.02  ? 11  THR A C   1 
ATOM   105  O  O   . THR A 1 19  ? 10.296  2.143   -11.861 1.00 54.75  ? 11  THR A O   1 
ATOM   106  C  CB  . THR A 1 19  ? 11.631  4.767   -13.307 1.00 59.46  ? 11  THR A CB  1 
ATOM   107  O  OG1 . THR A 1 19  ? 11.364  5.728   -14.317 1.00 56.36  ? 11  THR A OG1 1 
ATOM   108  C  CG2 . THR A 1 19  ? 12.295  3.594   -13.964 1.00 67.40  ? 11  THR A CG2 1 
ATOM   109  N  N   . THR A 1 20  ? 10.797  3.625   -10.333 1.00 56.13  ? 12  THR A N   1 
ATOM   110  C  CA  . THR A 1 20  ? 11.098  2.586   -9.355  1.00 63.38  ? 12  THR A CA  1 
ATOM   111  C  C   . THR A 1 20  ? 9.837   1.778   -9.053  1.00 56.49  ? 12  THR A C   1 
ATOM   112  O  O   . THR A 1 20  ? 9.876   0.558   -8.961  1.00 56.04  ? 12  THR A O   1 
ATOM   113  C  CB  . THR A 1 20  ? 11.684  3.174   -8.027  1.00 63.11  ? 12  THR A CB  1 
ATOM   114  O  OG1 . THR A 1 20  ? 12.695  4.117   -8.324  1.00 72.76  ? 12  THR A OG1 1 
ATOM   115  C  CG2 . THR A 1 20  ? 12.368  2.133   -7.218  1.00 74.15  ? 12  THR A CG2 1 
ATOM   116  N  N   . ILE A 1 21  ? 8.726   2.485   -8.904  1.00 54.40  ? 13  ILE A N   1 
ATOM   117  C  CA  . ILE A 1 21  ? 7.460   1.852   -8.554  1.00 52.10  ? 13  ILE A CA  1 
ATOM   118  C  C   . ILE A 1 21  ? 7.004   0.957   -9.705  1.00 45.19  ? 13  ILE A C   1 
ATOM   119  O  O   . ILE A 1 21  ? 6.494   -0.117  -9.468  1.00 45.14  ? 13  ILE A O   1 
ATOM   120  C  CB  . ILE A 1 21  ? 6.350   2.897   -8.304  1.00 48.97  ? 13  ILE A CB  1 
ATOM   121  C  CG1 . ILE A 1 21  ? 6.723   3.935   -7.192  1.00 56.05  ? 13  ILE A CG1 1 
ATOM   122  C  CG2 . ILE A 1 21  ? 5.007   2.220   -8.055  1.00 50.37  ? 13  ILE A CG2 1 
ATOM   123  C  CD1 . ILE A 1 21  ? 7.242   3.393   -5.918  1.00 55.16  ? 13  ILE A CD1 1 
ATOM   124  N  N   . ILE A 1 22  ? 7.172   1.430   -10.942 1.00 45.83  ? 14  ILE A N   1 
ATOM   125  C  CA  . ILE A 1 22  ? 6.673   0.716   -12.094 1.00 46.54  ? 14  ILE A CA  1 
ATOM   126  C  C   . ILE A 1 22  ? 7.436   -0.610  -12.210 1.00 48.62  ? 14  ILE A C   1 
ATOM   127  O  O   . ILE A 1 22  ? 6.825   -1.657  -12.339 1.00 49.18  ? 14  ILE A O   1 
ATOM   128  C  CB  . ILE A 1 22  ? 6.756   1.513   -13.403 1.00 43.06  ? 14  ILE A CB  1 
ATOM   129  C  CG1 . ILE A 1 22  ? 5.938   2.784   -13.274 1.00 44.79  ? 14  ILE A CG1 1 
ATOM   130  C  CG2 . ILE A 1 22  ? 6.229   0.686   -14.592 1.00 45.71  ? 14  ILE A CG2 1 
ATOM   131  C  CD1 . ILE A 1 22  ? 6.217   3.814   -14.348 1.00 38.51  ? 14  ILE A CD1 1 
ATOM   132  N  N   . GLN A 1 23  ? 8.752   -0.541  -12.142 1.00 50.46  ? 15  GLN A N   1 
ATOM   133  C  CA  . GLN A 1 23  ? 9.642   -1.705  -12.231 1.00 55.60  ? 15  GLN A CA  1 
ATOM   134  C  C   . GLN A 1 23  ? 9.254   -2.778  -11.152 1.00 54.08  ? 15  GLN A C   1 
ATOM   135  O  O   . GLN A 1 23  ? 9.001   -3.959  -11.462 1.00 45.60  ? 15  GLN A O   1 
ATOM   136  C  CB  . GLN A 1 23  ? 11.106  -1.175  -12.138 1.00 63.30  ? 15  GLN A CB  1 
ATOM   137  C  CG  . GLN A 1 23  ? 12.314  -2.138  -12.172 1.00 83.84  ? 15  GLN A CG  1 
ATOM   138  C  CD  . GLN A 1 23  ? 13.595  -1.553  -11.453 1.00 92.51  ? 15  GLN A CD  1 
ATOM   139  O  OE1 . GLN A 1 23  ? 13.779  -0.319  -11.284 1.00 80.71  ? 15  GLN A OE1 1 
ATOM   140  N  NE2 . GLN A 1 23  ? 14.464  -2.459  -11.011 1.00 88.00  ? 15  GLN A NE2 1 
ATOM   141  N  N   . LYS A 1 24  ? 9.102   -2.335  -9.912  1.00 47.96  ? 16  LYS A N   1 
ATOM   142  C  CA  . LYS A 1 24  ? 8.675   -3.225  -8.854  1.00 51.62  ? 16  LYS A CA  1 
ATOM   143  C  C   . LYS A 1 24  ? 7.323   -3.855  -9.071  1.00 47.43  ? 16  LYS A C   1 
ATOM   144  O  O   . LYS A 1 24  ? 7.111   -5.044  -8.757  1.00 45.90  ? 16  LYS A O   1 
ATOM   145  C  CB  . LYS A 1 24  ? 8.713   -2.517  -7.494  1.00 54.14  ? 16  LYS A CB  1 
ATOM   146  C  CG  . LYS A 1 24  ? 10.108  -2.516  -6.961  1.00 52.51  ? 16  LYS A CG  1 
ATOM   147  C  CD  . LYS A 1 24  ? 10.363  -1.519  -5.881  1.00 66.46  ? 16  LYS A CD  1 
ATOM   148  C  CE  . LYS A 1 24  ? 11.816  -1.620  -5.453  1.00 68.93  ? 16  LYS A CE  1 
ATOM   149  N  NZ  . LYS A 1 24  ? 12.176  -0.454  -4.624  1.00 81.26  ? 16  LYS A NZ  1 
ATOM   150  N  N   . ALA A 1 25  ? 6.370   -3.084  -9.563  1.00 47.04  ? 17  ALA A N   1 
ATOM   151  C  CA  . ALA A 1 25  ? 5.063   -3.678  -9.716  1.00 42.92  ? 17  ALA A CA  1 
ATOM   152  C  C   . ALA A 1 25  ? 5.086   -4.753  -10.848 1.00 44.46  ? 17  ALA A C   1 
ATOM   153  O  O   . ALA A 1 25  ? 4.459   -5.794  -10.725 1.00 46.10  ? 17  ALA A O   1 
ATOM   154  C  CB  . ALA A 1 25  ? 4.038   -2.615  -9.953  1.00 44.07  ? 17  ALA A CB  1 
ATOM   155  N  N   . LYS A 1 26  ? 5.815   -4.476  -11.922 1.00 47.11  ? 18  LYS A N   1 
ATOM   156  C  CA  . LYS A 1 26  ? 6.027   -5.388  -13.016 1.00 48.14  ? 18  LYS A CA  1 
ATOM   157  C  C   . LYS A 1 26  ? 6.744   -6.592  -12.513 1.00 46.73  ? 18  LYS A C   1 
ATOM   158  O  O   . LYS A 1 26  ? 6.353   -7.695  -12.816 1.00 41.63  ? 18  LYS A O   1 
ATOM   159  C  CB  . LYS A 1 26  ? 6.905   -4.760  -14.120 1.00 55.37  ? 18  LYS A CB  1 
ATOM   160  C  CG  . LYS A 1 26  ? 6.203   -3.778  -15.024 1.00 58.75  ? 18  LYS A CG  1 
ATOM   161  C  CD  . LYS A 1 26  ? 7.112   -3.236  -16.125 1.00 60.92  ? 18  LYS A CD  1 
ATOM   162  C  CE  . LYS A 1 26  ? 6.226   -2.708  -17.257 1.00 66.85  ? 18  LYS A CE  1 
ATOM   163  N  NZ  . LYS A 1 26  ? 6.703   -1.548  -18.061 1.00 71.08  ? 18  LYS A NZ  1 
ATOM   164  N  N   . ASN A 1 27  ? 7.848   -6.391  -11.797 1.00 47.52  ? 19  ASN A N   1 
ATOM   165  C  CA  . ASN A 1 27  ? 8.536   -7.553  -11.212 1.00 49.68  ? 19  ASN A CA  1 
ATOM   166  C  C   . ASN A 1 27  ? 7.572   -8.445  -10.432 1.00 51.49  ? 19  ASN A C   1 
ATOM   167  O  O   . ASN A 1 27  ? 7.565   -9.687  -10.586 1.00 51.58  ? 19  ASN A O   1 
ATOM   168  C  CB  . ASN A 1 27  ? 9.699   -7.140  -10.331 1.00 46.68  ? 19  ASN A CB  1 
ATOM   169  C  CG  . ASN A 1 27  ? 10.843  -6.531  -11.117 1.00 48.62  ? 19  ASN A CG  1 
ATOM   170  O  OD1 . ASN A 1 27  ? 10.916  -6.627  -12.352 1.00 45.12  ? 19  ASN A OD1 1 
ATOM   171  N  ND2 . ASN A 1 27  ? 11.722  -5.877  -10.411 1.00 43.59  ? 19  ASN A ND2 1 
ATOM   172  N  N   . THR A 1 28  ? 6.715   -7.825  -9.642  1.00 45.40  ? 20  THR A N   1 
ATOM   173  C  CA  . THR A 1 28  ? 5.761   -8.598  -8.893  1.00 48.36  ? 20  THR A CA  1 
ATOM   174  C  C   . THR A 1 28  ? 4.765   -9.333  -9.810  1.00 52.23  ? 20  THR A C   1 
ATOM   175  O  O   . THR A 1 28  ? 4.437   -10.495 -9.583  1.00 57.64  ? 20  THR A O   1 
ATOM   176  C  CB  . THR A 1 28  ? 4.988   -7.698  -7.953  1.00 49.34  ? 20  THR A CB  1 
ATOM   177  O  OG1 . THR A 1 28  ? 5.916   -7.108  -7.060  1.00 54.17  ? 20  THR A OG1 1 
ATOM   178  C  CG2 . THR A 1 28  ? 4.026   -8.503  -7.128  1.00 56.62  ? 20  THR A CG2 1 
ATOM   179  N  N   . MET A 1 29  ? 4.248   -8.664  -10.825 1.00 49.70  ? 21  MET A N   1 
ATOM   180  C  CA  . MET A 1 29  ? 3.283   -9.327  -11.715 1.00 55.26  ? 21  MET A CA  1 
ATOM   181  C  C   . MET A 1 29  ? 3.948   -10.556 -12.388 1.00 49.56  ? 21  MET A C   1 
ATOM   182  O  O   . MET A 1 29  ? 3.320   -11.581 -12.550 1.00 42.97  ? 21  MET A O   1 
ATOM   183  C  CB  . MET A 1 29  ? 2.712   -8.352  -12.757 1.00 54.10  ? 21  MET A CB  1 
ATOM   184  C  CG  . MET A 1 29  ? 1.668   -7.385  -12.230 1.00 51.57  ? 21  MET A CG  1 
ATOM   185  S  SD  . MET A 1 29  ? 1.272   -6.053  -13.395 1.00 52.30  ? 21  MET A SD  1 
ATOM   186  C  CE  . MET A 1 29  ? 0.256   -6.889  -14.634 1.00 46.69  ? 21  MET A CE  1 
ATOM   187  N  N   . ALA A 1 30  ? 5.198   -10.409 -12.789 1.00 45.42  ? 22  ALA A N   1 
ATOM   188  C  CA  . ALA A 1 30  ? 6.005   -11.502 -13.370 1.00 54.36  ? 22  ALA A CA  1 
ATOM   189  C  C   . ALA A 1 30  ? 6.134   -12.740 -12.443 1.00 55.37  ? 22  ALA A C   1 
ATOM   190  O  O   . ALA A 1 30  ? 6.032   -13.875 -12.881 1.00 52.31  ? 22  ALA A O   1 
ATOM   191  C  CB  . ALA A 1 30  ? 7.407   -10.980 -13.770 1.00 49.24  ? 22  ALA A CB  1 
ATOM   192  N  N   . GLU A 1 31  ? 6.329   -12.512 -11.158 1.00 51.98  ? 23  GLU A N   1 
ATOM   193  C  CA  . GLU A 1 31  ? 6.409   -13.600 -10.214 1.00 53.75  ? 23  GLU A CA  1 
ATOM   194  C  C   . GLU A 1 31  ? 5.183   -14.449 -10.255 1.00 53.15  ? 23  GLU A C   1 
ATOM   195  O  O   . GLU A 1 31  ? 5.271   -15.676 -10.133 1.00 59.58  ? 23  GLU A O   1 
ATOM   196  C  CB  . GLU A 1 31  ? 6.537   -13.081 -8.769  1.00 58.46  ? 23  GLU A CB  1 
ATOM   197  C  CG  . GLU A 1 31  ? 7.948   -12.927 -8.297  1.00 61.91  ? 23  GLU A CG  1 
ATOM   198  C  CD  . GLU A 1 31  ? 7.978   -12.420 -6.867  1.00 61.78  ? 23  GLU A CD  1 
ATOM   199  O  OE1 . GLU A 1 31  ? 7.875   -11.204 -6.740  1.00 72.26  ? 23  GLU A OE1 1 
ATOM   200  O  OE2 . GLU A 1 31  ? 8.114   -13.204 -5.898  1.00 57.02  ? 23  GLU A OE2 1 
ATOM   201  N  N   . PHE A 1 32  ? 4.039   -13.781 -10.381 1.00 52.24  ? 24  PHE A N   1 
ATOM   202  C  CA  . PHE A 1 32  ? 2.724   -14.430 -10.578 1.00 54.72  ? 24  PHE A CA  1 
ATOM   203  C  C   . PHE A 1 32  ? 2.412   -14.829 -12.047 1.00 51.10  ? 24  PHE A C   1 
ATOM   204  O  O   . PHE A 1 32  ? 1.273   -15.122 -12.385 1.00 50.03  ? 24  PHE A O   1 
ATOM   205  C  CB  . PHE A 1 32  ? 1.629   -13.487 -9.995  1.00 54.13  ? 24  PHE A CB  1 
ATOM   206  C  CG  . PHE A 1 32  ? 1.640   -13.427 -8.489  1.00 51.03  ? 24  PHE A CG  1 
ATOM   207  C  CD1 . PHE A 1 32  ? 1.207   -14.514 -7.744  1.00 55.61  ? 24  PHE A CD1 1 
ATOM   208  C  CD2 . PHE A 1 32  ? 2.154   -12.328 -7.818  1.00 56.31  ? 24  PHE A CD2 1 
ATOM   209  C  CE1 . PHE A 1 32  ? 1.237   -14.481 -6.350  1.00 55.17  ? 24  PHE A CE1 1 
ATOM   210  C  CE2 . PHE A 1 32  ? 2.199   -12.284 -6.421  1.00 52.94  ? 24  PHE A CE2 1 
ATOM   211  C  CZ  . PHE A 1 32  ? 1.744   -13.369 -5.686  1.00 50.76  ? 24  PHE A CZ  1 
ATOM   212  N  N   . SER A 1 33  ? 3.443   -14.843 -12.898 1.00 56.76  ? 25  SER A N   1 
ATOM   213  C  CA  . SER A 1 33  ? 3.327   -14.775 -14.367 1.00 64.66  ? 25  SER A CA  1 
ATOM   214  C  C   . SER A 1 33  ? 2.108   -14.060 -14.954 1.00 64.16  ? 25  SER A C   1 
ATOM   215  O  O   . SER A 1 33  ? 1.377   -14.601 -15.774 1.00 53.33  ? 25  SER A O   1 
ATOM   216  C  CB  . SER A 1 33  ? 3.564   -16.159 -15.003 1.00 72.88  ? 25  SER A CB  1 
ATOM   217  O  OG  . SER A 1 33  ? 3.107   -17.186 -14.171 1.00 64.21  ? 25  SER A OG  1 
ATOM   218  N  N   . GLU A 1 34  ? 1.877   -12.836 -14.491 1.00 68.67  ? 26  GLU A N   1 
ATOM   219  C  CA  . GLU A 1 34  ? 0.943   -11.945 -15.173 1.00 67.98  ? 26  GLU A CA  1 
ATOM   220  C  C   . GLU A 1 34  ? 1.799   -11.002 -15.977 1.00 61.84  ? 26  GLU A C   1 
ATOM   221  O  O   . GLU A 1 34  ? 2.866   -10.592 -15.543 1.00 69.83  ? 26  GLU A O   1 
ATOM   222  C  CB  . GLU A 1 34  ? 0.028   -11.203 -14.212 1.00 63.29  ? 26  GLU A CB  1 
ATOM   223  C  CG  . GLU A 1 34  ? -0.945  -12.083 -13.454 1.00 67.60  ? 26  GLU A CG  1 
ATOM   224  C  CD  . GLU A 1 34  ? -2.025  -12.705 -14.310 1.00 75.58  ? 26  GLU A CD  1 
ATOM   225  O  OE1 . GLU A 1 34  ? -2.535  -12.047 -15.256 1.00 82.96  ? 26  GLU A OE1 1 
ATOM   226  O  OE2 . GLU A 1 34  ? -2.366  -13.864 -14.005 1.00 81.92  ? 26  GLU A OE2 1 
ATOM   227  N  N   . ASP A 1 35  ? 1.339   -10.706 -17.178 1.00 67.98  ? 27  ASP A N   1 
ATOM   228  C  CA  . ASP A 1 35  ? 2.131   -10.000 -18.177 1.00 66.33  ? 27  ASP A CA  1 
ATOM   229  C  C   . ASP A 1 35  ? 1.632   -8.551  -18.112 1.00 60.18  ? 27  ASP A C   1 
ATOM   230  O  O   . ASP A 1 35  ? 0.435   -8.323  -18.340 1.00 59.55  ? 27  ASP A O   1 
ATOM   231  C  CB  . ASP A 1 35  ? 1.891   -10.595 -19.563 1.00 64.82  ? 27  ASP A CB  1 
ATOM   232  C  CG  . ASP A 1 35  ? 2.770   -9.967  -20.618 1.00 66.43  ? 27  ASP A CG  1 
ATOM   233  O  OD1 . ASP A 1 35  ? 2.478   -8.860  -21.066 1.00 81.56  ? 27  ASP A OD1 1 
ATOM   234  O  OD2 . ASP A 1 35  ? 3.766   -10.575 -21.011 1.00 76.11  ? 27  ASP A OD2 1 
ATOM   235  N  N   . PRO A 1 36  ? 2.520   -7.596  -17.757 1.00 56.85  ? 28  PRO A N   1 
ATOM   236  C  CA  . PRO A 1 36  ? 2.200   -6.157  -17.691 1.00 65.71  ? 28  PRO A CA  1 
ATOM   237  C  C   . PRO A 1 36  ? 1.563   -5.538  -18.966 1.00 73.27  ? 28  PRO A C   1 
ATOM   238  O  O   . PRO A 1 36  ? 0.674   -4.669  -18.868 1.00 71.13  ? 28  PRO A O   1 
ATOM   239  C  CB  . PRO A 1 36  ? 3.566   -5.524  -17.428 1.00 66.03  ? 28  PRO A CB  1 
ATOM   240  C  CG  . PRO A 1 36  ? 4.352   -6.566  -16.696 1.00 67.17  ? 28  PRO A CG  1 
ATOM   241  C  CD  . PRO A 1 36  ? 3.889   -7.877  -17.257 1.00 62.78  ? 28  PRO A CD  1 
ATOM   242  N  N   . GLU A 1 37  ? 2.023   -6.005  -20.134 1.00 74.57  ? 29  GLU A N   1 
ATOM   243  C  CA  . GLU A 1 37  ? 1.495   -5.579  -21.430 1.00 75.69  ? 29  GLU A CA  1 
ATOM   244  C  C   . GLU A 1 37  ? 0.065   -6.072  -21.726 1.00 70.72  ? 29  GLU A C   1 
ATOM   245  O  O   . GLU A 1 37  ? -0.694  -5.366  -22.374 1.00 79.60  ? 29  GLU A O   1 
ATOM   246  C  CB  . GLU A 1 37  ? 2.424   -6.007  -22.572 1.00 87.66  ? 29  GLU A CB  1 
ATOM   247  C  CG  . GLU A 1 37  ? 3.891   -5.594  -22.415 1.00 101.85 ? 29  GLU A CG  1 
ATOM   248  C  CD  . GLU A 1 37  ? 4.692   -5.677  -23.717 1.00 113.94 ? 29  GLU A CD  1 
ATOM   249  O  OE1 . GLU A 1 37  ? 4.094   -5.860  -24.800 1.00 128.28 ? 29  GLU A OE1 1 
ATOM   250  O  OE2 . GLU A 1 37  ? 5.934   -5.564  -23.669 1.00 108.59 ? 29  GLU A OE2 1 
ATOM   251  N  N   . LEU A 1 38  ? -0.312  -7.265  -21.277 1.00 66.86  ? 30  LEU A N   1 
ATOM   252  C  CA  . LEU A 1 38  ? -1.686  -7.781  -21.470 1.00 65.49  ? 30  LEU A CA  1 
ATOM   253  C  C   . LEU A 1 38  ? -2.652  -7.326  -20.387 1.00 69.22  ? 30  LEU A C   1 
ATOM   254  O  O   . LEU A 1 38  ? -3.859  -7.417  -20.584 1.00 62.87  ? 30  LEU A O   1 
ATOM   255  C  CB  . LEU A 1 38  ? -1.721  -9.325  -21.498 1.00 74.93  ? 30  LEU A CB  1 
ATOM   256  C  CG  . LEU A 1 38  ? -0.714  -10.160 -22.352 1.00 90.62  ? 30  LEU A CG  1 
ATOM   257  C  CD1 . LEU A 1 38  ? -1.018  -11.673 -22.300 1.00 83.86  ? 30  LEU A CD1 1 
ATOM   258  C  CD2 . LEU A 1 38  ? -0.638  -9.687  -23.799 1.00 87.14  ? 30  LEU A CD2 1 
ATOM   259  N  N   . GLN A 1 39  ? -2.121  -6.851  -19.252 1.00 71.64  ? 31  GLN A N   1 
ATOM   260  C  CA  . GLN A 1 39  ? -2.895  -6.605  -18.032 1.00 69.38  ? 31  GLN A CA  1 
ATOM   261  C  C   . GLN A 1 39  ? -2.647  -5.177  -17.497 1.00 68.17  ? 31  GLN A C   1 
ATOM   262  O  O   . GLN A 1 39  ? -2.150  -5.007  -16.390 1.00 63.77  ? 31  GLN A O   1 
ATOM   263  C  CB  . GLN A 1 39  ? -2.451  -7.639  -16.981 1.00 75.64  ? 31  GLN A CB  1 
ATOM   264  C  CG  . GLN A 1 39  ? -2.745  -9.089  -17.332 1.00 73.52  ? 31  GLN A CG  1 
ATOM   265  C  CD  . GLN A 1 39  ? -4.217  -9.391  -17.205 1.00 75.77  ? 31  GLN A CD  1 
ATOM   266  O  OE1 . GLN A 1 39  ? -4.690  -9.790  -16.140 1.00 89.05  ? 31  GLN A OE1 1 
ATOM   267  N  NE2 . GLN A 1 39  ? -4.951  -9.193  -18.276 1.00 80.00  ? 31  GLN A NE2 1 
ATOM   268  N  N   . PRO A 1 40  ? -2.949  -4.136  -18.296 1.00 64.52  ? 32  PRO A N   1 
ATOM   269  C  CA  . PRO A 1 40  ? -2.555  -2.793  -17.857 1.00 57.85  ? 32  PRO A CA  1 
ATOM   270  C  C   . PRO A 1 40  ? -3.358  -2.269  -16.664 1.00 51.40  ? 32  PRO A C   1 
ATOM   271  O  O   . PRO A 1 40  ? -2.838  -1.483  -15.908 1.00 47.29  ? 32  PRO A O   1 
ATOM   272  C  CB  . PRO A 1 40  ? -2.729  -1.939  -19.113 1.00 62.45  ? 32  PRO A CB  1 
ATOM   273  C  CG  . PRO A 1 40  ? -3.749  -2.661  -19.927 1.00 64.11  ? 32  PRO A CG  1 
ATOM   274  C  CD  . PRO A 1 40  ? -3.578  -4.121  -19.629 1.00 66.27  ? 32  PRO A CD  1 
ATOM   275  N  N   . ALA A 1 41  ? -4.589  -2.728  -16.466 1.00 47.70  ? 33  ALA A N   1 
ATOM   276  C  CA  . ALA A 1 41  ? -5.304  -2.421  -15.236 1.00 52.28  ? 33  ALA A CA  1 
ATOM   277  C  C   . ALA A 1 41  ? -4.615  -2.986  -13.955 1.00 53.42  ? 33  ALA A C   1 
ATOM   278  O  O   . ALA A 1 41  ? -4.565  -2.334  -12.907 1.00 55.85  ? 33  ALA A O   1 
ATOM   279  C  CB  . ALA A 1 41  ? -6.743  -2.887  -15.319 1.00 50.40  ? 33  ALA A CB  1 
ATOM   280  N  N   . MET A 1 42  ? -4.093  -4.193  -14.021 1.00 51.16  ? 34  MET A N   1 
ATOM   281  C  CA  . MET A 1 42  ? -3.404  -4.749  -12.878 1.00 46.17  ? 34  MET A CA  1 
ATOM   282  C  C   . MET A 1 42  ? -2.145  -3.962  -12.626 1.00 48.33  ? 34  MET A C   1 
ATOM   283  O  O   . MET A 1 42  ? -1.795  -3.661  -11.460 1.00 47.41  ? 34  MET A O   1 
ATOM   284  C  CB  . MET A 1 42  ? -3.081  -6.208  -13.120 1.00 60.45  ? 34  MET A CB  1 
ATOM   285  C  CG  . MET A 1 42  ? -2.460  -6.942  -11.931 1.00 60.77  ? 34  MET A CG  1 
ATOM   286  S  SD  . MET A 1 42  ? -2.248  -8.692  -12.273 1.00 67.11  ? 34  MET A SD  1 
ATOM   287  C  CE  . MET A 1 42  ? -3.980  -9.177  -12.197 1.00 66.83  ? 34  MET A CE  1 
ATOM   288  N  N   . LEU A 1 43  ? -1.449  -3.569  -13.682 1.00 45.10  ? 35  LEU A N   1 
ATOM   289  C  CA  . LEU A 1 43  ? -0.190  -2.822  -13.429 1.00 42.63  ? 35  LEU A CA  1 
ATOM   290  C  C   . LEU A 1 43  ? -0.541  -1.504  -12.770 1.00 44.54  ? 35  LEU A C   1 
ATOM   291  O  O   . LEU A 1 43  ? 0.146   -1.096  -11.862 1.00 44.53  ? 35  LEU A O   1 
ATOM   292  C  CB  . LEU A 1 43  ? 0.598   -2.552  -14.686 1.00 45.06  ? 35  LEU A CB  1 
ATOM   293  C  CG  . LEU A 1 43  ? 1.861   -1.699  -14.626 1.00 46.72  ? 35  LEU A CG  1 
ATOM   294  C  CD1 . LEU A 1 43  ? 2.869   -2.402  -13.737 1.00 44.18  ? 35  LEU A CD1 1 
ATOM   295  C  CD2 . LEU A 1 43  ? 2.428   -1.528  -16.034 1.00 47.74  ? 35  LEU A CD2 1 
ATOM   296  N  N   . PHE A 1 44  ? -1.602  -0.850  -13.215 1.00 41.95  ? 36  PHE A N   1 
ATOM   297  C  CA  . PHE A 1 44  ? -2.005  0.412   -12.634 1.00 46.86  ? 36  PHE A CA  1 
ATOM   298  C  C   . PHE A 1 44  ? -2.294  0.246   -11.132 1.00 47.93  ? 36  PHE A C   1 
ATOM   299  O  O   . PHE A 1 44  ? -1.761  0.979   -10.287 1.00 41.91  ? 36  PHE A O   1 
ATOM   300  C  CB  . PHE A 1 44  ? -3.240  1.010   -13.362 1.00 47.15  ? 36  PHE A CB  1 
ATOM   301  C  CG  . PHE A 1 44  ? -3.764  2.205   -12.687 1.00 43.45  ? 36  PHE A CG  1 
ATOM   302  C  CD1 . PHE A 1 44  ? -3.160  3.436   -12.886 1.00 50.14  ? 36  PHE A CD1 1 
ATOM   303  C  CD2 . PHE A 1 44  ? -4.768  2.092   -11.749 1.00 48.62  ? 36  PHE A CD2 1 
ATOM   304  C  CE1 . PHE A 1 44  ? -3.604  4.560   -12.221 1.00 44.64  ? 36  PHE A CE1 1 
ATOM   305  C  CE2 . PHE A 1 44  ? -5.186  3.202   -11.026 1.00 49.13  ? 36  PHE A CE2 1 
ATOM   306  C  CZ  . PHE A 1 44  ? -4.595  4.439   -11.270 1.00 52.23  ? 36  PHE A CZ  1 
ATOM   307  N  N   . ASN A 1 45  ? -3.112  -0.755  -10.826 1.00 49.49  ? 37  ASN A N   1 
ATOM   308  C  CA  . ASN A 1 45  ? -3.578  -0.992  -9.469  1.00 44.45  ? 37  ASN A CA  1 
ATOM   309  C  C   . ASN A 1 45  ? -2.453  -1.327  -8.522  1.00 47.02  ? 37  ASN A C   1 
ATOM   310  O  O   . ASN A 1 45  ? -2.487  -0.870  -7.360  1.00 41.51  ? 37  ASN A O   1 
ATOM   311  C  CB  . ASN A 1 45  ? -4.595  -2.104  -9.430  1.00 47.60  ? 37  ASN A CB  1 
ATOM   312  C  CG  . ASN A 1 45  ? -5.902  -1.707  -10.061 1.00 43.43  ? 37  ASN A CG  1 
ATOM   313  O  OD1 . ASN A 1 45  ? -6.318  -0.546  -9.991  1.00 47.44  ? 37  ASN A OD1 1 
ATOM   314  N  ND2 . ASN A 1 45  ? -6.562  -2.662  -10.668 1.00 43.59  ? 37  ASN A ND2 1 
ATOM   315  N  N   . THR A 1 46  ? -1.439  -2.032  -9.052  1.00 42.47  ? 38  THR A N   1 
ATOM   316  C  CA  . THR A 1 46  ? -0.315  -2.464  -8.256  1.00 46.64  ? 38  THR A CA  1 
ATOM   317  C  C   . THR A 1 46  ? 0.599   -1.286  -8.075  1.00 43.92  ? 38  THR A C   1 
ATOM   318  O  O   . THR A 1 46  ? 1.222   -1.145  -7.030  1.00 44.93  ? 38  THR A O   1 
ATOM   319  C  CB  . THR A 1 46  ? 0.451   -3.692  -8.830  1.00 43.50  ? 38  THR A CB  1 
ATOM   320  O  OG1 . THR A 1 46  ? 0.784   -3.458  -10.184 1.00 44.95  ? 38  THR A OG1 1 
ATOM   321  C  CG2 . THR A 1 46  ? -0.403  -4.935  -8.802  1.00 44.92  ? 38  THR A CG2 1 
ATOM   322  N  N   . CYS A 1 47  ? 0.706   -0.441  -9.080  1.00 46.96  ? 39  CYS A N   1 
ATOM   323  C  CA  . CYS A 1 47  ? 1.509   0.778   -8.909  1.00 50.60  ? 39  CYS A CA  1 
ATOM   324  C  C   . CYS A 1 47  ? 0.882   1.687   -7.833  1.00 46.45  ? 39  CYS A C   1 
ATOM   325  O  O   . CYS A 1 47  ? 1.570   2.272   -7.017  1.00 50.20  ? 39  CYS A O   1 
ATOM   326  C  CB  . CYS A 1 47  ? 1.646   1.561   -10.238 1.00 48.62  ? 39  CYS A CB  1 
ATOM   327  S  SG  . CYS A 1 47  ? 2.726   0.810   -11.457 1.00 50.87  ? 39  CYS A SG  1 
ATOM   328  N  N   . VAL A 1 48  ? -0.424  1.828   -7.855  1.00 44.69  ? 40  VAL A N   1 
ATOM   329  C  CA  . VAL A 1 48  ? -1.066  2.725   -6.896  1.00 51.80  ? 40  VAL A CA  1 
ATOM   330  C  C   . VAL A 1 48  ? -0.831  2.169   -5.483  1.00 41.83  ? 40  VAL A C   1 
ATOM   331  O  O   . VAL A 1 48  ? -0.514  2.898   -4.562  1.00 42.57  ? 40  VAL A O   1 
ATOM   332  C  CB  . VAL A 1 48  ? -2.605  2.877   -7.152  1.00 55.72  ? 40  VAL A CB  1 
ATOM   333  C  CG1 . VAL A 1 48  ? -3.238  3.716   -6.059  1.00 63.81  ? 40  VAL A CG1 1 
ATOM   334  C  CG2 . VAL A 1 48  ? -2.892  3.542   -8.473  1.00 58.11  ? 40  VAL A CG2 1 
ATOM   335  N  N   . HIS A 1 49  ? -1.055  0.885   -5.321  1.00 43.28  ? 41  HIS A N   1 
ATOM   336  C  CA  . HIS A 1 49  ? -0.951  0.234   -3.996  1.00 46.77  ? 41  HIS A CA  1 
ATOM   337  C  C   . HIS A 1 49  ? 0.453   0.395   -3.458  1.00 46.52  ? 41  HIS A C   1 
ATOM   338  O  O   . HIS A 1 49  ? 0.641   0.848   -2.333  1.00 39.03  ? 41  HIS A O   1 
ATOM   339  C  CB  . HIS A 1 49  ? -1.285  -1.212  -4.133  1.00 48.23  ? 41  HIS A CB  1 
ATOM   340  C  CG  . HIS A 1 49  ? -1.141  -2.012  -2.886  1.00 47.04  ? 41  HIS A CG  1 
ATOM   341  N  ND1 . HIS A 1 49  ? -0.057  -2.809  -2.662  1.00 48.04  ? 41  HIS A ND1 1 
ATOM   342  C  CD2 . HIS A 1 49  ? -1.988  -2.243  -1.868  1.00 51.96  ? 41  HIS A CD2 1 
ATOM   343  C  CE1 . HIS A 1 49  ? -0.208  -3.450  -1.526  1.00 50.66  ? 41  HIS A CE1 1 
ATOM   344  N  NE2 . HIS A 1 49  ? -1.371  -3.119  -1.015  1.00 50.38  ? 41  HIS A NE2 1 
ATOM   345  N  N   . LEU A 1 50  ? 1.438   0.138   -4.304  1.00 44.44  ? 42  LEU A N   1 
ATOM   346  C  CA  . LEU A 1 50  ? 2.818   0.314   -3.889  1.00 46.14  ? 42  LEU A CA  1 
ATOM   347  C  C   . LEU A 1 50  ? 3.155   1.778   -3.620  1.00 49.37  ? 42  LEU A C   1 
ATOM   348  O  O   . LEU A 1 50  ? 3.912   2.067   -2.682  1.00 48.54  ? 42  LEU A O   1 
ATOM   349  C  CB  . LEU A 1 50  ? 3.772   -0.285  -4.917  1.00 43.63  ? 42  LEU A CB  1 
ATOM   350  C  CG  . LEU A 1 50  ? 5.281   -0.255  -4.589  1.00 46.92  ? 42  LEU A CG  1 
ATOM   351  C  CD1 . LEU A 1 50  ? 5.679   -0.802  -3.212  1.00 47.87  ? 42  LEU A CD1 1 
ATOM   352  C  CD2 . LEU A 1 50  ? 5.970   -1.038  -5.685  1.00 49.44  ? 42  LEU A CD2 1 
ATOM   353  N  N   . GLU A 1 51  ? 2.625   2.687   -4.440  1.00 48.61  ? 43  GLU A N   1 
ATOM   354  C  CA  . GLU A 1 51  ? 2.814   4.112   -4.187  1.00 51.31  ? 43  GLU A CA  1 
ATOM   355  C  C   . GLU A 1 51  ? 2.241   4.531   -2.826  1.00 50.12  ? 43  GLU A C   1 
ATOM   356  O  O   . GLU A 1 51  ? 2.933   5.181   -2.081  1.00 47.34  ? 43  GLU A O   1 
ATOM   357  C  CB  . GLU A 1 51  ? 2.238   4.983   -5.275  1.00 51.21  ? 43  GLU A CB  1 
ATOM   358  C  CG  . GLU A 1 51  ? 2.854   6.362   -5.235  1.00 61.87  ? 43  GLU A CG  1 
ATOM   359  C  CD  . GLU A 1 51  ? 2.017   7.441   -5.906  1.00 68.18  ? 43  GLU A CD  1 
ATOM   360  O  OE1 . GLU A 1 51  ? 2.112   7.588   -7.129  1.00 65.22  ? 43  GLU A OE1 1 
ATOM   361  O  OE2 . GLU A 1 51  ? 1.309   8.186   -5.196  1.00 74.88  ? 43  GLU A OE2 1 
ATOM   362  N  N   . VAL A 1 52  ? 1.026   4.099   -2.495  1.00 46.49  ? 44  VAL A N   1 
ATOM   363  C  CA  . VAL A 1 52  ? 0.439   4.394   -1.210  1.00 49.03  ? 44  VAL A CA  1 
ATOM   364  C  C   . VAL A 1 52  ? 1.319   3.886   -0.094  1.00 54.51  ? 44  VAL A C   1 
ATOM   365  O  O   . VAL A 1 52  ? 1.598   4.632   0.846   1.00 52.85  ? 44  VAL A O   1 
ATOM   366  C  CB  . VAL A 1 52  ? -0.979  3.858   -1.062  1.00 49.36  ? 44  VAL A CB  1 
ATOM   367  C  CG1 . VAL A 1 52  ? -1.445  4.045   0.364   1.00 49.95  ? 44  VAL A CG1 1 
ATOM   368  C  CG2 . VAL A 1 52  ? -1.926  4.645   -1.972  1.00 52.43  ? 44  VAL A CG2 1 
ATOM   369  N  N   . CYS A 1 53  ? 1.820   2.659   -0.226  1.00 54.27  ? 45  CYS A N   1 
ATOM   370  C  CA  . CYS A 1 53  ? 2.716   2.107   0.778   1.00 49.75  ? 45  CYS A CA  1 
ATOM   371  C  C   . CYS A 1 53  ? 3.904   3.012   0.991   1.00 51.99  ? 45  CYS A C   1 
ATOM   372  O  O   . CYS A 1 53  ? 4.205   3.365   2.139   1.00 49.29  ? 45  CYS A O   1 
ATOM   373  C  CB  . CYS A 1 53  ? 3.221   0.709   0.400   1.00 49.78  ? 45  CYS A CB  1 
ATOM   374  S  SG  . CYS A 1 53  ? 1.978   -0.604  0.433   1.00 47.89  ? 45  CYS A SG  1 
ATOM   375  N  N   . TYR A 1 54  ? 4.597   3.355   -0.099  1.00 49.49  ? 46  TYR A N   1 
ATOM   376  C  CA  . TYR A 1 54  ? 5.705   4.314   -0.021  1.00 49.68  ? 46  TYR A CA  1 
ATOM   377  C  C   . TYR A 1 54  ? 5.334   5.686   0.577   1.00 51.99  ? 46  TYR A C   1 
ATOM   378  O  O   . TYR A 1 54  ? 6.106   6.198   1.346   1.00 56.94  ? 46  TYR A O   1 
ATOM   379  C  CB  . TYR A 1 54  ? 6.428   4.506   -1.330  1.00 49.54  ? 46  TYR A CB  1 
ATOM   380  C  CG  . TYR A 1 54  ? 7.393   3.389   -1.655  1.00 59.13  ? 46  TYR A CG  1 
ATOM   381  C  CD1 . TYR A 1 54  ? 8.521   3.120   -0.858  1.00 68.35  ? 46  TYR A CD1 1 
ATOM   382  C  CD2 . TYR A 1 54  ? 7.207   2.616   -2.777  1.00 66.50  ? 46  TYR A CD2 1 
ATOM   383  C  CE1 . TYR A 1 54  ? 9.399   2.070   -1.179  1.00 70.02  ? 46  TYR A CE1 1 
ATOM   384  C  CE2 . TYR A 1 54  ? 8.073   1.579   -3.109  1.00 68.64  ? 46  TYR A CE2 1 
ATOM   385  C  CZ  . TYR A 1 54  ? 9.152   1.310   -2.322  1.00 68.46  ? 46  TYR A CZ  1 
ATOM   386  O  OH  . TYR A 1 54  ? 9.959   0.300   -2.737  1.00 70.24  ? 46  TYR A OH  1 
ATOM   387  N  N   . VAL A 1 55  ? 4.160   6.223   0.285   1.00 48.89  ? 47  VAL A N   1 
ATOM   388  C  CA  . VAL A 1 55  ? 3.728   7.519   0.876   1.00 56.44  ? 47  VAL A CA  1 
ATOM   389  C  C   . VAL A 1 55  ? 3.611   7.415   2.385   1.00 50.36  ? 47  VAL A C   1 
ATOM   390  O  O   . VAL A 1 55  ? 4.168   8.223   3.101   1.00 54.00  ? 47  VAL A O   1 
ATOM   391  C  CB  . VAL A 1 55  ? 2.386   8.031   0.271   1.00 56.69  ? 47  VAL A CB  1 
ATOM   392  C  CG1 . VAL A 1 55  ? 1.864   9.290   0.976   1.00 53.85  ? 47  VAL A CG1 1 
ATOM   393  C  CG2 . VAL A 1 55  ? 2.606   8.358   -1.207  1.00 56.61  ? 47  VAL A CG2 1 
ATOM   394  N  N   . ILE A 1 56  ? 2.940   6.370   2.849   1.00 49.67  ? 48  ILE A N   1 
ATOM   395  C  CA  . ILE A 1 56  ? 2.789   6.103   4.291   1.00 51.33  ? 48  ILE A CA  1 
ATOM   396  C  C   . ILE A 1 56  ? 4.129   6.034   5.041   1.00 56.74  ? 48  ILE A C   1 
ATOM   397  O  O   . ILE A 1 56  ? 4.278   6.629   6.097   1.00 54.45  ? 48  ILE A O   1 
ATOM   398  C  CB  . ILE A 1 56  ? 1.998   4.821   4.536   1.00 47.78  ? 48  ILE A CB  1 
ATOM   399  C  CG1 . ILE A 1 56  ? 0.558   5.027   4.063   1.00 51.79  ? 48  ILE A CG1 1 
ATOM   400  C  CG2 . ILE A 1 56  ? 2.001   4.454   6.008   1.00 51.71  ? 48  ILE A CG2 1 
ATOM   401  C  CD1 . ILE A 1 56  ? -0.217  3.747   3.910   1.00 52.15  ? 48  ILE A CD1 1 
ATOM   402  N  N   . SER A 1 57  ? 5.111   5.368   4.448   1.00 55.05  ? 49  SER A N   1 
ATOM   403  C  CA  . SER A 1 57  ? 6.388   5.176   5.082   1.00 55.48  ? 49  SER A CA  1 
ATOM   404  C  C   . SER A 1 57  ? 7.246   6.441   5.005   1.00 67.65  ? 49  SER A C   1 
ATOM   405  O  O   . SER A 1 57  ? 8.232   6.584   5.765   1.00 72.44  ? 49  SER A O   1 
ATOM   406  C  CB  . SER A 1 57  ? 7.166   4.047   4.404   1.00 59.02  ? 49  SER A CB  1 
ATOM   407  O  OG  . SER A 1 57  ? 7.837   4.529   3.236   1.00 57.32  ? 49  SER A OG  1 
ATOM   408  N  N   . ASP A 1 58  ? 6.899   7.315   4.061   1.00 64.96  ? 50  ASP A N   1 
ATOM   409  C  CA  . ASP A 1 58  ? 7.709   8.484   3.710   1.00 81.01  ? 50  ASP A CA  1 
ATOM   410  C  C   . ASP A 1 58  ? 7.446   9.668   4.612   1.00 76.99  ? 50  ASP A C   1 
ATOM   411  O  O   . ASP A 1 58  ? 8.149   10.650  4.497   1.00 80.02  ? 50  ASP A O   1 
ATOM   412  C  CB  . ASP A 1 58  ? 7.432   8.880   2.240   1.00 96.31  ? 50  ASP A CB  1 
ATOM   413  C  CG  . ASP A 1 58  ? 8.437   9.899   1.661   1.00 116.69 ? 50  ASP A CG  1 
ATOM   414  O  OD1 . ASP A 1 58  ? 9.444   10.272  2.328   1.00 124.16 ? 50  ASP A OD1 1 
ATOM   415  O  OD2 . ASP A 1 58  ? 8.202   10.311  0.492   1.00 119.35 ? 50  ASP A OD2 1 
ATOM   416  N  N   . MET A 1 59  ? 6.450   9.599   5.488   1.00 73.12  ? 51  MET A N   1 
ATOM   417  C  CA  . MET A 1 59  ? 5.997   10.801  6.199   1.00 90.74  ? 51  MET A CA  1 
ATOM   418  C  C   . MET A 1 59  ? 5.691   10.532  7.679   1.00 91.15  ? 51  MET A C   1 
ATOM   419  O  O   . MET A 1 59  ? 4.961   11.288  8.360   1.00 71.32  ? 51  MET A O   1 
ATOM   420  C  CB  . MET A 1 59  ? 4.791   11.434  5.457   1.00 93.59  ? 51  MET A CB  1 
ATOM   421  C  CG  . MET A 1 59  ? 3.518   10.616  5.516   1.00 98.72  ? 51  MET A CG  1 
ATOM   422  S  SD  . MET A 1 59  ? 2.103   11.276  4.605   1.00 109.62 ? 51  MET A SD  1 
ATOM   423  C  CE  . MET A 1 59  ? 0.851   10.182  5.284   1.00 86.78  ? 51  MET A CE  1 
ATOM   424  N  N   . ASN A 1 60  ? 6.274   9.447   8.167   1.00 84.81  ? 52  ASN A N   1 
ATOM   425  C  CA  . ASN A 1 60  ? 6.157   9.072   9.540   1.00 80.45  ? 52  ASN A CA  1 
ATOM   426  C  C   . ASN A 1 60  ? 7.599   8.729   9.938   1.00 78.99  ? 52  ASN A C   1 
ATOM   427  O  O   . ASN A 1 60  ? 8.296   7.997   9.212   1.00 64.49  ? 52  ASN A O   1 
ATOM   428  C  CB  . ASN A 1 60  ? 5.173   7.911   9.665   1.00 88.70  ? 52  ASN A CB  1 
ATOM   429  C  CG  . ASN A 1 60  ? 3.694   8.362   9.549   1.00 100.07 ? 52  ASN A CG  1 
ATOM   430  O  OD1 . ASN A 1 60  ? 3.264   8.852   8.509   1.00 96.96  ? 52  ASN A OD1 1 
ATOM   431  N  ND2 . ASN A 1 60  ? 2.911   8.157   10.615  1.00 102.34 ? 52  ASN A ND2 1 
ATOM   432  N  N   . PHE A 1 61  ? 8.085   9.374   11.001  1.00 73.80  ? 53  PHE A N   1 
ATOM   433  C  CA  . PHE A 1 61  ? 9.403   9.092   11.544  1.00 70.77  ? 53  PHE A CA  1 
ATOM   434  C  C   . PHE A 1 61  ? 9.305   9.043   13.053  1.00 70.30  ? 53  PHE A C   1 
ATOM   435  O  O   . PHE A 1 61  ? 8.333   9.477   13.624  1.00 73.43  ? 53  PHE A O   1 
ATOM   436  C  CB  . PHE A 1 61  ? 10.433  10.123  11.091  1.00 66.81  ? 53  PHE A CB  1 
ATOM   437  C  CG  . PHE A 1 61  ? 10.592  10.221  9.603   1.00 66.33  ? 53  PHE A CG  1 
ATOM   438  C  CD1 . PHE A 1 61  ? 9.686   10.973  8.826   1.00 66.87  ? 53  PHE A CD1 1 
ATOM   439  C  CD2 . PHE A 1 61  ? 11.673  9.590   8.961   1.00 70.32  ? 53  PHE A CD2 1 
ATOM   440  C  CE1 . PHE A 1 61  ? 9.854   11.071  7.430   1.00 80.80  ? 53  PHE A CE1 1 
ATOM   441  C  CE2 . PHE A 1 61  ? 11.839  9.676   7.565   1.00 76.46  ? 53  PHE A CE2 1 
ATOM   442  C  CZ  . PHE A 1 61  ? 10.933  10.419  6.792   1.00 75.80  ? 53  PHE A CZ  1 
ATOM   443  N  N   . LEU A 1 62  ? 10.306  8.436   13.663  1.00 72.32  ? 54  LEU A N   1 
ATOM   444  C  CA  . LEU A 1 62  ? 10.400  8.220   15.086  1.00 74.51  ? 54  LEU A CA  1 
ATOM   445  C  C   . LEU A 1 62  ? 11.756  8.753   15.503  1.00 92.47  ? 54  LEU A C   1 
ATOM   446  O  O   . LEU A 1 62  ? 12.658  8.765   14.669  1.00 80.13  ? 54  LEU A O   1 
ATOM   447  C  CB  . LEU A 1 62  ? 10.444  6.729   15.385  1.00 73.78  ? 54  LEU A CB  1 
ATOM   448  C  CG  . LEU A 1 62  ? 9.345   5.807   14.949  1.00 73.21  ? 54  LEU A CG  1 
ATOM   449  C  CD1 . LEU A 1 62  ? 9.795   4.374   15.225  1.00 73.18  ? 54  LEU A CD1 1 
ATOM   450  C  CD2 . LEU A 1 62  ? 8.077   6.163   15.694  1.00 77.94  ? 54  LEU A CD2 1 
ATOM   451  N  N   . ASP A 1 63  ? 11.945  9.106   16.783  1.00 106.87 ? 55  ASP A N   1 
ATOM   452  C  CA  . ASP A 1 63  ? 13.294  9.536   17.259  1.00 118.54 ? 55  ASP A CA  1 
ATOM   453  C  C   . ASP A 1 63  ? 13.985  8.391   18.034  1.00 125.50 ? 55  ASP A C   1 
ATOM   454  O  O   . ASP A 1 63  ? 13.558  7.233   17.954  1.00 122.34 ? 55  ASP A O   1 
ATOM   455  C  CB  . ASP A 1 63  ? 13.274  10.911  18.002  1.00 109.45 ? 55  ASP A CB  1 
ATOM   456  C  CG  . ASP A 1 63  ? 12.029  11.125  18.831  1.00 109.73 ? 55  ASP A CG  1 
ATOM   457  O  OD1 . ASP A 1 63  ? 11.671  10.209  19.602  1.00 111.60 ? 55  ASP A OD1 1 
ATOM   458  O  OD2 . ASP A 1 63  ? 11.412  12.205  18.712  1.00 104.83 ? 55  ASP A OD2 1 
ATOM   459  N  N   . GLU A 1 64  ? 15.077  8.708   18.722  1.00 134.62 ? 56  GLU A N   1 
ATOM   460  C  CA  . GLU A 1 64  ? 15.835  7.727   19.493  1.00 135.09 ? 56  GLU A CA  1 
ATOM   461  C  C   . GLU A 1 64  ? 14.992  7.048   20.610  1.00 128.36 ? 56  GLU A C   1 
ATOM   462  O  O   . GLU A 1 64  ? 15.120  5.841   20.835  1.00 117.35 ? 56  GLU A O   1 
ATOM   463  C  CB  . GLU A 1 64  ? 17.122  8.397   20.042  1.00 135.88 ? 56  GLU A CB  1 
ATOM   464  C  CG  . GLU A 1 64  ? 18.433  7.736   19.619  1.00 130.92 ? 56  GLU A CG  1 
ATOM   465  C  CD  . GLU A 1 64  ? 19.164  7.107   20.783  1.00 131.69 ? 56  GLU A CD  1 
ATOM   466  O  OE1 . GLU A 1 64  ? 20.328  7.480   20.998  1.00 130.78 ? 56  GLU A OE1 1 
ATOM   467  O  OE2 . GLU A 1 64  ? 18.579  6.261   21.488  1.00 131.68 ? 56  GLU A OE2 1 
ATOM   468  N  N   . GLU A 1 65  ? 14.116  7.808   21.272  1.00 129.57 ? 57  GLU A N   1 
ATOM   469  C  CA  . GLU A 1 65  ? 13.274  7.267   22.369  1.00 136.61 ? 57  GLU A CA  1 
ATOM   470  C  C   . GLU A 1 65  ? 12.137  6.361   21.882  1.00 129.16 ? 57  GLU A C   1 
ATOM   471  O  O   . GLU A 1 65  ? 11.779  5.398   22.574  1.00 129.09 ? 57  GLU A O   1 
ATOM   472  C  CB  . GLU A 1 65  ? 12.684  8.390   23.277  1.00 140.60 ? 57  GLU A CB  1 
ATOM   473  C  CG  . GLU A 1 65  ? 13.129  8.378   24.752  1.00 136.94 ? 57  GLU A CG  1 
ATOM   474  C  CD  . GLU A 1 65  ? 14.388  9.197   25.035  1.00 141.89 ? 57  GLU A CD  1 
ATOM   475  O  OE1 . GLU A 1 65  ? 15.231  9.349   24.126  1.00 136.55 ? 57  GLU A OE1 1 
ATOM   476  O  OE2 . GLU A 1 65  ? 14.545  9.687   26.179  1.00 139.16 ? 57  GLU A OE2 1 
ATOM   477  N  N   . GLY A 1 66  ? 11.590  6.662   20.702  1.00 118.86 ? 58  GLY A N   1 
ATOM   478  C  CA  . GLY A 1 66  ? 10.327  6.072   20.224  1.00 104.95 ? 58  GLY A CA  1 
ATOM   479  C  C   . GLY A 1 66  ? 9.166   7.052   20.026  1.00 105.57 ? 58  GLY A C   1 
ATOM   480  O  O   . GLY A 1 66  ? 8.004   6.614   19.930  1.00 92.13  ? 58  GLY A O   1 
ATOM   481  N  N   . LYS A 1 67  ? 9.461   8.360   19.939  1.00 109.29 ? 59  LYS A N   1 
ATOM   482  C  CA  . LYS A 1 67  ? 8.427   9.410   19.750  1.00 113.36 ? 59  LYS A CA  1 
ATOM   483  C  C   . LYS A 1 67  ? 8.225   9.743   18.260  1.00 105.08 ? 59  LYS A C   1 
ATOM   484  O  O   . LYS A 1 67  ? 9.211   9.876   17.511  1.00 93.33  ? 59  LYS A O   1 
ATOM   485  C  CB  . LYS A 1 67  ? 8.792   10.712  20.507  1.00 121.64 ? 59  LYS A CB  1 
ATOM   486  C  CG  . LYS A 1 67  ? 8.394   10.797  21.981  1.00 128.04 ? 59  LYS A CG  1 
ATOM   487  C  CD  . LYS A 1 67  ? 9.013   12.051  22.594  1.00 126.82 ? 59  LYS A CD  1 
ATOM   488  C  CE  . LYS A 1 67  ? 8.461   12.407  23.964  1.00 120.21 ? 59  LYS A CE  1 
ATOM   489  N  NZ  . LYS A 1 67  ? 8.940   13.765  24.361  1.00 117.53 ? 59  LYS A NZ  1 
ATOM   490  N  N   . SER A 1 68  ? 6.959   9.917   17.857  1.00 89.66  ? 60  SER A N   1 
ATOM   491  C  CA  . SER A 1 68  ? 6.589   10.281  16.459  1.00 96.30  ? 60  SER A CA  1 
ATOM   492  C  C   . SER A 1 68  ? 7.008   11.686  15.904  1.00 101.51 ? 60  SER A C   1 
ATOM   493  O  O   . SER A 1 68  ? 7.475   12.549  16.651  1.00 114.55 ? 60  SER A O   1 
ATOM   494  C  CB  . SER A 1 68  ? 5.077   10.110  16.280  1.00 94.89  ? 60  SER A CB  1 
ATOM   495  O  OG  . SER A 1 68  ? 4.760   8.744   16.092  1.00 95.86  ? 60  SER A OG  1 
ATOM   496  N  N   . TYR A 1 69  ? 6.834   11.880  14.586  1.00 103.76 ? 61  TYR A N   1 
ATOM   497  C  CA  . TYR A 1 69  ? 7.120   13.153  13.881  1.00 112.94 ? 61  TYR A CA  1 
ATOM   498  C  C   . TYR A 1 69  ? 6.676   13.080  12.389  1.00 108.24 ? 61  TYR A C   1 
ATOM   499  O  O   . TYR A 1 69  ? 6.866   12.059  11.721  1.00 112.77 ? 61  TYR A O   1 
ATOM   500  C  CB  . TYR A 1 69  ? 8.616   13.562  14.009  1.00 121.14 ? 61  TYR A CB  1 
ATOM   501  C  CG  . TYR A 1 69  ? 8.980   14.928  13.404  1.00 145.31 ? 61  TYR A CG  1 
ATOM   502  C  CD1 . TYR A 1 69  ? 8.785   16.133  14.115  1.00 144.30 ? 61  TYR A CD1 1 
ATOM   503  C  CD2 . TYR A 1 69  ? 9.526   15.014  12.115  1.00 157.41 ? 61  TYR A CD2 1 
ATOM   504  C  CE1 . TYR A 1 69  ? 9.117   17.365  13.548  1.00 137.29 ? 61  TYR A CE1 1 
ATOM   505  C  CE2 . TYR A 1 69  ? 9.866   16.236  11.550  1.00 151.65 ? 61  TYR A CE2 1 
ATOM   506  C  CZ  . TYR A 1 69  ? 9.660   17.398  12.265  1.00 145.62 ? 61  TYR A CZ  1 
ATOM   507  O  OH  . TYR A 1 69  ? 10.010  18.570  11.668  1.00 140.13 ? 61  TYR A OH  1 
ATOM   508  N  N   . THR A 1 70  ? 6.081   14.172  11.897  1.00 117.11 ? 62  THR A N   1 
ATOM   509  C  CA  . THR A 1 70  ? 5.604   14.318  10.506  1.00 124.54 ? 62  THR A CA  1 
ATOM   510  C  C   . THR A 1 70  ? 6.631   15.102  9.660   1.00 111.00 ? 62  THR A C   1 
ATOM   511  O  O   . THR A 1 70  ? 7.082   14.636  8.610   1.00 93.65  ? 62  THR A O   1 
ATOM   512  C  CB  . THR A 1 70  ? 4.223   15.047  10.463  1.00 127.03 ? 62  THR A CB  1 
ATOM   513  O  OG1 . THR A 1 70  ? 3.592   14.976  11.745  1.00 128.64 ? 62  THR A OG1 1 
ATOM   514  C  CG2 . THR A 1 70  ? 3.271   14.433  9.420   1.00 130.34 ? 62  THR A CG2 1 
ATOM   515  N  N   . LEU A 1 81  ? 16.644  10.446  14.565  1.00 81.60  ? 73  LEU A N   1 
ATOM   516  C  CA  . LEU A 1 81  ? 15.441  10.207  13.733  1.00 82.01  ? 73  LEU A CA  1 
ATOM   517  C  C   . LEU A 1 81  ? 15.583  9.011   12.767  1.00 73.60  ? 73  LEU A C   1 
ATOM   518  O  O   . LEU A 1 81  ? 16.671  8.776   12.212  1.00 80.27  ? 73  LEU A O   1 
ATOM   519  C  CB  . LEU A 1 81  ? 15.075  11.437  12.920  1.00 81.87  ? 73  LEU A CB  1 
ATOM   520  C  CG  . LEU A 1 81  ? 14.006  12.431  13.397  1.00 89.70  ? 73  LEU A CG  1 
ATOM   521  C  CD1 . LEU A 1 81  ? 13.674  13.390  12.254  1.00 86.06  ? 73  LEU A CD1 1 
ATOM   522  C  CD2 . LEU A 1 81  ? 12.726  11.787  13.877  1.00 88.27  ? 73  LEU A CD2 1 
ATOM   523  N  N   . ARG A 1 82  ? 14.480  8.283   12.576  1.00 65.74  ? 74  ARG A N   1 
ATOM   524  C  CA  . ARG A 1 82  ? 14.432  6.991   11.817  1.00 69.63  ? 74  ARG A CA  1 
ATOM   525  C  C   . ARG A 1 82  ? 13.031  6.745   11.194  1.00 58.32  ? 74  ARG A C   1 
ATOM   526  O  O   . ARG A 1 82  ? 12.033  7.231   11.720  1.00 52.11  ? 74  ARG A O   1 
ATOM   527  C  CB  . ARG A 1 82  ? 14.786  5.809   12.736  1.00 70.73  ? 74  ARG A CB  1 
ATOM   528  C  CG  . ARG A 1 82  ? 13.813  5.645   13.911  1.00 73.72  ? 74  ARG A CG  1 
ATOM   529  C  CD  . ARG A 1 82  ? 14.201  4.568   14.905  1.00 76.09  ? 74  ARG A CD  1 
ATOM   530  N  NE  . ARG A 1 82  ? 14.172  3.243   14.281  1.00 80.15  ? 74  ARG A NE  1 
ATOM   531  C  CZ  . ARG A 1 82  ? 13.768  2.117   14.876  1.00 78.85  ? 74  ARG A CZ  1 
ATOM   532  N  NH1 . ARG A 1 82  ? 13.355  2.102   16.148  1.00 86.70  ? 74  ARG A NH1 1 
ATOM   533  N  NH2 . ARG A 1 82  ? 13.776  0.979   14.192  1.00 72.04  ? 74  ARG A NH2 1 
ATOM   534  N  N   . PRO A 1 83  ? 12.942  5.996   10.083  1.00 59.79  ? 75  PRO A N   1 
ATOM   535  C  CA  . PRO A 1 83  ? 11.590  5.747   9.520   1.00 56.69  ? 75  PRO A CA  1 
ATOM   536  C  C   . PRO A 1 83  ? 10.678  4.908   10.425  1.00 53.31  ? 75  PRO A C   1 
ATOM   537  O  O   . PRO A 1 83  ? 11.116  3.928   11.017  1.00 51.42  ? 75  PRO A O   1 
ATOM   538  C  CB  . PRO A 1 83  ? 11.864  4.984   8.212   1.00 56.80  ? 75  PRO A CB  1 
ATOM   539  C  CG  . PRO A 1 83  ? 13.314  5.178   7.931   1.00 58.75  ? 75  PRO A CG  1 
ATOM   540  C  CD  . PRO A 1 83  ? 13.996  5.367   9.264   1.00 61.27  ? 75  PRO A CD  1 
ATOM   541  N  N   . GLN A 1 84  ? 9.418   5.297   10.504  1.00 54.80  ? 76  GLN A N   1 
ATOM   542  C  CA  . GLN A 1 84  ? 8.437   4.551   11.292  1.00 56.88  ? 76  GLN A CA  1 
ATOM   543  C  C   . GLN A 1 84  ? 8.060   3.182   10.702  1.00 50.09  ? 76  GLN A C   1 
ATOM   544  O  O   . GLN A 1 84  ? 7.670   2.257   11.415  1.00 50.47  ? 76  GLN A O   1 
ATOM   545  C  CB  . GLN A 1 84  ? 7.147   5.385   11.505  1.00 56.39  ? 76  GLN A CB  1 
ATOM   546  C  CG  . GLN A 1 84  ? 6.184   4.724   12.485  1.00 61.11  ? 76  GLN A CG  1 
ATOM   547  C  CD  . GLN A 1 84  ? 4.947   5.512   12.875  1.00 65.69  ? 76  GLN A CD  1 
ATOM   548  O  OE1 . GLN A 1 84  ? 4.796   6.714   12.620  1.00 66.27  ? 76  GLN A OE1 1 
ATOM   549  N  NE2 . GLN A 1 84  ? 4.043   4.808   13.537  1.00 74.68  ? 76  GLN A NE2 1 
ATOM   550  N  N   . TYR A 1 85  ? 8.150   3.071   9.404   1.00 50.11  ? 77  TYR A N   1 
ATOM   551  C  CA  . TYR A 1 85  ? 7.598   1.939   8.713   1.00 52.79  ? 77  TYR A CA  1 
ATOM   552  C  C   . TYR A 1 85  ? 8.634   1.331   7.762   1.00 53.68  ? 77  TYR A C   1 
ATOM   553  O  O   . TYR A 1 85  ? 9.336   2.051   7.051   1.00 50.81  ? 77  TYR A O   1 
ATOM   554  C  CB  . TYR A 1 85  ? 6.377   2.384   7.894   1.00 50.29  ? 77  TYR A CB  1 
ATOM   555  C  CG  . TYR A 1 85  ? 5.159   2.825   8.651   1.00 51.76  ? 77  TYR A CG  1 
ATOM   556  C  CD1 . TYR A 1 85  ? 4.233   1.901   9.072   1.00 56.20  ? 77  TYR A CD1 1 
ATOM   557  C  CD2 . TYR A 1 85  ? 4.858   4.186   8.843   1.00 54.02  ? 77  TYR A CD2 1 
ATOM   558  C  CE1 . TYR A 1 85  ? 3.066   2.286   9.714   1.00 63.58  ? 77  TYR A CE1 1 
ATOM   559  C  CE2 . TYR A 1 85  ? 3.685   4.584   9.497   1.00 54.59  ? 77  TYR A CE2 1 
ATOM   560  C  CZ  . TYR A 1 85  ? 2.794   3.632   9.936   1.00 62.75  ? 77  TYR A CZ  1 
ATOM   561  O  OH  . TYR A 1 85  ? 1.618   3.954   10.598  1.00 75.13  ? 77  TYR A OH  1 
ATOM   562  N  N   . GLU A 1 86  ? 8.718   -0.002  7.744   1.00 57.91  ? 78  GLU A N   1 
ATOM   563  C  CA  . GLU A 1 86  ? 9.475   -0.691  6.703   1.00 54.25  ? 78  GLU A CA  1 
ATOM   564  C  C   . GLU A 1 86  ? 8.469   -1.154  5.654   1.00 47.41  ? 78  GLU A C   1 
ATOM   565  O  O   . GLU A 1 86  ? 7.472   -1.761  6.005   1.00 44.83  ? 78  GLU A O   1 
ATOM   566  C  CB  . GLU A 1 86  ? 10.216  -1.900  7.281   1.00 55.39  ? 78  GLU A CB  1 
ATOM   567  C  CG  . GLU A 1 86  ? 11.391  -2.322  6.397   1.00 58.70  ? 78  GLU A CG  1 
ATOM   568  C  CD  . GLU A 1 86  ? 12.547  -1.325  6.482   1.00 65.01  ? 78  GLU A CD  1 
ATOM   569  O  OE1 . GLU A 1 86  ? 13.086  -1.152  7.609   1.00 71.36  ? 78  GLU A OE1 1 
ATOM   570  O  OE2 . GLU A 1 86  ? 12.923  -0.726  5.446   1.00 59.72  ? 78  GLU A OE2 1 
ATOM   571  N  N   . VAL A 1 87  ? 8.728   -0.853  4.389   1.00 51.13  ? 79  VAL A N   1 
ATOM   572  C  CA  . VAL A 1 87  ? 7.889   -1.339  3.269   1.00 50.89  ? 79  VAL A CA  1 
ATOM   573  C  C   . VAL A 1 87  ? 8.356   -2.763  2.948   1.00 48.66  ? 79  VAL A C   1 
ATOM   574  O  O   . VAL A 1 87  ? 9.501   -2.928  2.601   1.00 49.51  ? 79  VAL A O   1 
ATOM   575  C  CB  . VAL A 1 87  ? 7.971   -0.440  2.003   1.00 48.82  ? 79  VAL A CB  1 
ATOM   576  C  CG1 . VAL A 1 87  ? 7.212   -1.068  0.823   1.00 48.69  ? 79  VAL A CG1 1 
ATOM   577  C  CG2 . VAL A 1 87  ? 7.345   0.910   2.290   1.00 54.91  ? 79  VAL A CG2 1 
ATOM   578  N  N   . ILE A 1 88  ? 7.460   -3.745  3.086   1.00 40.84  ? 80  ILE A N   1 
ATOM   579  C  CA  . ILE A 1 88  ? 7.673   -5.128  2.681   1.00 48.26  ? 80  ILE A CA  1 
ATOM   580  C  C   . ILE A 1 88  ? 7.128   -5.418  1.259   1.00 49.92  ? 80  ILE A C   1 
ATOM   581  O  O   . ILE A 1 88  ? 7.724   -6.185  0.512   1.00 54.78  ? 80  ILE A O   1 
ATOM   582  C  CB  . ILE A 1 88  ? 6.996   -6.077  3.670   1.00 48.56  ? 80  ILE A CB  1 
ATOM   583  C  CG1 . ILE A 1 88  ? 7.749   -6.020  4.964   1.00 48.28  ? 80  ILE A CG1 1 
ATOM   584  C  CG2 . ILE A 1 88  ? 6.972   -7.521  3.186   1.00 49.40  ? 80  ILE A CG2 1 
ATOM   585  C  CD1 . ILE A 1 88  ? 6.795   -6.227  6.094   1.00 60.33  ? 80  ILE A CD1 1 
ATOM   586  N  N   . GLU A 1 89  ? 6.000   -4.816  0.902   1.00 44.69  ? 81  GLU A N   1 
ATOM   587  C  CA  . GLU A 1 89  ? 5.477   -4.863  -0.455  1.00 50.27  ? 81  GLU A CA  1 
ATOM   588  C  C   . GLU A 1 89  ? 6.569   -4.392  -1.443  1.00 53.14  ? 81  GLU A C   1 
ATOM   589  O  O   . GLU A 1 89  ? 7.441   -3.608  -1.073  1.00 53.91  ? 81  GLU A O   1 
ATOM   590  C  CB  . GLU A 1 89  ? 4.216   -3.978  -0.597  1.00 53.41  ? 81  GLU A CB  1 
ATOM   591  C  CG  . GLU A 1 89  ? 3.481   -4.102  -1.948  1.00 55.75  ? 81  GLU A CG  1 
ATOM   592  C  CD  . GLU A 1 89  ? 3.181   -5.554  -2.350  1.00 57.19  ? 81  GLU A CD  1 
ATOM   593  O  OE1 . GLU A 1 89  ? 2.018   -5.996  -2.121  1.00 47.79  ? 81  GLU A OE1 1 
ATOM   594  O  OE2 . GLU A 1 89  ? 4.110   -6.263  -2.880  1.00 61.92  ? 81  GLU A OE2 1 
ATOM   595  N  N   . GLY A 1 90  ? 6.575   -4.978  -2.642  1.00 53.52  ? 82  GLY A N   1 
ATOM   596  C  CA  . GLY A 1 90  ? 7.439   -4.572  -3.763  1.00 49.41  ? 82  GLY A CA  1 
ATOM   597  C  C   . GLY A 1 90  ? 8.742   -5.326  -3.862  1.00 47.19  ? 82  GLY A C   1 
ATOM   598  O  O   . GLY A 1 90  ? 9.485   -5.100  -4.779  1.00 62.35  ? 82  GLY A O   1 
ATOM   599  N  N   . MET A 1 91  ? 9.064   -6.157  -2.896  1.00 51.26  ? 83  MET A N   1 
ATOM   600  C  CA  . MET A 1 91  ? 10.235  -7.059  -2.997  1.00 58.72  ? 83  MET A CA  1 
ATOM   601  C  C   . MET A 1 91  ? 9.762   -8.433  -3.464  1.00 50.13  ? 83  MET A C   1 
ATOM   602  O  O   . MET A 1 91  ? 8.610   -8.768  -3.243  1.00 49.59  ? 83  MET A O   1 
ATOM   603  C  CB  . MET A 1 91  ? 11.106  -7.174  -1.686  1.00 59.04  ? 83  MET A CB  1 
ATOM   604  C  CG  . MET A 1 91  ? 10.556  -6.671  -0.348  1.00 71.08  ? 83  MET A CG  1 
ATOM   605  S  SD  . MET A 1 91  ? 11.662  -6.609  1.122   1.00 72.13  ? 83  MET A SD  1 
ATOM   606  C  CE  . MET A 1 91  ? 12.755  -5.285  0.626   1.00 98.03  ? 83  MET A CE  1 
ATOM   607  N  N   . PRO A 1 92  ? 10.661  -9.233  -4.087  1.00 51.04  ? 84  PRO A N   1 
ATOM   608  C  CA  . PRO A 1 92  ? 10.313  -10.669 -4.347  1.00 48.21  ? 84  PRO A CA  1 
ATOM   609  C  C   . PRO A 1 92  ? 9.890   -11.440 -3.108  1.00 46.61  ? 84  PRO A C   1 
ATOM   610  O  O   . PRO A 1 92  ? 10.502  -11.330 -2.038  1.00 46.58  ? 84  PRO A O   1 
ATOM   611  C  CB  . PRO A 1 92  ? 11.607  -11.276 -4.937  1.00 44.93  ? 84  PRO A CB  1 
ATOM   612  C  CG  . PRO A 1 92  ? 12.527  -10.110 -5.182  1.00 47.78  ? 84  PRO A CG  1 
ATOM   613  C  CD  . PRO A 1 92  ? 12.097  -8.965  -4.328  1.00 49.06  ? 84  PRO A CD  1 
ATOM   614  N  N   . ARG A 1 93  ? 8.859   -12.250 -3.261  1.00 47.04  ? 85  ARG A N   1 
ATOM   615  C  CA  . ARG A 1 93  ? 8.267   -12.929 -2.107  1.00 51.24  ? 85  ARG A CA  1 
ATOM   616  C  C   . ARG A 1 93  ? 9.251   -13.677 -1.217  1.00 52.34  ? 85  ARG A C   1 
ATOM   617  O  O   . ARG A 1 93  ? 9.050   -13.728 -0.003  1.00 45.86  ? 85  ARG A O   1 
ATOM   618  C  CB  . ARG A 1 93  ? 7.118   -13.832 -2.533  1.00 46.88  ? 85  ARG A CB  1 
ATOM   619  C  CG  . ARG A 1 93  ? 5.935   -12.989 -2.939  1.00 50.51  ? 85  ARG A CG  1 
ATOM   620  C  CD  . ARG A 1 93  ? 4.735   -13.839 -3.193  1.00 53.09  ? 85  ARG A CD  1 
ATOM   621  N  NE  . ARG A 1 93  ? 4.066   -14.256 -1.971  1.00 47.39  ? 85  ARG A NE  1 
ATOM   622  C  CZ  . ARG A 1 93  ? 3.118   -13.550 -1.367  1.00 46.44  ? 85  ARG A CZ  1 
ATOM   623  N  NH1 . ARG A 1 93  ? 2.752   -12.377 -1.819  1.00 49.14  ? 85  ARG A NH1 1 
ATOM   624  N  NH2 . ARG A 1 93  ? 2.508   -14.014 -0.294  1.00 48.25  ? 85  ARG A NH2 1 
ATOM   625  N  N   . THR A 1 94  ? 10.314  -14.219 -1.791  1.00 44.92  ? 86  THR A N   1 
ATOM   626  C  CA  . THR A 1 94  ? 11.256  -15.001 -1.002  1.00 49.83  ? 86  THR A CA  1 
ATOM   627  C  C   . THR A 1 94  ? 11.984  -14.084 -0.064  1.00 47.65  ? 86  THR A C   1 
ATOM   628  O  O   . THR A 1 94  ? 12.068  -14.353 1.099   1.00 54.61  ? 86  THR A O   1 
ATOM   629  C  CB  . THR A 1 94  ? 12.257  -15.817 -1.883  1.00 52.49  ? 86  THR A CB  1 
ATOM   630  O  OG1 . THR A 1 94  ? 12.794  -14.970 -2.882  1.00 56.79  ? 86  THR A OG1 1 
ATOM   631  C  CG2 . THR A 1 94  ? 11.532  -16.983 -2.591  1.00 56.02  ? 86  THR A CG2 1 
ATOM   632  N  N   . ILE A 1 95  ? 12.535  -13.007 -0.574  1.00 49.37  ? 87  ILE A N   1 
ATOM   633  C  CA  . ILE A 1 95  ? 13.204  -12.038 0.305   1.00 48.80  ? 87  ILE A CA  1 
ATOM   634  C  C   . ILE A 1 95  ? 12.163  -11.454 1.318   1.00 44.82  ? 87  ILE A C   1 
ATOM   635  O  O   . ILE A 1 95  ? 12.384  -11.423 2.510   1.00 47.16  ? 87  ILE A O   1 
ATOM   636  C  CB  . ILE A 1 95  ? 13.875  -10.949 -0.559  1.00 48.37  ? 87  ILE A CB  1 
ATOM   637  C  CG1 . ILE A 1 95  ? 15.016  -11.574 -1.390  1.00 48.45  ? 87  ILE A CG1 1 
ATOM   638  C  CG2 . ILE A 1 95  ? 14.451  -9.840  0.305   1.00 53.77  ? 87  ILE A CG2 1 
ATOM   639  C  CD1 . ILE A 1 95  ? 15.500  -10.730 -2.567  1.00 42.81  ? 87  ILE A CD1 1 
ATOM   640  N  N   . ALA A 1 96  ? 10.985  -11.078 0.816   1.00 51.29  ? 88  ALA A N   1 
ATOM   641  C  CA  . ALA A 1 96  ? 9.965   -10.429 1.630   1.00 49.78  ? 88  ALA A CA  1 
ATOM   642  C  C   . ALA A 1 96  ? 9.608   -11.287 2.862   1.00 46.94  ? 88  ALA A C   1 
ATOM   643  O  O   . ALA A 1 96  ? 9.551   -10.791 3.959   1.00 42.18  ? 88  ALA A O   1 
ATOM   644  C  CB  . ALA A 1 96  ? 8.745   -10.097 0.800   1.00 41.94  ? 88  ALA A CB  1 
ATOM   645  N  N   . TRP A 1 97  ? 9.444   -12.581 2.644   1.00 50.47  ? 89  TRP A N   1 
ATOM   646  C  CA  . TRP A 1 97  ? 9.238   -13.548 3.710   1.00 43.87  ? 89  TRP A CA  1 
ATOM   647  C  C   . TRP A 1 97  ? 10.393  -13.617 4.732   1.00 47.28  ? 89  TRP A C   1 
ATOM   648  O  O   . TRP A 1 97  ? 10.135  -13.645 5.941   1.00 39.63  ? 89  TRP A O   1 
ATOM   649  C  CB  . TRP A 1 97  ? 8.874   -14.924 3.117   1.00 47.42  ? 89  TRP A CB  1 
ATOM   650  C  CG  . TRP A 1 97  ? 7.335   -15.098 2.866   1.00 44.83  ? 89  TRP A CG  1 
ATOM   651  C  CD1 . TRP A 1 97  ? 6.686   -15.290 1.656   1.00 50.34  ? 89  TRP A CD1 1 
ATOM   652  C  CD2 . TRP A 1 97  ? 6.314   -15.082 3.859   1.00 43.45  ? 89  TRP A CD2 1 
ATOM   653  N  NE1 . TRP A 1 97  ? 5.311   -15.410 1.864   1.00 52.36  ? 89  TRP A NE1 1 
ATOM   654  C  CE2 . TRP A 1 97  ? 5.070   -15.278 3.208   1.00 47.80  ? 89  TRP A CE2 1 
ATOM   655  C  CE3 . TRP A 1 97  ? 6.331   -14.969 5.239   1.00 49.77  ? 89  TRP A CE3 1 
ATOM   656  C  CZ2 . TRP A 1 97  ? 3.874   -15.312 3.897   1.00 51.28  ? 89  TRP A CZ2 1 
ATOM   657  C  CZ3 . TRP A 1 97  ? 5.123   -15.023 5.939   1.00 49.16  ? 89  TRP A CZ3 1 
ATOM   658  C  CH2 . TRP A 1 97  ? 3.920   -15.191 5.267   1.00 51.50  ? 89  TRP A CH2 1 
ATOM   659  N  N   . MET A 1 98  ? 11.643  -13.595 4.276   1.00 48.11  ? 90  MET A N   1 
ATOM   660  C  CA  . MET A 1 98  ? 12.799  -13.587 5.189   1.00 55.13  ? 90  MET A CA  1 
ATOM   661  C  C   . MET A 1 98  ? 12.686  -12.299 6.049   1.00 54.44  ? 90  MET A C   1 
ATOM   662  O  O   . MET A 1 98  ? 12.760  -12.356 7.263   1.00 54.21  ? 90  MET A O   1 
ATOM   663  C  CB  . MET A 1 98  ? 14.185  -13.590 4.469   1.00 59.38  ? 90  MET A CB  1 
ATOM   664  C  CG  . MET A 1 98  ? 14.593  -14.852 3.683   1.00 81.39  ? 90  MET A CG  1 
ATOM   665  S  SD  . MET A 1 98  ? 15.664  -14.633 2.177   1.00 97.58  ? 90  MET A SD  1 
ATOM   666  C  CE  . MET A 1 98  ? 15.455  -16.149 1.186   1.00 80.86  ? 90  MET A CE  1 
ATOM   667  N  N   . VAL A 1 99  ? 12.508  -11.162 5.388   1.00 51.38  ? 91  VAL A N   1 
ATOM   668  C  CA  . VAL A 1 99  ? 12.360  -9.877  6.056   1.00 53.92  ? 91  VAL A CA  1 
ATOM   669  C  C   . VAL A 1 99  ? 11.166  -9.847  7.059   1.00 50.44  ? 91  VAL A C   1 
ATOM   670  O  O   . VAL A 1 99  ? 11.343  -9.452  8.204   1.00 47.38  ? 91  VAL A O   1 
ATOM   671  C  CB  . VAL A 1 99  ? 12.229  -8.754  5.005   1.00 50.10  ? 91  VAL A CB  1 
ATOM   672  C  CG1 . VAL A 1 99  ? 11.835  -7.455  5.628   1.00 51.05  ? 91  VAL A CG1 1 
ATOM   673  C  CG2 . VAL A 1 99  ? 13.517  -8.609  4.251   1.00 56.62  ? 91  VAL A CG2 1 
ATOM   674  N  N   . GLN A 1 100 ? 9.976   -10.280 6.650   1.00 45.54  ? 92  GLN A N   1 
ATOM   675  C  CA  . GLN A 1 100 ? 8.858   -10.329 7.591   1.00 47.54  ? 92  GLN A CA  1 
ATOM   676  C  C   . GLN A 1 100 ? 9.206   -11.176 8.820   1.00 53.86  ? 92  GLN A C   1 
ATOM   677  O  O   . GLN A 1 100 ? 9.071   -10.746 9.962   1.00 49.76  ? 92  GLN A O   1 
ATOM   678  C  CB  . GLN A 1 100 ? 7.637   -10.899 6.911   1.00 46.51  ? 92  GLN A CB  1 
ATOM   679  C  CG  . GLN A 1 100 ? 6.400   -11.072 7.813   1.00 50.75  ? 92  GLN A CG  1 
ATOM   680  C  CD  . GLN A 1 100 ? 5.071   -10.979 7.052   1.00 50.70  ? 92  GLN A CD  1 
ATOM   681  O  OE1 . GLN A 1 100 ? 4.856   -10.042 6.251   1.00 48.24  ? 92  GLN A OE1 1 
ATOM   682  N  NE2 . GLN A 1 100 ? 4.180   -11.921 7.305   1.00 49.01  ? 92  GLN A NE2 1 
ATOM   683  N  N   . ARG A 1 101 ? 9.634   -12.401 8.562   1.00 55.65  ? 93  ARG A N   1 
ATOM   684  C  CA  . ARG A 1 101 ? 9.985   -13.345 9.607   1.00 55.69  ? 93  ARG A CA  1 
ATOM   685  C  C   . ARG A 1 101 ? 11.122  -12.801 10.508  1.00 58.90  ? 93  ARG A C   1 
ATOM   686  O  O   . ARG A 1 101 ? 11.054  -12.968 11.726  1.00 51.64  ? 93  ARG A O   1 
ATOM   687  C  CB  . ARG A 1 101 ? 10.379  -14.698 8.981   1.00 61.67  ? 93  ARG A CB  1 
ATOM   688  C  CG  . ARG A 1 101 ? 10.519  -15.856 9.951   1.00 70.37  ? 93  ARG A CG  1 
ATOM   689  C  CD  . ARG A 1 101 ? 11.298  -17.006 9.322   1.00 72.96  ? 93  ARG A CD  1 
ATOM   690  N  NE  . ARG A 1 101 ? 12.751  -16.860 9.506   1.00 78.18  ? 93  ARG A NE  1 
ATOM   691  C  CZ  . ARG A 1 101 ? 13.670  -16.756 8.542   1.00 74.83  ? 93  ARG A CZ  1 
ATOM   692  N  NH1 . ARG A 1 101 ? 13.361  -16.784 7.248   1.00 68.67  ? 93  ARG A NH1 1 
ATOM   693  N  NH2 . ARG A 1 101 ? 14.942  -16.640 8.896   1.00 90.58  ? 93  ARG A NH2 1 
ATOM   694  N  N   . SER A 1 102 ? 12.130  -12.137 9.937   1.00 46.96  ? 94  SER A N   1 
ATOM   695  C  CA  . SER A 1 102 ? 13.200  -11.598 10.755  1.00 50.08  ? 94  SER A CA  1 
ATOM   696  C  C   . SER A 1 102 ? 12.808  -10.403 11.555  1.00 54.48  ? 94  SER A C   1 
ATOM   697  O  O   . SER A 1 102 ? 13.224  -10.296 12.708  1.00 62.87  ? 94  SER A O   1 
ATOM   698  C  CB  . SER A 1 102 ? 14.414  -11.240 9.929   1.00 54.07  ? 94  SER A CB  1 
ATOM   699  O  OG  . SER A 1 102 ? 14.892  -12.427 9.285   1.00 70.43  ? 94  SER A OG  1 
ATOM   700  N  N   . LEU A 1 103 ? 12.068  -9.463  10.973  1.00 53.58  ? 95  LEU A N   1 
ATOM   701  C  CA  . LEU A 1 103 ? 11.571  -8.345  11.783  1.00 53.61  ? 95  LEU A CA  1 
ATOM   702  C  C   . LEU A 1 103 ? 10.744  -8.836  12.971  1.00 54.58  ? 95  LEU A C   1 
ATOM   703  O  O   . LEU A 1 103 ? 10.873  -8.298  14.057  1.00 64.94  ? 95  LEU A O   1 
ATOM   704  C  CB  . LEU A 1 103 ? 10.737  -7.373  10.993  1.00 50.91  ? 95  LEU A CB  1 
ATOM   705  C  CG  . LEU A 1 103 ? 11.485  -6.626  9.930   1.00 54.34  ? 95  LEU A CG  1 
ATOM   706  C  CD1 . LEU A 1 103 ? 10.469  -5.979  9.003   1.00 54.01  ? 95  LEU A CD1 1 
ATOM   707  C  CD2 . LEU A 1 103 ? 12.399  -5.586  10.529  1.00 55.17  ? 95  LEU A CD2 1 
ATOM   708  N  N   . ALA A 1 104 ? 9.885   -9.825  12.749  1.00 53.76  ? 96  ALA A N   1 
ATOM   709  C  CA  . ALA A 1 104 ? 9.001   -10.336 13.764  1.00 51.19  ? 96  ALA A CA  1 
ATOM   710  C  C   . ALA A 1 104 ? 9.801   -10.959 14.932  1.00 65.04  ? 96  ALA A C   1 
ATOM   711  O  O   . ALA A 1 104 ? 9.606   -10.586 16.097  1.00 77.18  ? 96  ALA A O   1 
ATOM   712  C  CB  . ALA A 1 104 ? 8.052   -11.356 13.162  1.00 45.66  ? 96  ALA A CB  1 
ATOM   713  N  N   . GLN A 1 105 ? 10.690  -11.897 14.631  1.00 59.03  ? 97  GLN A N   1 
ATOM   714  C  CA  . GLN A 1 105 ? 11.639  -12.411 15.644  1.00 64.30  ? 97  GLN A CA  1 
ATOM   715  C  C   . GLN A 1 105 ? 12.396  -11.319 16.437  1.00 62.15  ? 97  GLN A C   1 
ATOM   716  O  O   . GLN A 1 105 ? 12.363  -11.322 17.658  1.00 69.51  ? 97  GLN A O   1 
ATOM   717  C  CB  . GLN A 1 105 ? 12.630  -13.370 15.002  1.00 59.10  ? 97  GLN A CB  1 
ATOM   718  C  CG  . GLN A 1 105 ? 12.000  -14.740 14.741  1.00 65.02  ? 97  GLN A CG  1 
ATOM   719  C  CD  . GLN A 1 105 ? 12.797  -15.568 13.755  1.00 76.26  ? 97  GLN A CD  1 
ATOM   720  O  OE1 . GLN A 1 105 ? 13.954  -15.243 13.459  1.00 100.10 ? 97  GLN A OE1 1 
ATOM   721  N  NE2 . GLN A 1 105 ? 12.179  -16.633 13.219  1.00 83.71  ? 97  GLN A NE2 1 
ATOM   722  N  N   . GLU A 1 106 ? 12.991  -10.364 15.731  1.00 58.72  ? 98  GLU A N   1 
ATOM   723  C  CA  . GLU A 1 106 ? 13.807  -9.305  16.319  1.00 62.19  ? 98  GLU A CA  1 
ATOM   724  C  C   . GLU A 1 106 ? 13.004  -8.312  17.212  1.00 64.62  ? 98  GLU A C   1 
ATOM   725  O  O   . GLU A 1 106 ? 13.604  -7.478  17.899  1.00 74.02  ? 98  GLU A O   1 
ATOM   726  C  CB  . GLU A 1 106 ? 14.604  -8.566  15.203  1.00 59.78  ? 98  GLU A CB  1 
ATOM   727  C  CG  . GLU A 1 106 ? 14.988  -7.072  15.405  1.00 71.75  ? 98  GLU A CG  1 
ATOM   728  C  CD  . GLU A 1 106 ? 15.840  -6.462  14.247  1.00 97.59  ? 98  GLU A CD  1 
ATOM   729  O  OE1 . GLU A 1 106 ? 16.133  -7.169  13.224  1.00 111.39 ? 98  GLU A OE1 1 
ATOM   730  O  OE2 . GLU A 1 106 ? 16.238  -5.260  14.359  1.00 87.18  ? 98  GLU A OE2 1 
ATOM   731  N  N   . HIS A 1 107 ? 11.672  -8.377  17.170  1.00 64.93  ? 99  HIS A N   1 
ATOM   732  C  CA  . HIS A 1 107 ? 10.793  -7.543  17.996  1.00 61.45  ? 99  HIS A CA  1 
ATOM   733  C  C   . HIS A 1 107 ? 9.939   -8.427  18.899  1.00 62.28  ? 99  HIS A C   1 
ATOM   734  O  O   . HIS A 1 107 ? 9.032   -7.941  19.542  1.00 68.34  ? 99  HIS A O   1 
ATOM   735  C  CB  . HIS A 1 107 ? 9.918   -6.628  17.089  1.00 57.89  ? 99  HIS A CB  1 
ATOM   736  C  CG  . HIS A 1 107 ? 10.716  -5.608  16.352  1.00 57.89  ? 99  HIS A CG  1 
ATOM   737  N  ND1 . HIS A 1 107 ? 11.375  -5.882  15.171  1.00 58.56  ? 99  HIS A ND1 1 
ATOM   738  C  CD2 . HIS A 1 107 ? 11.028  -4.329  16.671  1.00 52.90  ? 99  HIS A CD2 1 
ATOM   739  C  CE1 . HIS A 1 107 ? 12.056  -4.809  14.796  1.00 55.84  ? 99  HIS A CE1 1 
ATOM   740  N  NE2 . HIS A 1 107 ? 11.858  -3.856  15.691  1.00 50.37  ? 99  HIS A NE2 1 
ATOM   741  N  N   . GLY A 1 108 ? 10.214  -9.729  18.940  1.00 57.99  ? 100 GLY A N   1 
ATOM   742  C  CA  . GLY A 1 108 ? 9.473   -10.629 19.785  1.00 52.26  ? 100 GLY A CA  1 
ATOM   743  C  C   . GLY A 1 108 ? 7.990   -10.768 19.578  1.00 56.01  ? 100 GLY A C   1 
ATOM   744  O  O   . GLY A 1 108 ? 7.264   -11.035 20.529  1.00 66.45  ? 100 GLY A O   1 
ATOM   745  N  N   . ILE A 1 109 ? 7.533   -10.694 18.327  1.00 62.09  ? 101 ILE A N   1 
ATOM   746  C  CA  . ILE A 1 109 ? 6.067   -10.851 17.995  1.00 56.72  ? 101 ILE A CA  1 
ATOM   747  C  C   . ILE A 1 109 ? 5.797   -12.072 17.097  1.00 53.61  ? 101 ILE A C   1 
ATOM   748  O  O   . ILE A 1 109 ? 6.707   -12.625 16.491  1.00 52.01  ? 101 ILE A O   1 
ATOM   749  C  CB  . ILE A 1 109 ? 5.475   -9.531  17.377  1.00 58.67  ? 101 ILE A CB  1 
ATOM   750  C  CG1 . ILE A 1 109 ? 6.273   -9.122  16.095  1.00 61.10  ? 101 ILE A CG1 1 
ATOM   751  C  CG2 . ILE A 1 109 ? 5.563   -8.382  18.388  1.00 55.30  ? 101 ILE A CG2 1 
ATOM   752  C  CD1 . ILE A 1 109 ? 5.848   -7.845  15.398  1.00 60.76  ? 101 ILE A CD1 1 
ATOM   753  N  N   . GLU A 1 110 ? 4.544   -12.493 17.001  1.00 56.51  ? 102 GLU A N   1 
ATOM   754  C  CA  . GLU A 1 110 ? 4.186   -13.510 16.027  1.00 61.03  ? 102 GLU A CA  1 
ATOM   755  C  C   . GLU A 1 110 ? 4.518   -13.098 14.567  1.00 64.23  ? 102 GLU A C   1 
ATOM   756  O  O   . GLU A 1 110 ? 4.337   -11.951 14.187  1.00 65.04  ? 102 GLU A O   1 
ATOM   757  C  CB  . GLU A 1 110 ? 2.691   -13.798 16.112  1.00 72.39  ? 102 GLU A CB  1 
ATOM   758  C  CG  . GLU A 1 110 ? 2.245   -14.526 17.381  1.00 83.70  ? 102 GLU A CG  1 
ATOM   759  C  CD  . GLU A 1 110 ? 0.783   -14.961 17.308  1.00 94.12  ? 102 GLU A CD  1 
ATOM   760  O  OE1 . GLU A 1 110 ? 0.463   -15.798 16.416  1.00 101.01 ? 102 GLU A OE1 1 
ATOM   761  O  OE2 . GLU A 1 110 ? -0.043  -14.468 18.135  1.00 91.19  ? 102 GLU A OE2 1 
ATOM   762  N  N   . THR A 1 111 ? 5.016   -14.040 13.774  1.00 60.17  ? 103 THR A N   1 
ATOM   763  C  CA  . THR A 1 111 ? 5.082   -13.921 12.329  1.00 56.09  ? 103 THR A CA  1 
ATOM   764  C  C   . THR A 1 111 ? 3.698   -14.160 11.713  1.00 54.67  ? 103 THR A C   1 
ATOM   765  O  O   . THR A 1 111 ? 3.118   -15.223 11.881  1.00 56.08  ? 103 THR A O   1 
ATOM   766  C  CB  . THR A 1 111 ? 6.043   -14.943 11.706  1.00 55.73  ? 103 THR A CB  1 
ATOM   767  O  OG1 . THR A 1 111 ? 7.291   -14.879 12.378  1.00 57.05  ? 103 THR A OG1 1 
ATOM   768  C  CG2 . THR A 1 111 ? 6.279   -14.613 10.220  1.00 56.83  ? 103 THR A CG2 1 
ATOM   769  N  N   . PRO A 1 112 ? 3.131   -13.158 11.034  1.00 54.61  ? 104 PRO A N   1 
ATOM   770  C  CA  . PRO A 1 112 ? 1.852   -13.446 10.368  1.00 50.23  ? 104 PRO A CA  1 
ATOM   771  C  C   . PRO A 1 112 ? 1.970   -14.550 9.333   1.00 48.72  ? 104 PRO A C   1 
ATOM   772  O  O   . PRO A 1 112 ? 3.059   -14.807 8.803   1.00 53.59  ? 104 PRO A O   1 
ATOM   773  C  CB  . PRO A 1 112 ? 1.528   -12.119 9.680   1.00 52.23  ? 104 PRO A CB  1 
ATOM   774  C  CG  . PRO A 1 112 ? 2.201   -11.083 10.535  1.00 53.63  ? 104 PRO A CG  1 
ATOM   775  C  CD  . PRO A 1 112 ? 3.469   -11.721 10.989  1.00 50.91  ? 104 PRO A CD  1 
ATOM   776  N  N   . LYS A 1 113 ? 0.848   -15.180 9.043   1.00 53.86  ? 105 LYS A N   1 
ATOM   777  C  CA  . LYS A 1 113 ? 0.752   -16.233 8.052   1.00 53.47  ? 105 LYS A CA  1 
ATOM   778  C  C   . LYS A 1 113 ? 0.527   -15.714 6.650   1.00 51.08  ? 105 LYS A C   1 
ATOM   779  O  O   . LYS A 1 113 ? 0.702   -16.460 5.680   1.00 48.53  ? 105 LYS A O   1 
ATOM   780  C  CB  . LYS A 1 113 ? -0.433  -17.102 8.358   1.00 55.97  ? 105 LYS A CB  1 
ATOM   781  C  CG  . LYS A 1 113 ? -0.437  -17.680 9.726   1.00 64.58  ? 105 LYS A CG  1 
ATOM   782  C  CD  . LYS A 1 113 ? 0.256   -19.015 9.795   1.00 64.70  ? 105 LYS A CD  1 
ATOM   783  C  CE  . LYS A 1 113 ? -0.162  -19.676 11.101  1.00 68.04  ? 105 LYS A CE  1 
ATOM   784  N  NZ  . LYS A 1 113 ? 0.994   -20.159 11.891  1.00 74.59  ? 105 LYS A NZ  1 
ATOM   785  N  N   . TYR A 1 114 ? 0.046   -14.474 6.546   1.00 50.27  ? 106 TYR A N   1 
ATOM   786  C  CA  . TYR A 1 114 ? -0.013  -13.738 5.271   1.00 48.89  ? 106 TYR A CA  1 
ATOM   787  C  C   . TYR A 1 114 ? 1.152   -12.796 5.193   1.00 46.67  ? 106 TYR A C   1 
ATOM   788  O  O   . TYR A 1 114 ? 1.658   -12.344 6.218   1.00 49.23  ? 106 TYR A O   1 
ATOM   789  C  CB  . TYR A 1 114 ? -1.326  -12.969 5.105   1.00 46.89  ? 106 TYR A CB  1 
ATOM   790  C  CG  . TYR A 1 114 ? -2.509  -13.873 4.883   1.00 47.46  ? 106 TYR A CG  1 
ATOM   791  C  CD1 . TYR A 1 114 ? -3.168  -14.460 5.968   1.00 51.91  ? 106 TYR A CD1 1 
ATOM   792  C  CD2 . TYR A 1 114 ? -2.997  -14.135 3.620   1.00 51.56  ? 106 TYR A CD2 1 
ATOM   793  C  CE1 . TYR A 1 114 ? -4.256  -15.284 5.806   1.00 50.69  ? 106 TYR A CE1 1 
ATOM   794  C  CE2 . TYR A 1 114 ? -4.114  -14.954 3.444   1.00 52.99  ? 106 TYR A CE2 1 
ATOM   795  C  CZ  . TYR A 1 114 ? -4.749  -15.514 4.551   1.00 50.14  ? 106 TYR A CZ  1 
ATOM   796  O  OH  . TYR A 1 114 ? -5.829  -16.358 4.427   1.00 55.42  ? 106 TYR A OH  1 
ATOM   797  N  N   . LEU A 1 115 ? 1.614   -12.519 3.976   1.00 43.85  ? 107 LEU A N   1 
ATOM   798  C  CA  . LEU A 1 115 ? 2.637   -11.490 3.747   1.00 40.95  ? 107 LEU A CA  1 
ATOM   799  C  C   . LEU A 1 115 ? 2.006   -10.112 3.826   1.00 40.10  ? 107 LEU A C   1 
ATOM   800  O  O   . LEU A 1 115 ? 0.999   -9.874  3.213   1.00 50.67  ? 107 LEU A O   1 
ATOM   801  C  CB  . LEU A 1 115 ? 3.271   -11.694 2.381   1.00 45.69  ? 107 LEU A CB  1 
ATOM   802  C  CG  . LEU A 1 115 ? 4.567   -10.970 2.058   1.00 50.24  ? 107 LEU A CG  1 
ATOM   803  C  CD1 . LEU A 1 115 ? 5.676   -11.564 2.900   1.00 57.47  ? 107 LEU A CD1 1 
ATOM   804  C  CD2 . LEU A 1 115 ? 4.902   -11.109 0.583   1.00 46.23  ? 107 LEU A CD2 1 
ATOM   805  N  N   . ALA A 1 116 ? 2.600   -9.228  4.623   1.00 46.25  ? 108 ALA A N   1 
ATOM   806  C  CA  . ALA A 1 116 ? 2.112   -7.883  4.885   1.00 45.90  ? 108 ALA A CA  1 
ATOM   807  C  C   . ALA A 1 116 ? 2.653   -6.902  3.877   1.00 42.67  ? 108 ALA A C   1 
ATOM   808  O  O   . ALA A 1 116 ? 3.559   -7.194  3.106   1.00 45.27  ? 108 ALA A O   1 
ATOM   809  C  CB  . ALA A 1 116 ? 2.554   -7.443  6.264   1.00 45.65  ? 108 ALA A CB  1 
ATOM   810  N  N   . ASP A 1 117 ? 2.129   -5.701  3.949   1.00 41.20  ? 109 ASP A N   1 
ATOM   811  C  CA  . ASP A 1 117 ? 2.571   -4.584  3.114   1.00 40.97  ? 109 ASP A CA  1 
ATOM   812  C  C   . ASP A 1 117 ? 3.583   -3.754  3.832   1.00 42.16  ? 109 ASP A C   1 
ATOM   813  O  O   . ASP A 1 117 ? 4.558   -3.349  3.205   1.00 41.51  ? 109 ASP A O   1 
ATOM   814  C  CB  . ASP A 1 117 ? 1.389   -3.740  2.665   1.00 37.87  ? 109 ASP A CB  1 
ATOM   815  C  CG  . ASP A 1 117 ? 0.475   -4.499  1.664   1.00 42.49  ? 109 ASP A CG  1 
ATOM   816  O  OD1 . ASP A 1 117 ? 1.071   -5.256  0.894   1.00 39.59  ? 109 ASP A OD1 1 
ATOM   817  O  OD2 . ASP A 1 117 ? -0.793  -4.342  1.629   1.00 38.58  ? 109 ASP A OD2 1 
ATOM   818  N  N   . LEU A 1 118 ? 3.383   -3.510  5.140   1.00 45.71  ? 110 LEU A N   1 
ATOM   819  C  CA  . LEU A 1 118 ? 4.361   -2.728  5.932   1.00 46.38  ? 110 LEU A CA  1 
ATOM   820  C  C   . LEU A 1 118 ? 4.599   -3.348  7.285   1.00 43.20  ? 110 LEU A C   1 
ATOM   821  O  O   . LEU A 1 118 ? 3.780   -4.118  7.741   1.00 42.50  ? 110 LEU A O   1 
ATOM   822  C  CB  . LEU A 1 118 ? 3.820   -1.309  6.169   1.00 51.85  ? 110 LEU A CB  1 
ATOM   823  C  CG  . LEU A 1 118 ? 3.374   -0.528  4.933   1.00 53.70  ? 110 LEU A CG  1 
ATOM   824  C  CD1 . LEU A 1 118 ? 2.430   0.570   5.392   1.00 65.09  ? 110 LEU A CD1 1 
ATOM   825  C  CD2 . LEU A 1 118 ? 4.568   0.034   4.186   1.00 50.80  ? 110 LEU A CD2 1 
ATOM   826  N  N   . PHE A 1 119 ? 5.730   -3.004  7.896   1.00 47.90  ? 111 PHE A N   1 
ATOM   827  C  CA  . PHE A 1 119 ? 5.963   -3.190  9.313   1.00 51.80  ? 111 PHE A CA  1 
ATOM   828  C  C   . PHE A 1 119 ? 6.043   -1.841  10.058  1.00 52.97  ? 111 PHE A C   1 
ATOM   829  O  O   . PHE A 1 119 ? 6.850   -0.993  9.694   1.00 47.58  ? 111 PHE A O   1 
ATOM   830  C  CB  . PHE A 1 119 ? 7.290   -3.927  9.557   1.00 49.59  ? 111 PHE A CB  1 
ATOM   831  C  CG  . PHE A 1 119 ? 7.515   -4.257  11.002  1.00 47.47  ? 111 PHE A CG  1 
ATOM   832  C  CD1 . PHE A 1 119 ? 6.585   -5.028  11.689  1.00 50.17  ? 111 PHE A CD1 1 
ATOM   833  C  CD2 . PHE A 1 119 ? 8.609   -3.744  11.687  1.00 52.51  ? 111 PHE A CD2 1 
ATOM   834  C  CE1 . PHE A 1 119 ? 6.741   -5.281  13.032  1.00 54.26  ? 111 PHE A CE1 1 
ATOM   835  C  CE2 . PHE A 1 119 ? 8.787   -4.014  13.017  1.00 54.23  ? 111 PHE A CE2 1 
ATOM   836  C  CZ  . PHE A 1 119 ? 7.848   -4.792  13.691  1.00 53.81  ? 111 PHE A CZ  1 
ATOM   837  N  N   . ASP A 1 120 ? 5.260   -1.683  11.123  1.00 54.79  ? 112 ASP A N   1 
ATOM   838  C  CA  . ASP A 1 120 ? 5.300   -0.470  11.949  1.00 59.11  ? 112 ASP A CA  1 
ATOM   839  C  C   . ASP A 1 120 ? 6.299   -0.678  13.088  1.00 62.69  ? 112 ASP A C   1 
ATOM   840  O  O   . ASP A 1 120 ? 6.029   -1.439  14.046  1.00 55.28  ? 112 ASP A O   1 
ATOM   841  C  CB  . ASP A 1 120 ? 3.912   -0.190  12.541  1.00 65.62  ? 112 ASP A CB  1 
ATOM   842  C  CG  . ASP A 1 120 ? 3.811   1.198   13.205  1.00 69.25  ? 112 ASP A CG  1 
ATOM   843  O  OD1 . ASP A 1 120 ? 4.846   1.849   13.459  1.00 68.08  ? 112 ASP A OD1 1 
ATOM   844  O  OD2 . ASP A 1 120 ? 2.675   1.641   13.454  1.00 77.56  ? 112 ASP A OD2 1 
ATOM   845  N  N   . TYR A 1 121 ? 7.445   -0.004  13.010  1.00 54.71  ? 113 TYR A N   1 
ATOM   846  C  CA  . TYR A 1 121 ? 8.431   -0.095  14.101  1.00 62.28  ? 113 TYR A CA  1 
ATOM   847  C  C   . TYR A 1 121 ? 7.955   0.465   15.472  1.00 65.51  ? 113 TYR A C   1 
ATOM   848  O  O   . TYR A 1 121 ? 8.504   0.061   16.495  1.00 61.18  ? 113 TYR A O   1 
ATOM   849  C  CB  . TYR A 1 121 ? 9.724   0.598   13.722  1.00 61.18  ? 113 TYR A CB  1 
ATOM   850  C  CG  . TYR A 1 121 ? 10.518  -0.105  12.657  1.00 62.49  ? 113 TYR A CG  1 
ATOM   851  C  CD1 . TYR A 1 121 ? 11.237  -1.277  12.959  1.00 63.84  ? 113 TYR A CD1 1 
ATOM   852  C  CD2 . TYR A 1 121 ? 10.558  0.369   11.364  1.00 50.39  ? 113 TYR A CD2 1 
ATOM   853  C  CE1 . TYR A 1 121 ? 11.989  -1.926  11.999  1.00 55.19  ? 113 TYR A CE1 1 
ATOM   854  C  CE2 . TYR A 1 121 ? 11.307  -0.293  10.415  1.00 56.79  ? 113 TYR A CE2 1 
ATOM   855  C  CZ  . TYR A 1 121 ? 12.018  -1.438  10.746  1.00 54.11  ? 113 TYR A CZ  1 
ATOM   856  O  OH  . TYR A 1 121 ? 12.772  -2.110  9.821   1.00 59.30  ? 113 TYR A OH  1 
ATOM   857  N  N   . LYS A 1 122 ? 6.977   1.385   15.472  1.00 73.50  ? 114 LYS A N   1 
ATOM   858  C  CA  . LYS A 1 122 ? 6.489   1.993   16.706  1.00 72.38  ? 114 LYS A CA  1 
ATOM   859  C  C   . LYS A 1 122 ? 5.579   1.036   17.381  1.00 69.35  ? 114 LYS A C   1 
ATOM   860  O  O   . LYS A 1 122 ? 5.935   0.519   18.436  1.00 78.16  ? 114 LYS A O   1 
ATOM   861  C  CB  . LYS A 1 122 ? 5.776   3.316   16.491  1.00 85.62  ? 114 LYS A CB  1 
ATOM   862  C  CG  . LYS A 1 122 ? 5.636   4.082   17.798  1.00 100.80 ? 114 LYS A CG  1 
ATOM   863  C  CD  . LYS A 1 122 ? 4.594   5.188   17.748  1.00 112.80 ? 114 LYS A CD  1 
ATOM   864  C  CE  . LYS A 1 122 ? 4.553   5.945   19.078  1.00 120.04 ? 114 LYS A CE  1 
ATOM   865  N  NZ  . LYS A 1 122 ? 3.936   7.300   18.963  1.00 124.18 ? 114 LYS A NZ  1 
ATOM   866  N  N   . THR A 1 123 ? 4.439   0.725   16.770  1.00 67.65  ? 115 THR A N   1 
ATOM   867  C  CA  . THR A 1 123 ? 3.491   -0.185  17.436  1.00 65.77  ? 115 THR A CA  1 
ATOM   868  C  C   . THR A 1 123 ? 3.912   -1.641  17.412  1.00 57.74  ? 115 THR A C   1 
ATOM   869  O  O   . THR A 1 123 ? 3.288   -2.455  18.085  1.00 65.78  ? 115 THR A O   1 
ATOM   870  C  CB  . THR A 1 123 ? 2.048   -0.061  16.909  1.00 69.19  ? 115 THR A CB  1 
ATOM   871  O  OG1 . THR A 1 123 ? 1.937   -0.659  15.620  1.00 78.32  ? 115 THR A OG1 1 
ATOM   872  C  CG2 . THR A 1 123 ? 1.626   1.401   16.823  1.00 74.86  ? 115 THR A CG2 1 
ATOM   873  N  N   . LYS A 1 124 ? 4.933   -1.976  16.625  1.00 61.07  ? 116 LYS A N   1 
ATOM   874  C  CA  . LYS A 1 124 ? 5.399   -3.368  16.427  1.00 60.79  ? 116 LYS A CA  1 
ATOM   875  C  C   . LYS A 1 124 ? 4.349   -4.290  15.812  1.00 57.48  ? 116 LYS A C   1 
ATOM   876  O  O   . LYS A 1 124 ? 4.027   -5.367  16.314  1.00 53.89  ? 116 LYS A O   1 
ATOM   877  C  CB  . LYS A 1 124 ? 6.024   -3.923  17.711  1.00 68.70  ? 116 LYS A CB  1 
ATOM   878  C  CG  . LYS A 1 124 ? 7.320   -3.200  18.022  1.00 75.11  ? 116 LYS A CG  1 
ATOM   879  C  CD  . LYS A 1 124 ? 7.857   -3.511  19.394  1.00 80.97  ? 116 LYS A CD  1 
ATOM   880  C  CE  . LYS A 1 124 ? 8.792   -2.377  19.813  1.00 93.17  ? 116 LYS A CE  1 
ATOM   881  N  NZ  . LYS A 1 124 ? 9.914   -2.899  20.637  1.00 103.84 ? 116 LYS A NZ  1 
ATOM   882  N  N   . ARG A 1 125 ? 3.781   -3.832  14.704  1.00 66.13  ? 117 ARG A N   1 
ATOM   883  C  CA  . ARG A 1 125 ? 2.777   -4.611  13.978  1.00 53.24  ? 117 ARG A CA  1 
ATOM   884  C  C   . ARG A 1 125 ? 3.051   -4.511  12.511  1.00 53.89  ? 117 ARG A C   1 
ATOM   885  O  O   . ARG A 1 125 ? 3.543   -3.468  11.986  1.00 51.44  ? 117 ARG A O   1 
ATOM   886  C  CB  . ARG A 1 125 ? 1.368   -4.097  14.225  1.00 54.74  ? 117 ARG A CB  1 
ATOM   887  C  CG  . ARG A 1 125 ? 0.935   -3.962  15.698  1.00 62.16  ? 117 ARG A CG  1 
ATOM   888  C  CD  . ARG A 1 125 ? 0.307   -5.241  16.250  1.00 60.79  ? 117 ARG A CD  1 
ATOM   889  N  NE  . ARG A 1 125 ? -1.011  -5.468  15.670  1.00 62.56  ? 117 ARG A NE  1 
ATOM   890  C  CZ  . ARG A 1 125 ? -1.645  -6.642  15.586  1.00 70.45  ? 117 ARG A CZ  1 
ATOM   891  N  NH1 . ARG A 1 125 ? -1.102  -7.758  16.044  1.00 68.27  ? 117 ARG A NH1 1 
ATOM   892  N  NH2 . ARG A 1 125 ? -2.857  -6.708  15.035  1.00 67.06  ? 117 ARG A NH2 1 
ATOM   893  N  N   . PHE A 1 126 ? 2.643   -5.587  11.852  1.00 50.39  ? 118 PHE A N   1 
ATOM   894  C  CA  . PHE A 1 126 ? 2.510   -5.667  10.429  1.00 47.19  ? 118 PHE A CA  1 
ATOM   895  C  C   . PHE A 1 126 ? 1.198   -5.010  9.988   1.00 47.49  ? 118 PHE A C   1 
ATOM   896  O  O   . PHE A 1 126 ? 0.216   -5.142  10.670  1.00 44.52  ? 118 PHE A O   1 
ATOM   897  C  CB  . PHE A 1 126 ? 2.645   -7.138  9.973   1.00 45.33  ? 118 PHE A CB  1 
ATOM   898  C  CG  . PHE A 1 126 ? 3.999   -7.677  10.257  1.00 45.86  ? 118 PHE A CG  1 
ATOM   899  C  CD1 . PHE A 1 126 ? 5.062   -7.383  9.400   1.00 44.34  ? 118 PHE A CD1 1 
ATOM   900  C  CD2 . PHE A 1 126 ? 4.253   -8.372  11.447  1.00 47.54  ? 118 PHE A CD2 1 
ATOM   901  C  CE1 . PHE A 1 126 ? 6.336   -7.806  9.690   1.00 43.19  ? 118 PHE A CE1 1 
ATOM   902  C  CE2 . PHE A 1 126 ? 5.530   -8.782  11.732  1.00 47.78  ? 118 PHE A CE2 1 
ATOM   903  C  CZ  . PHE A 1 126 ? 6.570   -8.515  10.842  1.00 42.57  ? 118 PHE A CZ  1 
ATOM   904  N  N   . ILE A 1 127 ? 1.237   -4.315  8.828   1.00 50.83  ? 119 ILE A N   1 
ATOM   905  C  CA  . ILE A 1 127 ? 0.118   -3.572  8.255   1.00 50.13  ? 119 ILE A CA  1 
ATOM   906  C  C   . ILE A 1 127 ? -0.196  -4.137  6.877   1.00 45.68  ? 119 ILE A C   1 
ATOM   907  O  O   . ILE A 1 127 ? 0.694   -4.376  6.061   1.00 41.10  ? 119 ILE A O   1 
ATOM   908  C  CB  . ILE A 1 127 ? 0.438   -2.066  8.046   1.00 54.75  ? 119 ILE A CB  1 
ATOM   909  C  CG1 . ILE A 1 127 ? 1.191   -1.405  9.231   1.00 57.98  ? 119 ILE A CG1 1 
ATOM   910  C  CG2 . ILE A 1 127 ? -0.819  -1.296  7.673   1.00 56.92  ? 119 ILE A CG2 1 
ATOM   911  C  CD1 . ILE A 1 127 ? 0.506   -1.454  10.574  1.00 59.11  ? 119 ILE A CD1 1 
ATOM   912  N  N   . GLU A 1 128 ? -1.475  -4.336  6.630   1.00 45.60  ? 120 GLU A N   1 
ATOM   913  C  CA  . GLU A 1 128 ? -2.009  -4.608  5.324   1.00 48.33  ? 120 GLU A CA  1 
ATOM   914  C  C   . GLU A 1 128 ? -2.639  -3.278  4.837   1.00 55.75  ? 120 GLU A C   1 
ATOM   915  O  O   . GLU A 1 128 ? -3.492  -2.705  5.505   1.00 47.02  ? 120 GLU A O   1 
ATOM   916  C  CB  . GLU A 1 128 ? -3.084  -5.689  5.375   1.00 47.38  ? 120 GLU A CB  1 
ATOM   917  C  CG  . GLU A 1 128 ? -3.851  -5.897  4.039   1.00 48.55  ? 120 GLU A CG  1 
ATOM   918  C  CD  . GLU A 1 128 ? -2.914  -6.321  2.886   1.00 48.82  ? 120 GLU A CD  1 
ATOM   919  O  OE1 . GLU A 1 128 ? -1.914  -7.018  3.176   1.00 45.26  ? 120 GLU A OE1 1 
ATOM   920  O  OE2 . GLU A 1 128 ? -3.147  -5.951  1.706   1.00 44.56  ? 120 GLU A OE2 1 
ATOM   921  N  N   . VAL A 1 129 ? -2.195  -2.840  3.654   1.00 52.43  ? 121 VAL A N   1 
ATOM   922  C  CA  . VAL A 1 129 ? -2.735  -1.713  2.936   1.00 46.23  ? 121 VAL A CA  1 
ATOM   923  C  C   . VAL A 1 129 ? -3.669  -2.218  1.850   1.00 48.43  ? 121 VAL A C   1 
ATOM   924  O  O   . VAL A 1 129 ? -3.363  -3.181  1.130   1.00 44.67  ? 121 VAL A O   1 
ATOM   925  C  CB  . VAL A 1 129 ? -1.620  -0.884  2.303   1.00 44.70  ? 121 VAL A CB  1 
ATOM   926  C  CG1 . VAL A 1 129 ? -2.200  0.293   1.555   1.00 51.18  ? 121 VAL A CG1 1 
ATOM   927  C  CG2 . VAL A 1 129 ? -0.592  -0.430  3.352   1.00 42.51  ? 121 VAL A CG2 1 
ATOM   928  N  N   . GLY A 1 130 ? -4.823  -1.576  1.774   1.00 49.41  ? 122 GLY A N   1 
ATOM   929  C  CA  . GLY A 1 130 ? -5.854  -1.890  0.801   1.00 53.65  ? 122 GLY A CA  1 
ATOM   930  C  C   . GLY A 1 130 ? -6.324  -0.645  0.056   1.00 50.52  ? 122 GLY A C   1 
ATOM   931  O  O   . GLY A 1 130 ? -6.494  0.435   0.652   1.00 51.05  ? 122 GLY A O   1 
ATOM   932  N  N   . ILE A 1 131 ? -6.535  -0.786  -1.247  1.00 47.38  ? 123 ILE A N   1 
ATOM   933  C  CA  . ILE A 1 131 ? -7.067  0.317   -2.063  1.00 48.88  ? 123 ILE A CA  1 
ATOM   934  C  C   . ILE A 1 131 ? -8.326  -0.173  -2.718  1.00 44.62  ? 123 ILE A C   1 
ATOM   935  O  O   . ILE A 1 131 ? -8.328  -1.218  -3.285  1.00 49.42  ? 123 ILE A O   1 
ATOM   936  C  CB  . ILE A 1 131 ? -6.100  0.773   -3.158  1.00 50.75  ? 123 ILE A CB  1 
ATOM   937  C  CG1 . ILE A 1 131 ? -4.705  1.057   -2.613  1.00 54.45  ? 123 ILE A CG1 1 
ATOM   938  C  CG2 . ILE A 1 131 ? -6.620  2.033   -3.849  1.00 51.08  ? 123 ILE A CG2 1 
ATOM   939  C  CD1 . ILE A 1 131 ? -4.601  2.227   -1.691  1.00 51.72  ? 123 ILE A CD1 1 
ATOM   940  N  N   . THR A 1 132 ? -9.392  0.593   -2.661  1.00 51.78  ? 124 THR A N   1 
ATOM   941  C  CA  . THR A 1 132 ? -10.669 0.139   -3.237  1.00 51.15  ? 124 THR A CA  1 
ATOM   942  C  C   . THR A 1 132 ? -11.400 1.277   -3.969  1.00 50.90  ? 124 THR A C   1 
ATOM   943  O  O   . THR A 1 132 ? -11.229 2.461   -3.637  1.00 48.22  ? 124 THR A O   1 
ATOM   944  C  CB  . THR A 1 132 ? -11.573 -0.476  -2.169  1.00 47.75  ? 124 THR A CB  1 
ATOM   945  O  OG1 . THR A 1 132 ? -12.775 -1.008  -2.757  1.00 54.63  ? 124 THR A OG1 1 
ATOM   946  C  CG2 . THR A 1 132 ? -11.989 0.564   -1.154  1.00 55.22  ? 124 THR A CG2 1 
ATOM   947  N  N   . LYS A 1 133 ? -12.180 0.879   -4.965  1.00 51.41  ? 125 LYS A N   1 
ATOM   948  C  CA  . LYS A 1 133 ? -13.094 1.764   -5.708  1.00 57.19  ? 125 LYS A CA  1 
ATOM   949  C  C   . LYS A 1 133 ? -14.501 1.822   -5.151  1.00 62.52  ? 125 LYS A C   1 
ATOM   950  O  O   . LYS A 1 133 ? -15.206 2.783   -5.423  1.00 59.51  ? 125 LYS A O   1 
ATOM   951  C  CB  . LYS A 1 133 ? -13.154 1.337   -7.151  1.00 60.78  ? 125 LYS A CB  1 
ATOM   952  C  CG  . LYS A 1 133 ? -11.801 1.525   -7.778  1.00 59.09  ? 125 LYS A CG  1 
ATOM   953  C  CD  . LYS A 1 133 ? -11.725 0.915   -9.143  1.00 70.75  ? 125 LYS A CD  1 
ATOM   954  C  CE  . LYS A 1 133 ? -10.312 1.108   -9.659  1.00 69.42  ? 125 LYS A CE  1 
ATOM   955  N  NZ  . LYS A 1 133 ? -9.340  0.115   -9.113  1.00 67.16  ? 125 LYS A NZ  1 
ATOM   956  N  N   . GLY A 1 134 ? -14.867 0.822   -4.335  1.00 65.42  ? 126 GLY A N   1 
ATOM   957  C  CA  . GLY A 1 134 ? -16.053 0.852   -3.498  1.00 61.58  ? 126 GLY A CA  1 
ATOM   958  C  C   . GLY A 1 134 ? -15.834 1.576   -2.183  1.00 57.31  ? 126 GLY A C   1 
ATOM   959  O  O   . GLY A 1 134 ? -14.941 2.432   -2.041  1.00 62.72  ? 126 GLY A O   1 
ATOM   960  N  N   . LEU A 1 135 ? -16.678 1.236   -1.218  1.00 53.39  ? 127 LEU A N   1 
ATOM   961  C  CA  . LEU A 1 135 ? -16.590 1.791   0.138   1.00 61.31  ? 127 LEU A CA  1 
ATOM   962  C  C   . LEU A 1 135 ? -15.486 1.135   0.967   1.00 59.76  ? 127 LEU A C   1 
ATOM   963  O  O   . LEU A 1 135 ? -15.266 -0.091  0.888   1.00 61.49  ? 127 LEU A O   1 
ATOM   964  C  CB  . LEU A 1 135 ? -17.920 1.634   0.847   1.00 70.57  ? 127 LEU A CB  1 
ATOM   965  C  CG  . LEU A 1 135 ? -19.079 2.358   0.148   1.00 78.44  ? 127 LEU A CG  1 
ATOM   966  C  CD1 . LEU A 1 135 ? -20.400 1.920   0.787   1.00 78.79  ? 127 LEU A CD1 1 
ATOM   967  C  CD2 . LEU A 1 135 ? -18.848 3.882   0.167   1.00 74.78  ? 127 LEU A CD2 1 
ATOM   968  N  N   . ALA A 1 136 ? -14.789 1.969   1.734   1.00 64.57  ? 128 ALA A N   1 
ATOM   969  C  CA  . ALA A 1 136 ? -13.647 1.547   2.537   1.00 61.64  ? 128 ALA A CA  1 
ATOM   970  C  C   . ALA A 1 136 ? -14.007 0.450   3.548   1.00 70.95  ? 128 ALA A C   1 
ATOM   971  O  O   . ALA A 1 136 ? -13.233 -0.491  3.728   1.00 71.06  ? 128 ALA A O   1 
ATOM   972  C  CB  . ALA A 1 136 ? -13.027 2.734   3.231   1.00 56.92  ? 128 ALA A CB  1 
ATOM   973  N  N   . ASP A 1 137 ? -15.200 0.558   4.146   1.00 70.27  ? 129 ASP A N   1 
ATOM   974  C  CA  . ASP A 1 137 ? -15.701 -0.394  5.141   1.00 63.37  ? 129 ASP A CA  1 
ATOM   975  C  C   . ASP A 1 137 ? -15.946 -1.778  4.608   1.00 69.19  ? 129 ASP A C   1 
ATOM   976  O  O   . ASP A 1 137 ? -15.708 -2.777  5.326   1.00 70.15  ? 129 ASP A O   1 
ATOM   977  C  CB  . ASP A 1 137 ? -17.006 0.098   5.811   1.00 75.28  ? 129 ASP A CB  1 
ATOM   978  C  CG  . ASP A 1 137 ? -16.782 0.645   7.224   1.00 82.75  ? 129 ASP A CG  1 
ATOM   979  O  OD1 . ASP A 1 137 ? -16.194 1.753   7.368   1.00 77.25  ? 129 ASP A OD1 1 
ATOM   980  O  OD2 . ASP A 1 137 ? -17.202 -0.057  8.181   1.00 86.80  ? 129 ASP A OD2 1 
ATOM   981  N  N   . ASP A 1 138 ? -16.460 -1.861  3.383   1.00 62.22  ? 130 ASP A N   1 
ATOM   982  C  CA  . ASP A 1 138 ? -16.739 -3.164  2.791   1.00 62.92  ? 130 ASP A CA  1 
ATOM   983  C  C   . ASP A 1 138 ? -15.425 -3.914  2.588   1.00 64.56  ? 130 ASP A C   1 
ATOM   984  O  O   . ASP A 1 138 ? -15.372 -5.118  2.799   1.00 66.64  ? 130 ASP A O   1 
ATOM   985  C  CB  . ASP A 1 138 ? -17.425 -3.038  1.440   1.00 67.14  ? 130 ASP A CB  1 
ATOM   986  C  CG  . ASP A 1 138 ? -18.767 -2.300  1.511   1.00 81.34  ? 130 ASP A CG  1 
ATOM   987  O  OD1 . ASP A 1 138 ? -19.577 -2.593  2.414   1.00 76.22  ? 130 ASP A OD1 1 
ATOM   988  O  OD2 . ASP A 1 138 ? -19.006 -1.440  0.631   1.00 87.92  ? 130 ASP A OD2 1 
ATOM   989  N  N   . TYR A 1 139 ? -14.380 -3.188  2.176   1.00 62.29  ? 131 TYR A N   1 
ATOM   990  C  CA  . TYR A 1 139 ? -13.074 -3.776  1.889   1.00 63.03  ? 131 TYR A CA  1 
ATOM   991  C  C   . TYR A 1 139 ? -12.289 -4.058  3.210   1.00 58.89  ? 131 TYR A C   1 
ATOM   992  O  O   . TYR A 1 139 ? -11.614 -5.058  3.323   1.00 60.48  ? 131 TYR A O   1 
ATOM   993  C  CB  . TYR A 1 139 ? -12.311 -2.886  0.893   1.00 56.49  ? 131 TYR A CB  1 
ATOM   994  C  CG  . TYR A 1 139 ? -11.125 -3.534  0.198   1.00 59.25  ? 131 TYR A CG  1 
ATOM   995  C  CD1 . TYR A 1 139 ? -11.196 -4.810  -0.374  1.00 74.27  ? 131 TYR A CD1 1 
ATOM   996  C  CD2 . TYR A 1 139 ? -9.924  -2.868  0.107   1.00 63.02  ? 131 TYR A CD2 1 
ATOM   997  C  CE1 . TYR A 1 139 ? -10.080 -5.390  -0.990  1.00 70.64  ? 131 TYR A CE1 1 
ATOM   998  C  CE2 . TYR A 1 139 ? -8.824  -3.422  -0.524  1.00 62.60  ? 131 TYR A CE2 1 
ATOM   999  C  CZ  . TYR A 1 139 ? -8.890  -4.676  -1.051  1.00 64.37  ? 131 TYR A CZ  1 
ATOM   1000 O  OH  . TYR A 1 139 ? -7.758  -5.170  -1.637  1.00 54.16  ? 131 TYR A OH  1 
ATOM   1001 N  N   . PHE A 1 140 ? -12.414 -3.198  4.208   1.00 54.86  ? 132 PHE A N   1 
ATOM   1002 C  CA  . PHE A 1 140 ? -11.941 -3.496  5.553   1.00 57.22  ? 132 PHE A CA  1 
ATOM   1003 C  C   . PHE A 1 140 ? -12.399 -4.889  6.068   1.00 65.52  ? 132 PHE A C   1 
ATOM   1004 O  O   . PHE A 1 140 ? -11.564 -5.726  6.399   1.00 60.70  ? 132 PHE A O   1 
ATOM   1005 C  CB  . PHE A 1 140 ? -12.403 -2.409  6.510   1.00 55.87  ? 132 PHE A CB  1 
ATOM   1006 C  CG  . PHE A 1 140 ? -11.806 -2.516  7.893   1.00 56.82  ? 132 PHE A CG  1 
ATOM   1007 C  CD1 . PHE A 1 140 ? -12.435 -3.277  8.886   1.00 59.06  ? 132 PHE A CD1 1 
ATOM   1008 C  CD2 . PHE A 1 140 ? -10.641 -1.833  8.222   1.00 56.83  ? 132 PHE A CD2 1 
ATOM   1009 C  CE1 . PHE A 1 140 ? -11.903 -3.368  10.166  1.00 54.44  ? 132 PHE A CE1 1 
ATOM   1010 C  CE2 . PHE A 1 140 ? -10.109 -1.913  9.513   1.00 66.27  ? 132 PHE A CE2 1 
ATOM   1011 C  CZ  . PHE A 1 140 ? -10.753 -2.681  10.483  1.00 55.81  ? 132 PHE A CZ  1 
ATOM   1012 N  N   . TRP A 1 141 ? -13.702 -5.150  6.086   1.00 60.51  ? 133 TRP A N   1 
ATOM   1013 C  CA  . TRP A 1 141 ? -14.217 -6.387  6.673   1.00 63.50  ? 133 TRP A CA  1 
ATOM   1014 C  C   . TRP A 1 141 ? -13.874 -7.627  5.854   1.00 63.77  ? 133 TRP A C   1 
ATOM   1015 O  O   . TRP A 1 141 ? -13.705 -8.695  6.428   1.00 68.37  ? 133 TRP A O   1 
ATOM   1016 C  CB  . TRP A 1 141 ? -15.742 -6.287  7.044   1.00 67.96  ? 133 TRP A CB  1 
ATOM   1017 C  CG  . TRP A 1 141 ? -15.878 -5.366  8.225   1.00 63.97  ? 133 TRP A CG  1 
ATOM   1018 C  CD1 . TRP A 1 141 ? -16.255 -4.064  8.208   1.00 67.36  ? 133 TRP A CD1 1 
ATOM   1019 C  CD2 . TRP A 1 141 ? -15.498 -5.655  9.566   1.00 71.92  ? 133 TRP A CD2 1 
ATOM   1020 N  NE1 . TRP A 1 141 ? -16.161 -3.521  9.461   1.00 70.66  ? 133 TRP A NE1 1 
ATOM   1021 C  CE2 . TRP A 1 141 ? -15.712 -4.480  10.323  1.00 72.50  ? 133 TRP A CE2 1 
ATOM   1022 C  CE3 . TRP A 1 141 ? -15.001 -6.806  10.214  1.00 77.64  ? 133 TRP A CE3 1 
ATOM   1023 C  CZ2 . TRP A 1 141 ? -15.429 -4.404  11.702  1.00 74.10  ? 133 TRP A CZ2 1 
ATOM   1024 C  CZ3 . TRP A 1 141 ? -14.729 -6.737  11.600  1.00 82.54  ? 133 TRP A CZ3 1 
ATOM   1025 C  CH2 . TRP A 1 141 ? -14.948 -5.542  12.325  1.00 74.63  ? 133 TRP A CH2 1 
ATOM   1026 N  N   . LYS A 1 142 ? -13.771 -7.482  4.544   1.00 63.50  ? 134 LYS A N   1 
ATOM   1027 C  CA  . LYS A 1 142 ? -13.338 -8.566  3.661   1.00 66.09  ? 134 LYS A CA  1 
ATOM   1028 C  C   . LYS A 1 142 ? -11.912 -8.967  3.947   1.00 60.15  ? 134 LYS A C   1 
ATOM   1029 O  O   . LYS A 1 142 ? -11.584 -10.149 3.923   1.00 72.19  ? 134 LYS A O   1 
ATOM   1030 C  CB  . LYS A 1 142 ? -13.391 -8.148  2.188   1.00 79.37  ? 134 LYS A CB  1 
ATOM   1031 C  CG  . LYS A 1 142 ? -14.686 -8.462  1.461   1.00 92.60  ? 134 LYS A CG  1 
ATOM   1032 C  CD  . LYS A 1 142 ? -14.452 -8.364  -0.047  1.00 101.08 ? 134 LYS A CD  1 
ATOM   1033 C  CE  . LYS A 1 142 ? -15.710 -8.703  -0.830  1.00 100.09 ? 134 LYS A CE  1 
ATOM   1034 N  NZ  . LYS A 1 142 ? -15.461 -8.594  -2.296  1.00 101.09 ? 134 LYS A NZ  1 
ATOM   1035 N  N   . LYS A 1 143 ? -11.052 -7.971  4.138   1.00 58.51  ? 135 LYS A N   1 
ATOM   1036 C  CA  . LYS A 1 143 ? -9.648  -8.197  4.485   1.00 53.26  ? 135 LYS A CA  1 
ATOM   1037 C  C   . LYS A 1 143 ? -9.540  -8.892  5.845   1.00 56.36  ? 135 LYS A C   1 
ATOM   1038 O  O   . LYS A 1 143 ? -8.742  -9.795  6.022   1.00 56.88  ? 135 LYS A O   1 
ATOM   1039 C  CB  . LYS A 1 143 ? -8.884  -6.896  4.534   1.00 57.34  ? 135 LYS A CB  1 
ATOM   1040 C  CG  . LYS A 1 143 ? -8.558  -6.303  3.182   1.00 70.16  ? 135 LYS A CG  1 
ATOM   1041 C  CD  . LYS A 1 143 ? -7.204  -6.776  2.665   1.00 76.95  ? 135 LYS A CD  1 
ATOM   1042 C  CE  . LYS A 1 143 ? -6.863  -6.159  1.312   1.00 80.59  ? 135 LYS A CE  1 
ATOM   1043 N  NZ  . LYS A 1 143 ? -5.523  -6.543  0.782   1.00 76.30  ? 135 LYS A NZ  1 
ATOM   1044 N  N   . LYS A 1 144 ? -10.344 -8.425  6.790   1.00 60.80  ? 136 LYS A N   1 
ATOM   1045 C  CA  . LYS A 1 144 ? -10.453 -8.979  8.134   1.00 58.78  ? 136 LYS A CA  1 
ATOM   1046 C  C   . LYS A 1 144 ? -10.999 -10.398 8.170   1.00 57.86  ? 136 LYS A C   1 
ATOM   1047 O  O   . LYS A 1 144 ? -10.688 -11.114 9.071   1.00 64.24  ? 136 LYS A O   1 
ATOM   1048 C  CB  . LYS A 1 144 ? -11.346 -8.086  8.982   1.00 58.06  ? 136 LYS A CB  1 
ATOM   1049 C  CG  . LYS A 1 144 ? -10.637 -7.037  9.791   1.00 65.48  ? 136 LYS A CG  1 
ATOM   1050 C  CD  . LYS A 1 144 ? -10.606 -7.383  11.278  1.00 69.33  ? 136 LYS A CD  1 
ATOM   1051 C  CE  . LYS A 1 144 ? -9.923  -6.270  12.056  1.00 79.12  ? 136 LYS A CE  1 
ATOM   1052 N  NZ  . LYS A 1 144 ? -9.666  -6.652  13.464  1.00 88.48  ? 136 LYS A NZ  1 
ATOM   1053 N  N   . GLU A 1 145 ? -11.825 -10.791 7.220   1.00 58.09  ? 137 GLU A N   1 
ATOM   1054 C  CA  . GLU A 1 145 ? -12.223 -12.190 7.098   1.00 66.27  ? 137 GLU A CA  1 
ATOM   1055 C  C   . GLU A 1 145 ? -10.998 -13.110 6.966   1.00 71.10  ? 137 GLU A C   1 
ATOM   1056 O  O   . GLU A 1 145 ? -10.974 -14.186 7.561   1.00 70.98  ? 137 GLU A O   1 
ATOM   1057 C  CB  . GLU A 1 145 ? -13.191 -12.424 5.905   1.00 75.82  ? 137 GLU A CB  1 
ATOM   1058 C  CG  . GLU A 1 145 ? -14.663 -12.690 6.272   1.00 91.82  ? 137 GLU A CG  1 
ATOM   1059 C  CD  . GLU A 1 145 ? -15.649 -12.446 5.106   1.00 106.21 ? 137 GLU A CD  1 
ATOM   1060 O  OE1 . GLU A 1 145 ? -15.338 -12.809 3.944   1.00 110.01 ? 137 GLU A OE1 1 
ATOM   1061 O  OE2 . GLU A 1 145 ? -16.744 -11.874 5.339   1.00 100.82 ? 137 GLU A OE2 1 
ATOM   1062 N  N   . LYS A 1 146 ? -9.996  -12.713 6.178   1.00 71.47  ? 138 LYS A N   1 
ATOM   1063 C  CA  . LYS A 1 146 ? -8.786  -13.526 6.050   1.00 66.32  ? 138 LYS A CA  1 
ATOM   1064 C  C   . LYS A 1 146 ? -7.858  -13.307 7.232   1.00 65.01  ? 138 LYS A C   1 
ATOM   1065 O  O   . LYS A 1 146 ? -7.388  -14.258 7.836   1.00 68.67  ? 138 LYS A O   1 
ATOM   1066 C  CB  . LYS A 1 146 ? -7.991  -13.178 4.823   1.00 66.92  ? 138 LYS A CB  1 
ATOM   1067 C  CG  . LYS A 1 146 ? -8.604  -13.554 3.484   1.00 72.06  ? 138 LYS A CG  1 
ATOM   1068 C  CD  . LYS A 1 146 ? -7.579  -13.124 2.432   1.00 68.72  ? 138 LYS A CD  1 
ATOM   1069 C  CE  . LYS A 1 146 ? -7.955  -13.457 1.009   1.00 74.44  ? 138 LYS A CE  1 
ATOM   1070 N  NZ  . LYS A 1 146 ? -6.696  -13.533 0.176   1.00 81.10  ? 138 LYS A NZ  1 
ATOM   1071 N  N   . LEU A 1 147 ? -7.571  -12.060 7.540   1.00 51.60  ? 139 LEU A N   1 
ATOM   1072 C  CA  . LEU A 1 147 ? -6.474  -11.739 8.411   1.00 54.16  ? 139 LEU A CA  1 
ATOM   1073 C  C   . LEU A 1 147 ? -6.803  -11.742 9.918   1.00 62.12  ? 139 LEU A C   1 
ATOM   1074 O  O   . LEU A 1 147 ? -5.876  -11.664 10.765  1.00 56.58  ? 139 LEU A O   1 
ATOM   1075 C  CB  . LEU A 1 147 ? -5.890  -10.362 8.017   1.00 57.55  ? 139 LEU A CB  1 
ATOM   1076 C  CG  . LEU A 1 147 ? -5.102  -10.221 6.700   1.00 57.16  ? 139 LEU A CG  1 
ATOM   1077 C  CD1 . LEU A 1 147 ? -4.896  -8.764  6.268   1.00 54.56  ? 139 LEU A CD1 1 
ATOM   1078 C  CD2 . LEU A 1 147 ? -3.770  -10.930 6.801   1.00 58.49  ? 139 LEU A CD2 1 
ATOM   1079 N  N   . GLY A 1 148 ? -8.079  -11.794 10.287  1.00 61.98  ? 140 GLY A N   1 
ATOM   1080 C  CA  . GLY A 1 148 ? -8.423  -11.693 11.712  1.00 68.46  ? 140 GLY A CA  1 
ATOM   1081 C  C   . GLY A 1 148 ? -7.737  -10.471 12.324  1.00 68.32  ? 140 GLY A C   1 
ATOM   1082 O  O   . GLY A 1 148 ? -7.850  -9.409  11.771  1.00 62.34  ? 140 GLY A O   1 
ATOM   1083 N  N   . ASN A 1 149 ? -6.982  -10.630 13.418  1.00 66.02  ? 141 ASN A N   1 
ATOM   1084 C  CA  . ASN A 1 149 ? -6.185  -9.523  13.962  1.00 63.08  ? 141 ASN A CA  1 
ATOM   1085 C  C   . ASN A 1 149 ? -4.690  -9.830  13.986  1.00 59.26  ? 141 ASN A C   1 
ATOM   1086 O  O   . ASN A 1 149 ? -3.923  -9.315  14.812  1.00 65.15  ? 141 ASN A O   1 
ATOM   1087 C  CB  . ASN A 1 149 ? -6.729  -9.016  15.305  1.00 79.74  ? 141 ASN A CB  1 
ATOM   1088 C  CG  . ASN A 1 149 ? -7.261  -10.120 16.149  1.00 91.77  ? 141 ASN A CG  1 
ATOM   1089 O  OD1 . ASN A 1 149 ? -6.521  -11.038 16.529  1.00 102.05 ? 141 ASN A OD1 1 
ATOM   1090 N  ND2 . ASN A 1 149 ? -8.562  -10.078 16.407  1.00 86.00  ? 141 ASN A ND2 1 
ATOM   1091 N  N   . SER A 1 150 ? -4.253  -10.583 12.987  1.00 54.71  ? 142 SER A N   1 
ATOM   1092 C  CA  . SER A 1 150 ? -2.844  -10.771 12.738  1.00 53.40  ? 142 SER A CA  1 
ATOM   1093 C  C   . SER A 1 150 ? -2.188  -9.478  12.335  1.00 56.44  ? 142 SER A C   1 
ATOM   1094 O  O   . SER A 1 150 ? -1.000  -9.329  12.605  1.00 61.52  ? 142 SER A O   1 
ATOM   1095 C  CB  . SER A 1 150 ? -2.587  -11.859 11.669  1.00 57.33  ? 142 SER A CB  1 
ATOM   1096 O  OG  . SER A 1 150 ? -3.301  -11.561 10.474  1.00 65.93  ? 142 SER A OG  1 
ATOM   1097 N  N   . MET A 1 151 ? -2.920  -8.545  11.698  1.00 59.57  ? 143 MET A N   1 
ATOM   1098 C  CA  . MET A 1 151 ? -2.331  -7.275  11.209  1.00 59.42  ? 143 MET A CA  1 
ATOM   1099 C  C   . MET A 1 151 ? -3.265  -6.131  11.421  1.00 56.68  ? 143 MET A C   1 
ATOM   1100 O  O   . MET A 1 151 ? -4.465  -6.330  11.416  1.00 51.28  ? 143 MET A O   1 
ATOM   1101 C  CB  . MET A 1 151 ? -2.092  -7.331  9.685   1.00 57.58  ? 143 MET A CB  1 
ATOM   1102 C  CG  . MET A 1 151 ? -1.297  -8.523  9.183   1.00 60.99  ? 143 MET A CG  1 
ATOM   1103 S  SD  . MET A 1 151 ? -0.870  -8.321  7.447   1.00 53.22  ? 143 MET A SD  1 
ATOM   1104 C  CE  . MET A 1 151 ? -0.162  -9.941  7.199   1.00 59.67  ? 143 MET A CE  1 
ATOM   1105 N  N   . GLU A 1 152 ? -2.714  -4.920  11.460  1.00 49.24  ? 144 GLU A N   1 
ATOM   1106 C  CA  . GLU A 1 152 ? -3.533  -3.720  11.324  1.00 50.57  ? 144 GLU A CA  1 
ATOM   1107 C  C   . GLU A 1 152 ? -3.874  -3.498  9.841   1.00 55.60  ? 144 GLU A C   1 
ATOM   1108 O  O   . GLU A 1 152 ? -3.256  -4.055  8.945   1.00 60.45  ? 144 GLU A O   1 
ATOM   1109 C  CB  . GLU A 1 152 ? -2.811  -2.469  11.864  1.00 56.81  ? 144 GLU A CB  1 
ATOM   1110 C  CG  . GLU A 1 152 ? -2.310  -2.517  13.323  1.00 68.87  ? 144 GLU A CG  1 
ATOM   1111 C  CD  . GLU A 1 152 ? -3.336  -3.023  14.346  1.00 76.33  ? 144 GLU A CD  1 
ATOM   1112 O  OE1 . GLU A 1 152 ? -4.529  -2.663  14.239  1.00 82.56  ? 144 GLU A OE1 1 
ATOM   1113 O  OE2 . GLU A 1 152 ? -2.938  -3.779  15.277  1.00 73.22  ? 144 GLU A OE2 1 
ATOM   1114 N  N   . LEU A 1 153 ? -4.882  -2.688  9.593   1.00 49.96  ? 145 LEU A N   1 
ATOM   1115 C  CA  . LEU A 1 153 ? -5.405  -2.504  8.266   1.00 55.47  ? 145 LEU A CA  1 
ATOM   1116 C  C   . LEU A 1 153 ? -5.437  -1.029  7.988   1.00 58.88  ? 145 LEU A C   1 
ATOM   1117 O  O   . LEU A 1 153 ? -5.864  -0.263  8.835   1.00 64.61  ? 145 LEU A O   1 
ATOM   1118 C  CB  . LEU A 1 153 ? -6.801  -3.033  8.176   1.00 52.74  ? 145 LEU A CB  1 
ATOM   1119 C  CG  . LEU A 1 153 ? -7.086  -4.513  8.396   1.00 56.58  ? 145 LEU A CG  1 
ATOM   1120 C  CD1 . LEU A 1 153 ? -8.522  -4.770  7.985   1.00 63.39  ? 145 LEU A CD1 1 
ATOM   1121 C  CD2 . LEU A 1 153 ? -6.230  -5.434  7.592   1.00 62.46  ? 145 LEU A CD2 1 
ATOM   1122 N  N   . MET A 1 154 ? -5.006  -0.630  6.806   1.00 52.42  ? 146 MET A N   1 
ATOM   1123 C  CA  . MET A 1 154 ? -5.198  0.746   6.368   1.00 49.98  ? 146 MET A CA  1 
ATOM   1124 C  C   . MET A 1 154 ? -5.816  0.761   4.974   1.00 50.93  ? 146 MET A C   1 
ATOM   1125 O  O   . MET A 1 154 ? -5.131  0.469   4.020   1.00 54.83  ? 146 MET A O   1 
ATOM   1126 C  CB  . MET A 1 154 ? -3.898  1.447   6.364   1.00 48.40  ? 146 MET A CB  1 
ATOM   1127 C  CG  . MET A 1 154 ? -3.201  1.511   7.686   1.00 46.88  ? 146 MET A CG  1 
ATOM   1128 S  SD  . MET A 1 154 ? -1.741  2.458   7.329   1.00 62.68  ? 146 MET A SD  1 
ATOM   1129 C  CE  . MET A 1 154 ? -0.967  2.344   8.954   1.00 66.55  ? 146 MET A CE  1 
ATOM   1130 N  N   . ILE A 1 155 ? -7.110  1.088   4.883   1.00 56.43  ? 147 ILE A N   1 
ATOM   1131 C  CA  . ILE A 1 155 ? -7.923  0.943   3.676   1.00 49.41  ? 147 ILE A CA  1 
ATOM   1132 C  C   . ILE A 1 155 ? -8.248  2.343   3.173   1.00 51.36  ? 147 ILE A C   1 
ATOM   1133 O  O   . ILE A 1 155 ? -8.737  3.152   3.914   1.00 51.54  ? 147 ILE A O   1 
ATOM   1134 C  CB  . ILE A 1 155 ? -9.226  0.209   3.968   1.00 46.47  ? 147 ILE A CB  1 
ATOM   1135 C  CG1 . ILE A 1 155 ? -8.967  -1.146  4.640   1.00 53.60  ? 147 ILE A CG1 1 
ATOM   1136 C  CG2 . ILE A 1 155 ? -10.066 0.011   2.707   1.00 49.85  ? 147 ILE A CG2 1 
ATOM   1137 C  CD1 . ILE A 1 155 ? -8.177  -2.167  3.843   1.00 56.87  ? 147 ILE A CD1 1 
ATOM   1138 N  N   . PHE A 1 156 ? -7.905  2.629   1.929   1.00 54.93  ? 148 PHE A N   1 
ATOM   1139 C  CA  . PHE A 1 156 ? -8.201  3.923   1.269   1.00 53.44  ? 148 PHE A CA  1 
ATOM   1140 C  C   . PHE A 1 156 ? -9.067  3.687   0.061   1.00 52.67  ? 148 PHE A C   1 
ATOM   1141 O  O   . PHE A 1 156 ? -8.886  2.679   -0.656  1.00 49.32  ? 148 PHE A O   1 
ATOM   1142 C  CB  . PHE A 1 156 ? -6.923  4.581   0.839   1.00 51.09  ? 148 PHE A CB  1 
ATOM   1143 C  CG  . PHE A 1 156 ? -5.975  4.784   1.966   1.00 55.30  ? 148 PHE A CG  1 
ATOM   1144 C  CD1 . PHE A 1 156 ? -6.093  5.887   2.790   1.00 54.45  ? 148 PHE A CD1 1 
ATOM   1145 C  CD2 . PHE A 1 156 ? -4.979  3.847   2.239   1.00 59.81  ? 148 PHE A CD2 1 
ATOM   1146 C  CE1 . PHE A 1 156 ? -5.209  6.061   3.855   1.00 57.35  ? 148 PHE A CE1 1 
ATOM   1147 C  CE2 . PHE A 1 156 ? -4.092  4.022   3.307   1.00 56.36  ? 148 PHE A CE2 1 
ATOM   1148 C  CZ  . PHE A 1 156 ? -4.225  5.113   4.125   1.00 53.65  ? 148 PHE A CZ  1 
ATOM   1149 N  N   . SER A 1 157 ? -10.072 4.560   -0.130  1.00 60.35  ? 149 SER A N   1 
ATOM   1150 C  CA  . SER A 1 157 ? -10.922 4.490   -1.342  1.00 54.96  ? 149 SER A CA  1 
ATOM   1151 C  C   . SER A 1 157 ? -10.634 5.681   -2.242  1.00 50.58  ? 149 SER A C   1 
ATOM   1152 O  O   . SER A 1 157 ? -9.976  6.630   -1.858  1.00 52.22  ? 149 SER A O   1 
ATOM   1153 C  CB  . SER A 1 157 ? -12.419 4.374   -1.046  1.00 54.47  ? 149 SER A CB  1 
ATOM   1154 O  OG  . SER A 1 157 ? -12.914 5.665   -0.783  1.00 61.72  ? 149 SER A OG  1 
ATOM   1155 N  N   . TYR A 1 158 ? -11.114 5.560   -3.465  1.00 56.62  ? 150 TYR A N   1 
ATOM   1156 C  CA  . TYR A 1 158 ? -11.082 6.623   -4.464  1.00 60.45  ? 150 TYR A CA  1 
ATOM   1157 C  C   . TYR A 1 158 ? -12.307 7.561   -4.320  1.00 63.98  ? 150 TYR A C   1 
ATOM   1158 O  O   . TYR A 1 158 ? -12.370 8.560   -5.023  1.00 81.02  ? 150 TYR A O   1 
ATOM   1159 C  CB  . TYR A 1 158 ? -11.084 6.004   -5.870  1.00 52.53  ? 150 TYR A CB  1 
ATOM   1160 C  CG  . TYR A 1 158 ? -9.783  5.408   -6.338  1.00 52.13  ? 150 TYR A CG  1 
ATOM   1161 C  CD1 . TYR A 1 158 ? -8.841  6.197   -6.933  1.00 51.52  ? 150 TYR A CD1 1 
ATOM   1162 C  CD2 . TYR A 1 158 ? -9.534  4.006   -6.275  1.00 48.86  ? 150 TYR A CD2 1 
ATOM   1163 C  CE1 . TYR A 1 158 ? -7.654  5.648   -7.442  1.00 49.29  ? 150 TYR A CE1 1 
ATOM   1164 C  CE2 . TYR A 1 158 ? -8.368  3.461   -6.788  1.00 41.23  ? 150 TYR A CE2 1 
ATOM   1165 C  CZ  . TYR A 1 158 ? -7.439  4.285   -7.360  1.00 41.05  ? 150 TYR A CZ  1 
ATOM   1166 O  OH  . TYR A 1 158 ? -6.261  3.796   -7.833  1.00 49.14  ? 150 TYR A OH  1 
ATOM   1167 N  N   . ASN A 1 159 ? -13.261 7.221   -3.445  1.00 61.08  ? 151 ASN A N   1 
ATOM   1168 C  CA  . ASN A 1 159 ? -14.375 8.107   -3.026  1.00 58.35  ? 151 ASN A CA  1 
ATOM   1169 C  C   . ASN A 1 159 ? -14.180 8.903   -1.695  1.00 64.27  ? 151 ASN A C   1 
ATOM   1170 O  O   . ASN A 1 159 ? -15.157 9.173   -1.001  1.00 61.45  ? 151 ASN A O   1 
ATOM   1171 C  CB  . ASN A 1 159 ? -15.693 7.327   -3.024  1.00 59.07  ? 151 ASN A CB  1 
ATOM   1172 C  CG  . ASN A 1 159 ? -15.657 6.055   -2.175  1.00 64.22  ? 151 ASN A CG  1 
ATOM   1173 O  OD1 . ASN A 1 159 ? -15.735 6.119   -0.974  1.00 78.89  ? 151 ASN A OD1 1 
ATOM   1174 N  ND2 . ASN A 1 159 ? -15.570 4.888   -2.821  1.00 75.05  ? 151 ASN A ND2 1 
ATOM   1175 N  N   . GLN A 1 160 ? -12.931 9.320   -1.388  1.00 66.26  ? 152 GLN A N   1 
ATOM   1176 C  CA  . GLN A 1 160 ? -12.562 10.078  -0.144  1.00 65.52  ? 152 GLN A CA  1 
ATOM   1177 C  C   . GLN A 1 160 ? -12.967 9.454   1.215   1.00 61.14  ? 152 GLN A C   1 
ATOM   1178 O  O   . GLN A 1 160 ? -13.285 10.133  2.155   1.00 68.83  ? 152 GLN A O   1 
ATOM   1179 C  CB  . GLN A 1 160 ? -13.122 11.491  -0.228  1.00 56.66  ? 152 GLN A CB  1 
ATOM   1180 C  CG  . GLN A 1 160 ? -12.305 12.329  -1.138  1.00 51.17  ? 152 GLN A CG  1 
ATOM   1181 C  CD  . GLN A 1 160 ? -11.079 12.839  -0.525  1.00 51.47  ? 152 GLN A CD  1 
ATOM   1182 O  OE1 . GLN A 1 160 ? -10.090 13.101  -1.233  1.00 63.20  ? 152 GLN A OE1 1 
ATOM   1183 N  NE2 . GLN A 1 160 ? -11.111 13.055  0.777   1.00 62.67  ? 152 GLN A NE2 1 
ATOM   1184 N  N   . ASP A 1 161 ? -12.931 8.156   1.283   1.00 61.68  ? 153 ASP A N   1 
ATOM   1185 C  CA  . ASP A 1 161 ? -13.309 7.379   2.442   1.00 69.10  ? 153 ASP A CA  1 
ATOM   1186 C  C   . ASP A 1 161 ? -12.034 6.604   2.903   1.00 69.75  ? 153 ASP A C   1 
ATOM   1187 O  O   . ASP A 1 161 ? -11.144 6.251   2.091   1.00 60.28  ? 153 ASP A O   1 
ATOM   1188 C  CB  . ASP A 1 161 ? -14.423 6.418   1.989   1.00 66.03  ? 153 ASP A CB  1 
ATOM   1189 C  CG  . ASP A 1 161 ? -15.324 5.923   3.120   1.00 80.25  ? 153 ASP A CG  1 
ATOM   1190 O  OD1 . ASP A 1 161 ? -15.377 6.561   4.202   1.00 71.74  ? 153 ASP A OD1 1 
ATOM   1191 O  OD2 . ASP A 1 161 ? -16.003 4.877   2.887   1.00 78.98  ? 153 ASP A OD2 1 
ATOM   1192 N  N   . TYR A 1 162 ? -11.940 6.360   4.199   1.00 73.14  ? 154 TYR A N   1 
ATOM   1193 C  CA  . TYR A 1 162 ? -10.874 5.531   4.752   1.00 69.03  ? 154 TYR A CA  1 
ATOM   1194 C  C   . TYR A 1 162 ? -11.403 4.648   5.894   1.00 66.29  ? 154 TYR A C   1 
ATOM   1195 O  O   . TYR A 1 162 ? -12.542 4.773   6.343   1.00 63.73  ? 154 TYR A O   1 
ATOM   1196 C  CB  . TYR A 1 162 ? -9.654  6.376   5.120   1.00 72.67  ? 154 TYR A CB  1 
ATOM   1197 C  CG  . TYR A 1 162 ? -9.878  7.439   6.181   1.00 92.58  ? 154 TYR A CG  1 
ATOM   1198 C  CD1 . TYR A 1 162 ? -9.811  7.138   7.544   1.00 102.61 ? 154 TYR A CD1 1 
ATOM   1199 C  CD2 . TYR A 1 162 ? -10.135 8.754   5.820   1.00 102.09 ? 154 TYR A CD2 1 
ATOM   1200 C  CE1 . TYR A 1 162 ? -10.017 8.124   8.507   1.00 111.54 ? 154 TYR A CE1 1 
ATOM   1201 C  CE2 . TYR A 1 162 ? -10.335 9.746   6.765   1.00 108.93 ? 154 TYR A CE2 1 
ATOM   1202 C  CZ  . TYR A 1 162 ? -10.272 9.435   8.105   1.00 115.55 ? 154 TYR A CZ  1 
ATOM   1203 O  OH  . TYR A 1 162 ? -10.468 10.449  9.017   1.00 120.69 ? 154 TYR A OH  1 
ATOM   1204 N  N   . SER A 1 163 ? -10.587 3.698   6.311   1.00 66.98  ? 155 SER A N   1 
ATOM   1205 C  CA  . SER A 1 163 ? -11.020 2.664   7.262   1.00 59.34  ? 155 SER A CA  1 
ATOM   1206 C  C   . SER A 1 163 ? -9.690  2.092   7.822   1.00 63.74  ? 155 SER A C   1 
ATOM   1207 O  O   . SER A 1 163 ? -9.026  1.232   7.200   1.00 66.85  ? 155 SER A O   1 
ATOM   1208 C  CB  . SER A 1 163 ? -11.886 1.684   6.472   1.00 58.30  ? 155 SER A CB  1 
ATOM   1209 O  OG  . SER A 1 163 ? -12.825 1.035   7.228   1.00 66.32  ? 155 SER A OG  1 
ATOM   1210 N  N   . LEU A 1 164 ? -9.217  2.703   8.910   1.00 57.31  ? 156 LEU A N   1 
ATOM   1211 C  CA  . LEU A 1 164 ? -8.045  2.251   9.656   1.00 55.05  ? 156 LEU A CA  1 
ATOM   1212 C  C   . LEU A 1 164 ? -8.442  1.375   10.818  1.00 62.85  ? 156 LEU A C   1 
ATOM   1213 O  O   . LEU A 1 164 ? -9.482  1.586   11.432  1.00 76.27  ? 156 LEU A O   1 
ATOM   1214 C  CB  . LEU A 1 164 ? -7.269  3.420   10.181  1.00 58.56  ? 156 LEU A CB  1 
ATOM   1215 C  CG  . LEU A 1 164 ? -6.823  4.481   9.187   1.00 63.77  ? 156 LEU A CG  1 
ATOM   1216 C  CD1 . LEU A 1 164 ? -5.879  5.397   9.916   1.00 70.98  ? 156 LEU A CD1 1 
ATOM   1217 C  CD2 . LEU A 1 164 ? -6.054  3.930   8.020   1.00 76.38  ? 156 LEU A CD2 1 
ATOM   1218 N  N   . SER A 1 165 ? -7.669  0.345   11.119  1.00 65.41  ? 157 SER A N   1 
ATOM   1219 C  CA  . SER A 1 165 ? -8.000  -0.433  12.315  1.00 69.30  ? 157 SER A CA  1 
ATOM   1220 C  C   . SER A 1 165 ? -7.538  0.358   13.573  1.00 64.31  ? 157 SER A C   1 
ATOM   1221 O  O   . SER A 1 165 ? -8.135  0.165   14.629  1.00 72.93  ? 157 SER A O   1 
ATOM   1222 C  CB  . SER A 1 165 ? -7.448  -1.862  12.235  1.00 57.55  ? 157 SER A CB  1 
ATOM   1223 O  OG  . SER A 1 165 ? -6.068  -1.743  12.156  1.00 59.42  ? 157 SER A OG  1 
ATOM   1224 N  N   . ASN A 1 166 ? -6.531  1.246   13.418  1.00 60.89  ? 158 ASN A N   1 
ATOM   1225 C  CA  . ASN A 1 166 ? -5.979  2.148   14.466  1.00 84.94  ? 158 ASN A CA  1 
ATOM   1226 C  C   . ASN A 1 166 ? -5.821  3.612   13.979  1.00 88.10  ? 158 ASN A C   1 
ATOM   1227 O  O   . ASN A 1 166 ? -4.860  3.951   13.260  1.00 88.59  ? 158 ASN A O   1 
ATOM   1228 C  CB  . ASN A 1 166 ? -4.580  1.672   14.966  1.00 88.76  ? 158 ASN A CB  1 
ATOM   1229 C  CG  . ASN A 1 166 ? -4.636  0.769   16.183  1.00 95.25  ? 158 ASN A CG  1 
ATOM   1230 O  OD1 . ASN A 1 166 ? -5.695  0.512   16.765  1.00 98.78  ? 158 ASN A OD1 1 
ATOM   1231 N  ND2 . ASN A 1 166 ? -3.476  0.278   16.575  1.00 89.08  ? 158 ASN A ND2 1 
ATOM   1232 N  N   . GLU A 1 167 ? -6.719  4.486   14.432  1.00 98.48  ? 159 GLU A N   1 
ATOM   1233 C  CA  . GLU A 1 167 ? -6.772  5.861   13.941  1.00 95.25  ? 159 GLU A CA  1 
ATOM   1234 C  C   . GLU A 1 167 ? -5.506  6.680   14.223  1.00 91.28  ? 159 GLU A C   1 
ATOM   1235 O  O   . GLU A 1 167 ? -5.224  7.591   13.464  1.00 91.37  ? 159 GLU A O   1 
ATOM   1236 C  CB  . GLU A 1 167 ? -7.981  6.577   14.545  1.00 92.21  ? 159 GLU A CB  1 
ATOM   1237 C  CG  . GLU A 1 167 ? -9.322  6.005   14.111  1.00 93.73  ? 159 GLU A CG  1 
ATOM   1238 C  CD  . GLU A 1 167 ? -9.303  5.505   12.679  1.00 95.47  ? 159 GLU A CD  1 
ATOM   1239 O  OE1 . GLU A 1 167 ? -8.690  6.173   11.822  1.00 96.78  ? 159 GLU A OE1 1 
ATOM   1240 O  OE2 . GLU A 1 167 ? -9.906  4.444   12.411  1.00 96.91  ? 159 GLU A OE2 1 
ATOM   1241 N  N   . SER A 1 168 ? -4.736  6.334   15.262  1.00 91.72  ? 160 SER A N   1 
ATOM   1242 C  CA  . SER A 1 168 ? -3.544  7.112   15.688  1.00 93.37  ? 160 SER A CA  1 
ATOM   1243 C  C   . SER A 1 168 ? -2.331  6.833   14.814  1.00 98.87  ? 160 SER A C   1 
ATOM   1244 O  O   . SER A 1 168 ? -1.533  7.738   14.498  1.00 94.57  ? 160 SER A O   1 
ATOM   1245 C  CB  . SER A 1 168 ? -3.140  6.788   17.149  1.00 97.81  ? 160 SER A CB  1 
ATOM   1246 O  OG  . SER A 1 168 ? -4.172  6.141   17.889  1.00 90.82  ? 160 SER A OG  1 
ATOM   1247 N  N   . SER A 1 169 ? -2.177  5.550   14.482  1.00 103.93 ? 161 SER A N   1 
ATOM   1248 C  CA  . SER A 1 169 ? -1.086  5.022   13.646  1.00 90.44  ? 161 SER A CA  1 
ATOM   1249 C  C   . SER A 1 169 ? -0.739  5.996   12.528  1.00 84.22  ? 161 SER A C   1 
ATOM   1250 O  O   . SER A 1 169 ? 0.415   6.379   12.334  1.00 90.57  ? 161 SER A O   1 
ATOM   1251 C  CB  . SER A 1 169 ? -1.514  3.665   13.053  1.00 92.70  ? 161 SER A CB  1 
ATOM   1252 O  OG  . SER A 1 169 ? -2.458  3.000   13.889  1.00 81.38  ? 161 SER A OG  1 
ATOM   1253 N  N   . LEU A 1 170 ? -1.772  6.404   11.809  1.00 87.09  ? 162 LEU A N   1 
ATOM   1254 C  CA  . LEU A 1 170 ? -1.635  7.396   10.772  1.00 91.65  ? 162 LEU A CA  1 
ATOM   1255 C  C   . LEU A 1 170 ? -2.357  8.706   11.169  1.00 86.75  ? 162 LEU A C   1 
ATOM   1256 O  O   . LEU A 1 170 ? -3.511  8.670   11.623  1.00 72.84  ? 162 LEU A O   1 
ATOM   1257 C  CB  . LEU A 1 170 ? -2.200  6.822   9.477   1.00 89.25  ? 162 LEU A CB  1 
ATOM   1258 C  CG  . LEU A 1 170 ? -2.218  7.749   8.251   1.00 90.73  ? 162 LEU A CG  1 
ATOM   1259 C  CD1 . LEU A 1 170 ? -0.777  8.088   7.918   1.00 96.10  ? 162 LEU A CD1 1 
ATOM   1260 C  CD2 . LEU A 1 170 ? -2.936  7.234   7.002   1.00 92.45  ? 162 LEU A CD2 1 
ATOM   1261 N  N   . ASP A 1 171 ? -1.671  9.845   11.012  1.00 85.54  ? 163 ASP A N   1 
ATOM   1262 C  CA  . ASP A 1 171 ? -2.270  11.192  11.312  1.00 98.77  ? 163 ASP A CA  1 
ATOM   1263 C  C   . ASP A 1 171 ? -3.423  11.549  10.354  1.00 108.01 ? 163 ASP A C   1 
ATOM   1264 O  O   . ASP A 1 171 ? -3.401  11.143  9.192   1.00 99.59  ? 163 ASP A O   1 
ATOM   1265 C  CB  . ASP A 1 171 ? -1.226  12.346  11.353  1.00 87.90  ? 163 ASP A CB  1 
ATOM   1266 C  CG  . ASP A 1 171 ? -0.154  12.258  10.245  1.00 102.68 ? 163 ASP A CG  1 
ATOM   1267 O  OD1 . ASP A 1 171 ? 0.244   11.125  9.836   1.00 92.81  ? 163 ASP A OD1 1 
ATOM   1268 O  OD2 . ASP A 1 171 ? 0.327   13.334  9.812   1.00 109.77 ? 163 ASP A OD2 1 
ATOM   1269 N  N   . GLU A 1 172 ? -4.414  12.301  10.864  1.00 120.80 ? 164 GLU A N   1 
ATOM   1270 C  CA  . GLU A 1 172 ? -5.582  12.807  10.078  1.00 108.89 ? 164 GLU A CA  1 
ATOM   1271 C  C   . GLU A 1 172 ? -5.168  13.610  8.813   1.00 106.53 ? 164 GLU A C   1 
ATOM   1272 O  O   . GLU A 1 172 ? -5.825  13.512  7.760   1.00 89.72  ? 164 GLU A O   1 
ATOM   1273 C  CB  . GLU A 1 172 ? -6.529  13.651  10.972  1.00 112.37 ? 164 GLU A CB  1 
ATOM   1274 C  CG  . GLU A 1 172 ? -7.229  12.879  12.103  1.00 114.73 ? 164 GLU A CG  1 
ATOM   1275 C  CD  . GLU A 1 172 ? -8.710  12.562  11.870  1.00 113.28 ? 164 GLU A CD  1 
ATOM   1276 O  OE1 . GLU A 1 172 ? -9.481  12.590  12.865  1.00 117.23 ? 164 GLU A OE1 1 
ATOM   1277 O  OE2 . GLU A 1 172 ? -9.115  12.266  10.717  1.00 99.61  ? 164 GLU A OE2 1 
ATOM   1278 N  N   . GLU A 1 173 ? -4.069  14.368  8.916   1.00 102.17 ? 165 GLU A N   1 
ATOM   1279 C  CA  . GLU A 1 173 ? -3.429  15.018  7.751   1.00 103.29 ? 165 GLU A CA  1 
ATOM   1280 C  C   . GLU A 1 173 ? -2.921  14.029  6.672   1.00 90.69  ? 165 GLU A C   1 
ATOM   1281 O  O   . GLU A 1 173 ? -3.138  14.237  5.486   1.00 84.18  ? 165 GLU A O   1 
ATOM   1282 C  CB  . GLU A 1 173 ? -2.271  15.910  8.217   1.00 111.74 ? 165 GLU A CB  1 
ATOM   1283 C  CG  . GLU A 1 173 ? -1.955  17.070  7.290   1.00 119.54 ? 165 GLU A CG  1 
ATOM   1284 C  CD  . GLU A 1 173 ? -0.844  17.939  7.842   1.00 126.04 ? 165 GLU A CD  1 
ATOM   1285 O  OE1 . GLU A 1 173 ? -1.121  19.105  8.206   1.00 102.03 ? 165 GLU A OE1 1 
ATOM   1286 O  OE2 . GLU A 1 173 ? 0.302   17.432  7.934   1.00 132.51 ? 165 GLU A OE2 1 
ATOM   1287 N  N   . GLY A 1 174 ? -2.254  12.964  7.111   1.00 87.93  ? 166 GLY A N   1 
ATOM   1288 C  CA  . GLY A 1 174 ? -1.659  11.948  6.230   1.00 80.13  ? 166 GLY A CA  1 
ATOM   1289 C  C   . GLY A 1 174 ? -2.616  11.076  5.438   1.00 69.82  ? 166 GLY A C   1 
ATOM   1290 O  O   . GLY A 1 174 ? -2.373  10.784  4.277   1.00 67.31  ? 166 GLY A O   1 
ATOM   1291 N  N   . LYS A 1 175 ? -3.689  10.657  6.104   1.00 64.17  ? 167 LYS A N   1 
ATOM   1292 C  CA  . LYS A 1 175 ? -4.831  9.957   5.495   1.00 66.06  ? 167 LYS A CA  1 
ATOM   1293 C  C   . LYS A 1 175 ? -5.405  10.756  4.310   1.00 77.96  ? 167 LYS A C   1 
ATOM   1294 O  O   . LYS A 1 175 ? -5.838  10.168  3.287   1.00 66.26  ? 167 LYS A O   1 
ATOM   1295 C  CB  . LYS A 1 175 ? -5.988  9.728   6.513   1.00 69.89  ? 167 LYS A CB  1 
ATOM   1296 C  CG  . LYS A 1 175 ? -5.618  9.398   7.979   1.00 83.23  ? 167 LYS A CG  1 
ATOM   1297 C  CD  . LYS A 1 175 ? -6.844  9.182   8.868   1.00 88.98  ? 167 LYS A CD  1 
ATOM   1298 C  CE  . LYS A 1 175 ? -6.484  9.115   10.359  1.00 93.53  ? 167 LYS A CE  1 
ATOM   1299 N  NZ  . LYS A 1 175 ? -7.614  8.641   11.234  1.00 95.44  ? 167 LYS A NZ  1 
ATOM   1300 N  N   . GLY A 1 176 ? -5.472  12.083  4.515   1.00 79.18  ? 168 GLY A N   1 
ATOM   1301 C  CA  . GLY A 1 176 ? -6.013  13.048  3.571   1.00 75.36  ? 168 GLY A CA  1 
ATOM   1302 C  C   . GLY A 1 176 ? -5.098  13.223  2.367   1.00 81.51  ? 168 GLY A C   1 
ATOM   1303 O  O   . GLY A 1 176 ? -5.628  13.391  1.262   1.00 86.98  ? 168 GLY A O   1 
ATOM   1304 N  N   . ARG A 1 177 ? -3.760  13.179  2.563   1.00 64.59  ? 169 ARG A N   1 
ATOM   1305 C  CA  . ARG A 1 177 ? -2.775  13.267  1.439   1.00 69.59  ? 169 ARG A CA  1 
ATOM   1306 C  C   . ARG A 1 177 ? -2.810  12.031  0.552   1.00 73.30  ? 169 ARG A C   1 
ATOM   1307 O  O   . ARG A 1 177 ? -2.451  12.075  -0.623  1.00 77.34  ? 169 ARG A O   1 
ATOM   1308 C  CB  . ARG A 1 177 ? -1.335  13.335  1.939   1.00 74.97  ? 169 ARG A CB  1 
ATOM   1309 C  CG  . ARG A 1 177 ? -0.915  14.596  2.709   1.00 92.55  ? 169 ARG A CG  1 
ATOM   1310 C  CD  . ARG A 1 177 ? 0.575   14.535  3.103   1.00 108.84 ? 169 ARG A CD  1 
ATOM   1311 N  NE  . ARG A 1 177 ? 1.096   15.646  3.904   1.00 117.90 ? 169 ARG A NE  1 
ATOM   1312 C  CZ  . ARG A 1 177 ? 2.329   15.702  4.428   1.00 124.61 ? 169 ARG A CZ  1 
ATOM   1313 N  NH1 . ARG A 1 177 ? 3.206   14.702  4.281   1.00 128.00 ? 169 ARG A NH1 1 
ATOM   1314 N  NH2 . ARG A 1 177 ? 2.697   16.778  5.114   1.00 123.66 ? 169 ARG A NH2 1 
ATOM   1315 N  N   . VAL A 1 178 ? -3.117  10.889  1.151   1.00 70.51  ? 170 VAL A N   1 
ATOM   1316 C  CA  . VAL A 1 178 ? -3.228  9.683   0.372   1.00 67.67  ? 170 VAL A CA  1 
ATOM   1317 C  C   . VAL A 1 178 ? -4.543  9.756   -0.378  1.00 59.76  ? 170 VAL A C   1 
ATOM   1318 O  O   . VAL A 1 178 ? -4.573  9.391   -1.541  1.00 56.58  ? 170 VAL A O   1 
ATOM   1319 C  CB  . VAL A 1 178 ? -3.124  8.390   1.211   1.00 61.77  ? 170 VAL A CB  1 
ATOM   1320 C  CG1 . VAL A 1 178 ? -3.574  7.189   0.415   1.00 65.40  ? 170 VAL A CG1 1 
ATOM   1321 C  CG2 . VAL A 1 178 ? -1.689  8.154   1.620   1.00 69.82  ? 170 VAL A CG2 1 
ATOM   1322 N  N   . LEU A 1 179 ? -5.616  10.191  0.289   1.00 57.87  ? 171 LEU A N   1 
ATOM   1323 C  CA  . LEU A 1 179 ? -6.929  10.298  -0.352  1.00 57.08  ? 171 LEU A CA  1 
ATOM   1324 C  C   . LEU A 1 179 ? -6.933  11.276  -1.541  1.00 55.46  ? 171 LEU A C   1 
ATOM   1325 O  O   . LEU A 1 179 ? -7.651  11.031  -2.490  1.00 53.09  ? 171 LEU A O   1 
ATOM   1326 C  CB  . LEU A 1 179 ? -8.046  10.625  0.644   1.00 51.41  ? 171 LEU A CB  1 
ATOM   1327 C  CG  . LEU A 1 179 ? -8.481  9.491   1.596   1.00 59.18  ? 171 LEU A CG  1 
ATOM   1328 C  CD1 . LEU A 1 179 ? -9.486  10.028  2.605   1.00 64.51  ? 171 LEU A CD1 1 
ATOM   1329 C  CD2 . LEU A 1 179 ? -9.102  8.305   0.903   1.00 57.79  ? 171 LEU A CD2 1 
ATOM   1330 N  N   . SER A 1 180 ? -6.076  12.306  -1.497  1.00 54.44  ? 172 SER A N   1 
ATOM   1331 C  CA  . SER A 1 180 ? -6.050  13.345  -2.503  1.00 60.48  ? 172 SER A CA  1 
ATOM   1332 C  C   . SER A 1 180 ? -5.321  12.880  -3.732  1.00 55.14  ? 172 SER A C   1 
ATOM   1333 O  O   . SER A 1 180 ? -5.722  13.249  -4.845  1.00 60.71  ? 172 SER A O   1 
ATOM   1334 C  CB  . SER A 1 180 ? -5.464  14.666  -1.968  1.00 57.95  ? 172 SER A CB  1 
ATOM   1335 O  OG  . SER A 1 180 ? -4.055  14.657  -2.020  1.00 65.97  ? 172 SER A OG  1 
ATOM   1336 N  N   . ARG A 1 181 ? -4.281  12.064  -3.534  1.00 52.40  ? 173 ARG A N   1 
ATOM   1337 C  CA  . ARG A 1 181 ? -3.549  11.409  -4.635  1.00 48.51  ? 173 ARG A CA  1 
ATOM   1338 C  C   . ARG A 1 181 ? -4.459  10.537  -5.414  1.00 46.67  ? 173 ARG A C   1 
ATOM   1339 O  O   . ARG A 1 181 ? -4.415  10.506  -6.664  1.00 49.73  ? 173 ARG A O   1 
ATOM   1340 C  CB  . ARG A 1 181 ? -2.439  10.524  -4.098  1.00 49.62  ? 173 ARG A CB  1 
ATOM   1341 C  CG  . ARG A 1 181 ? -1.673  9.719   -5.162  1.00 49.99  ? 173 ARG A CG  1 
ATOM   1342 C  CD  . ARG A 1 181 ? -1.052  10.601  -6.230  1.00 53.86  ? 173 ARG A CD  1 
ATOM   1343 N  NE  . ARG A 1 181 ? -0.162  9.835   -7.105  1.00 52.62  ? 173 ARG A NE  1 
ATOM   1344 C  CZ  . ARG A 1 181 ? 0.171   10.163  -8.351  1.00 54.44  ? 173 ARG A CZ  1 
ATOM   1345 N  NH1 . ARG A 1 181 ? -0.332  11.241  -8.965  1.00 58.64  ? 173 ARG A NH1 1 
ATOM   1346 N  NH2 . ARG A 1 181 ? 1.001   9.379   -9.005  1.00 56.33  ? 173 ARG A NH2 1 
ATOM   1347 N  N   . LEU A 1 182 ? -5.280  9.804   -4.669  1.00 45.05  ? 174 LEU A N   1 
ATOM   1348 C  CA  . LEU A 1 182 ? -6.223  8.899   -5.277  1.00 49.16  ? 174 LEU A CA  1 
ATOM   1349 C  C   . LEU A 1 182 ? -7.256  9.683   -6.032  1.00 47.89  ? 174 LEU A C   1 
ATOM   1350 O  O   . LEU A 1 182 ? -7.642  9.278   -7.119  1.00 44.37  ? 174 LEU A O   1 
ATOM   1351 C  CB  . LEU A 1 182 ? -6.883  7.981   -4.259  1.00 43.04  ? 174 LEU A CB  1 
ATOM   1352 C  CG  . LEU A 1 182 ? -5.947  6.988   -3.547  1.00 51.82  ? 174 LEU A CG  1 
ATOM   1353 C  CD1 . LEU A 1 182 ? -6.733  6.085   -2.569  1.00 49.92  ? 174 LEU A CD1 1 
ATOM   1354 C  CD2 . LEU A 1 182 ? -5.101  6.127   -4.482  1.00 48.73  ? 174 LEU A CD2 1 
ATOM   1355 N  N   . THR A 1 183 ? -7.715  10.790  -5.441  1.00 48.98  ? 175 THR A N   1 
ATOM   1356 C  CA  . THR A 1 183 ? -8.693  11.651  -6.084  1.00 46.01  ? 175 THR A CA  1 
ATOM   1357 C  C   . THR A 1 183 ? -8.102  12.312  -7.325  1.00 45.22  ? 175 THR A C   1 
ATOM   1358 O  O   . THR A 1 183 ? -8.773  12.396  -8.330  1.00 48.50  ? 175 THR A O   1 
ATOM   1359 C  CB  . THR A 1 183 ? -9.229  12.683  -5.100  1.00 52.80  ? 175 THR A CB  1 
ATOM   1360 O  OG1 . THR A 1 183 ? -9.963  12.011  -4.059  1.00 53.06  ? 175 THR A OG1 1 
ATOM   1361 C  CG2 . THR A 1 183 ? -10.140 13.719  -5.807  1.00 53.06  ? 175 THR A CG2 1 
ATOM   1362 N  N   . GLU A 1 184 ? -6.837  12.735  -7.251  1.00 44.75  ? 176 GLU A N   1 
ATOM   1363 C  CA  . GLU A 1 184 ? -6.096  13.238  -8.403  1.00 48.03  ? 176 GLU A CA  1 
ATOM   1364 C  C   . GLU A 1 184 ? -6.113  12.264  -9.560  1.00 53.83  ? 176 GLU A C   1 
ATOM   1365 O  O   . GLU A 1 184 ? -6.380  12.668  -10.756 1.00 51.36  ? 176 GLU A O   1 
ATOM   1366 C  CB  . GLU A 1 184 ? -4.642  13.476  -8.049  1.00 57.74  ? 176 GLU A CB  1 
ATOM   1367 C  CG  . GLU A 1 184 ? -3.867  14.336  -9.060  1.00 71.26  ? 176 GLU A CG  1 
ATOM   1368 C  CD  . GLU A 1 184 ? -2.336  14.108  -9.075  1.00 83.41  ? 176 GLU A CD  1 
ATOM   1369 O  OE1 . GLU A 1 184 ? -1.751  13.579  -8.078  1.00 67.59  ? 176 GLU A OE1 1 
ATOM   1370 O  OE2 . GLU A 1 184 ? -1.721  14.431  -10.139 1.00 91.90  ? 176 GLU A OE2 1 
ATOM   1371 N  N   . LEU A 1 185 ? -5.802  10.996  -9.228  1.00 49.33  ? 177 LEU A N   1 
ATOM   1372 C  CA  . LEU A 1 185 ? -5.623  9.986   -10.271 1.00 45.65  ? 177 LEU A CA  1 
ATOM   1373 C  C   . LEU A 1 185 ? -6.953  9.650   -10.915 1.00 48.78  ? 177 LEU A C   1 
ATOM   1374 O  O   . LEU A 1 185 ? -7.013  9.530   -12.118 1.00 45.08  ? 177 LEU A O   1 
ATOM   1375 C  CB  . LEU A 1 185 ? -4.976  8.743   -9.729  1.00 47.74  ? 177 LEU A CB  1 
ATOM   1376 C  CG  . LEU A 1 185 ? -3.480  8.862   -9.530  1.00 47.98  ? 177 LEU A CG  1 
ATOM   1377 C  CD1 . LEU A 1 185 ? -3.029  7.827   -8.512  1.00 51.63  ? 177 LEU A CD1 1 
ATOM   1378 C  CD2 . LEU A 1 185 ? -2.744  8.718   -10.821 1.00 48.48  ? 177 LEU A CD2 1 
ATOM   1379 N  N   . GLN A 1 186 ? -8.015  9.543   -10.105 1.00 42.88  ? 178 GLN A N   1 
ATOM   1380 C  CA  . GLN A 1 186 ? -9.306  9.227   -10.639 1.00 48.64  ? 178 GLN A CA  1 
ATOM   1381 C  C   . GLN A 1 186 ? -9.765  10.356  -11.595 1.00 53.33  ? 178 GLN A C   1 
ATOM   1382 O  O   . GLN A 1 186 ? -10.470 10.107  -12.574 1.00 44.05  ? 178 GLN A O   1 
ATOM   1383 C  CB  . GLN A 1 186 ? -10.323 9.009   -9.519  1.00 45.64  ? 178 GLN A CB  1 
ATOM   1384 C  CG  . GLN A 1 186 ? -11.693 8.508   -9.981  1.00 46.86  ? 178 GLN A CG  1 
ATOM   1385 C  CD  . GLN A 1 186 ? -12.598 9.577   -10.593 1.00 48.23  ? 178 GLN A CD  1 
ATOM   1386 O  OE1 . GLN A 1 186 ? -12.543 10.733  -10.210 1.00 51.00  ? 178 GLN A OE1 1 
ATOM   1387 N  NE2 . GLN A 1 186 ? -13.455 9.179   -11.540 1.00 48.60  ? 178 GLN A NE2 1 
ATOM   1388 N  N   . ALA A 1 187 ? -9.389  11.581  -11.261 1.00 46.63  ? 179 ALA A N   1 
ATOM   1389 C  CA  . ALA A 1 187 ? -9.810  12.734  -12.028 1.00 51.69  ? 179 ALA A CA  1 
ATOM   1390 C  C   . ALA A 1 187 ? -9.199  12.716  -13.430 1.00 46.08  ? 179 ALA A C   1 
ATOM   1391 O  O   . ALA A 1 187 ? -9.897  12.899  -14.432 1.00 54.01  ? 179 ALA A O   1 
ATOM   1392 C  CB  . ALA A 1 187 ? -9.439  14.028  -11.278 1.00 48.90  ? 179 ALA A CB  1 
ATOM   1393 N  N   . GLU A 1 188 ? -7.900  12.500  -13.483 1.00 53.42  ? 180 GLU A N   1 
ATOM   1394 C  CA  . GLU A 1 188 ? -7.142  12.406  -14.749 1.00 52.55  ? 180 GLU A CA  1 
ATOM   1395 C  C   . GLU A 1 188 ? -7.535  11.224  -15.581 1.00 51.50  ? 180 GLU A C   1 
ATOM   1396 O  O   . GLU A 1 188 ? -7.534  11.275  -16.833 1.00 52.37  ? 180 GLU A O   1 
ATOM   1397 C  CB  . GLU A 1 188 ? -5.653  12.264  -14.453 1.00 60.55  ? 180 GLU A CB  1 
ATOM   1398 C  CG  . GLU A 1 188 ? -5.015  13.535  -13.922 1.00 69.35  ? 180 GLU A CG  1 
ATOM   1399 C  CD  . GLU A 1 188 ? -5.012  14.648  -14.983 1.00 75.86  ? 180 GLU A CD  1 
ATOM   1400 O  OE1 . GLU A 1 188 ? -4.728  14.352  -16.191 1.00 75.79  ? 180 GLU A OE1 1 
ATOM   1401 O  OE2 . GLU A 1 188 ? -5.312  15.806  -14.602 1.00 77.95  ? 180 GLU A OE2 1 
ATOM   1402 N  N   . LEU A 1 189 ? -7.825  10.133  -14.902 1.00 48.66  ? 181 LEU A N   1 
ATOM   1403 C  CA  . LEU A 1 189 ? -8.190  8.949   -15.622 1.00 49.25  ? 181 LEU A CA  1 
ATOM   1404 C  C   . LEU A 1 189 ? -9.504  9.223   -16.239 1.00 46.55  ? 181 LEU A C   1 
ATOM   1405 O  O   . LEU A 1 189 ? -9.668  9.008   -17.400 1.00 45.66  ? 181 LEU A O   1 
ATOM   1406 C  CB  . LEU A 1 189 ? -8.209  7.720   -14.738 1.00 51.16  ? 181 LEU A CB  1 
ATOM   1407 C  CG  . LEU A 1 189 ? -6.768  7.307   -14.380 1.00 52.03  ? 181 LEU A CG  1 
ATOM   1408 C  CD1 . LEU A 1 189 ? -6.771  6.375   -13.181 1.00 54.17  ? 181 LEU A CD1 1 
ATOM   1409 C  CD2 . LEU A 1 189 ? -6.002  6.698   -15.566 1.00 59.03  ? 181 LEU A CD2 1 
ATOM   1410 N  N   . SER A 1 190 ? -10.425 9.770   -15.473 1.00 53.08  ? 182 SER A N   1 
ATOM   1411 C  CA  . SER A 1 190 ? -11.732 10.082  -16.013 1.00 49.04  ? 182 SER A CA  1 
ATOM   1412 C  C   . SER A 1 190 ? -11.596 11.070  -17.180 1.00 53.13  ? 182 SER A C   1 
ATOM   1413 O  O   . SER A 1 190 ? -12.216 10.873  -18.218 1.00 45.50  ? 182 SER A O   1 
ATOM   1414 C  CB  . SER A 1 190 ? -12.614 10.693  -14.939 1.00 47.78  ? 182 SER A CB  1 
ATOM   1415 O  OG  . SER A 1 190 ? -13.962 10.576  -15.328 1.00 52.31  ? 182 SER A OG  1 
ATOM   1416 N  N   . LEU A 1 191 ? -10.788 12.129  -17.006 1.00 50.14  ? 183 LEU A N   1 
ATOM   1417 C  CA  . LEU A 1 191 ? -10.603 13.094  -18.050 1.00 55.40  ? 183 LEU A CA  1 
ATOM   1418 C  C   . LEU A 1 191 ? -10.120 12.395  -19.346 1.00 55.41  ? 183 LEU A C   1 
ATOM   1419 O  O   . LEU A 1 191 ? -10.561 12.743  -20.432 1.00 56.29  ? 183 LEU A O   1 
ATOM   1420 C  CB  . LEU A 1 191 ? -9.611  14.183  -17.622 1.00 64.91  ? 183 LEU A CB  1 
ATOM   1421 C  CG  . LEU A 1 191 ? -9.439  15.374  -18.596 1.00 67.50  ? 183 LEU A CG  1 
ATOM   1422 C  CD1 . LEU A 1 191 ? -10.714 16.190  -18.735 1.00 70.74  ? 183 LEU A CD1 1 
ATOM   1423 C  CD2 . LEU A 1 191 ? -8.338  16.319  -18.149 1.00 69.42  ? 183 LEU A CD2 1 
ATOM   1424 N  N   . LYS A 1 192 ? -9.291  11.374  -19.218 1.00 48.34  ? 184 LYS A N   1 
ATOM   1425 C  CA  . LYS A 1 192 ? -8.746  10.690  -20.387 1.00 54.21  ? 184 LYS A CA  1 
ATOM   1426 C  C   . LYS A 1 192 ? -9.481  9.444   -20.803 1.00 53.96  ? 184 LYS A C   1 
ATOM   1427 O  O   . LYS A 1 192 ? -8.977  8.655   -21.615 1.00 53.78  ? 184 LYS A O   1 
ATOM   1428 C  CB  . LYS A 1 192 ? -7.267  10.438  -20.160 1.00 54.48  ? 184 LYS A CB  1 
ATOM   1429 C  CG  . LYS A 1 192 ? -6.571  11.784  -20.052 1.00 57.18  ? 184 LYS A CG  1 
ATOM   1430 C  CD  . LYS A 1 192 ? -5.132  11.667  -19.623 1.00 70.56  ? 184 LYS A CD  1 
ATOM   1431 C  CE  . LYS A 1 192 ? -4.418  13.021  -19.705 1.00 81.44  ? 184 LYS A CE  1 
ATOM   1432 N  NZ  . LYS A 1 192 ? -3.080  12.896  -19.053 1.00 83.87  ? 184 LYS A NZ  1 
ATOM   1433 N  N   . ASN A 1 193 ? -10.697 9.269   -20.298 1.00 49.76  ? 185 ASN A N   1 
ATOM   1434 C  CA  . ASN A 1 193 ? -11.481 8.089   -20.660 1.00 59.96  ? 185 ASN A CA  1 
ATOM   1435 C  C   . ASN A 1 193 ? -10.807 6.751   -20.328 1.00 54.91  ? 185 ASN A C   1 
ATOM   1436 O  O   . ASN A 1 193 ? -11.143 5.727   -20.918 1.00 54.34  ? 185 ASN A O   1 
ATOM   1437 C  CB  . ASN A 1 193 ? -11.870 8.102   -22.155 1.00 64.14  ? 185 ASN A CB  1 
ATOM   1438 C  CG  . ASN A 1 193 ? -12.376 9.452   -22.607 1.00 68.47  ? 185 ASN A CG  1 
ATOM   1439 O  OD1 . ASN A 1 193 ? -13.285 10.012  -22.016 1.00 51.56  ? 185 ASN A OD1 1 
ATOM   1440 N  ND2 . ASN A 1 193 ? -11.749 9.997   -23.634 1.00 68.08  ? 185 ASN A ND2 1 
ATOM   1441 N  N   . LEU A 1 194 ? -9.920  6.757   -19.335 1.00 60.41  ? 186 LEU A N   1 
ATOM   1442 C  CA  . LEU A 1 194 ? -9.247  5.542   -18.869 1.00 59.64  ? 186 LEU A CA  1 
ATOM   1443 C  C   . LEU A 1 194 ? -9.810  4.950   -17.556 1.00 55.21  ? 186 LEU A C   1 
ATOM   1444 O  O   . LEU A 1 194 ? -9.517  3.798   -17.254 1.00 60.31  ? 186 LEU A O   1 
ATOM   1445 C  CB  . LEU A 1 194 ? -7.758  5.820   -18.729 1.00 60.48  ? 186 LEU A CB  1 
ATOM   1446 C  CG  . LEU A 1 194 ? -7.055  6.127   -20.051 1.00 54.57  ? 186 LEU A CG  1 
ATOM   1447 C  CD1 . LEU A 1 194 ? -5.696  6.742   -19.743 1.00 60.05  ? 186 LEU A CD1 1 
ATOM   1448 C  CD2 . LEU A 1 194 ? -6.916  4.871   -20.911 1.00 48.99  ? 186 LEU A CD2 1 
ATOM   1449 N  N   . TRP A 1 195 ? -10.653 5.685   -16.816 1.00 49.00  ? 187 TRP A N   1 
ATOM   1450 C  CA  . TRP A 1 195 ? -11.265 5.144   -15.595 1.00 50.05  ? 187 TRP A CA  1 
ATOM   1451 C  C   . TRP A 1 195 ? -12.089 3.876   -15.909 1.00 52.51  ? 187 TRP A C   1 
ATOM   1452 O  O   . TRP A 1 195 ? -12.039 2.863   -15.171 1.00 50.49  ? 187 TRP A O   1 
ATOM   1453 C  CB  . TRP A 1 195 ? -12.174 6.190   -14.949 1.00 49.12  ? 187 TRP A CB  1 
ATOM   1454 C  CG  . TRP A 1 195 ? -12.650 5.905   -13.566 1.00 45.59  ? 187 TRP A CG  1 
ATOM   1455 C  CD1 . TRP A 1 195 ? -13.921 5.960   -13.142 1.00 52.60  ? 187 TRP A CD1 1 
ATOM   1456 C  CD2 . TRP A 1 195 ? -11.861 5.565   -12.412 1.00 44.45  ? 187 TRP A CD2 1 
ATOM   1457 N  NE1 . TRP A 1 195 ? -14.006 5.702   -11.797 1.00 50.07  ? 187 TRP A NE1 1 
ATOM   1458 C  CE2 . TRP A 1 195 ? -12.750 5.455   -11.319 1.00 46.15  ? 187 TRP A CE2 1 
ATOM   1459 C  CE3 . TRP A 1 195 ? -10.498 5.380   -12.188 1.00 48.42  ? 187 TRP A CE3 1 
ATOM   1460 C  CZ2 . TRP A 1 195 ? -12.319 5.139   -10.000 1.00 49.34  ? 187 TRP A CZ2 1 
ATOM   1461 C  CZ3 . TRP A 1 195 ? -10.055 5.052   -10.873 1.00 55.15  ? 187 TRP A CZ3 1 
ATOM   1462 C  CH2 . TRP A 1 195 ? -10.963 4.965   -9.793  1.00 49.55  ? 187 TRP A CH2 1 
ATOM   1463 N  N   . GLN A 1 196 ? -12.811 3.924   -17.018 1.00 53.18  ? 188 GLN A N   1 
ATOM   1464 C  CA  . GLN A 1 196 ? -13.614 2.773   -17.479 1.00 59.61  ? 188 GLN A CA  1 
ATOM   1465 C  C   . GLN A 1 196 ? -12.787 1.493   -17.666 1.00 54.72  ? 188 GLN A C   1 
ATOM   1466 O  O   . GLN A 1 196 ? -13.326 0.400   -17.515 1.00 68.23  ? 188 GLN A O   1 
ATOM   1467 C  CB  . GLN A 1 196 ? -14.390 3.126   -18.769 1.00 61.06  ? 188 GLN A CB  1 
ATOM   1468 C  CG  . GLN A 1 196 ? -13.561 3.170   -20.053 1.00 70.17  ? 188 GLN A CG  1 
ATOM   1469 C  CD  . GLN A 1 196 ? -14.366 3.670   -21.256 1.00 71.20  ? 188 GLN A CD  1 
ATOM   1470 O  OE1 . GLN A 1 196 ? -14.582 4.864   -21.409 1.00 91.60  ? 188 GLN A OE1 1 
ATOM   1471 N  NE2 . GLN A 1 196 ? -14.804 2.764   -22.097 1.00 67.91  ? 188 GLN A NE2 1 
ATOM   1472 N  N   . VAL A 1 197 ? -11.494 1.641   -17.987 1.00 58.52  ? 189 VAL A N   1 
ATOM   1473 C  CA  . VAL A 1 197 ? -10.528 0.524   -18.052 1.00 60.09  ? 189 VAL A CA  1 
ATOM   1474 C  C   . VAL A 1 197 ? -10.464 -0.189  -16.691 1.00 62.84  ? 189 VAL A C   1 
ATOM   1475 O  O   . VAL A 1 197 ? -10.392 -1.402  -16.609 1.00 63.88  ? 189 VAL A O   1 
ATOM   1476 C  CB  . VAL A 1 197 ? -9.096  1.030   -18.458 1.00 65.76  ? 189 VAL A CB  1 
ATOM   1477 C  CG1 . VAL A 1 197 ? -8.004  -0.015  -18.222 1.00 65.06  ? 189 VAL A CG1 1 
ATOM   1478 C  CG2 . VAL A 1 197 ? -9.060  1.475   -19.908 1.00 63.60  ? 189 VAL A CG2 1 
ATOM   1479 N  N   . LEU A 1 198 ? -10.492 0.578   -15.615 1.00 57.79  ? 190 LEU A N   1 
ATOM   1480 C  CA  . LEU A 1 198 ? -10.418 -0.012  -14.305 1.00 57.08  ? 190 LEU A CA  1 
ATOM   1481 C  C   . LEU A 1 198 ? -11.757 -0.536  -13.775 1.00 62.99  ? 190 LEU A C   1 
ATOM   1482 O  O   . LEU A 1 198 ? -11.758 -1.235  -12.780 1.00 71.08  ? 190 LEU A O   1 
ATOM   1483 C  CB  . LEU A 1 198 ? -9.804  0.983   -13.343 1.00 49.81  ? 190 LEU A CB  1 
ATOM   1484 C  CG  . LEU A 1 198 ? -8.387  1.403   -13.743 1.00 59.15  ? 190 LEU A CG  1 
ATOM   1485 C  CD1 . LEU A 1 198 ? -7.963  2.648   -12.985 1.00 59.72  ? 190 LEU A CD1 1 
ATOM   1486 C  CD2 . LEU A 1 198 ? -7.368  0.271   -13.580 1.00 54.75  ? 190 LEU A CD2 1 
ATOM   1487 N  N   . ILE A 1 199 ? -12.888 -0.192  -14.391 1.00 71.70  ? 191 ILE A N   1 
ATOM   1488 C  CA  . ILE A 1 199 ? -14.211 -0.705  -13.974 1.00 68.97  ? 191 ILE A CA  1 
ATOM   1489 C  C   . ILE A 1 199 ? -14.799 -1.567  -15.080 1.00 61.85  ? 191 ILE A C   1 
ATOM   1490 O  O   . ILE A 1 199 ? -14.512 -2.736  -15.155 1.00 71.74  ? 191 ILE A O   1 
ATOM   1491 C  CB  . ILE A 1 199 ? -15.162 0.469   -13.738 1.00 80.55  ? 191 ILE A CB  1 
ATOM   1492 C  CG1 . ILE A 1 199 ? -14.617 1.376   -12.631 1.00 85.10  ? 191 ILE A CG1 1 
ATOM   1493 C  CG2 . ILE A 1 199 ? -16.574 -0.021  -13.418 1.00 85.68  ? 191 ILE A CG2 1 
ATOM   1494 C  CD1 . ILE A 1 199 ? -15.147 2.786   -12.748 1.00 89.61  ? 191 ILE A CD1 1 
HETATM 1495 MN MN  . MN  B 2 .   ? -2.182  -4.662  0.270   1.00 46.08  ? 201 MN  A MN  1 
HETATM 1496 MN MN  . MN  C 2 .   ? 0.764   -6.979  -0.295  1.00 73.29  ? 202 MN  A MN  1 
HETATM 1497 C  C1  . E4Z D 3 .   ? -3.611  -6.126  -1.795  1.00 46.27  ? 203 E4Z A C1  1 
HETATM 1498 N  N1  . E4Z D 3 .   ? -3.045  -8.080  -3.693  1.00 44.28  ? 203 E4Z A N1  1 
HETATM 1499 O  O1  . E4Z D 3 .   ? -3.815  -5.263  -0.938  1.00 49.24  ? 203 E4Z A O1  1 
HETATM 1500 C  C2  . E4Z D 3 .   ? -4.477  -6.383  -2.835  1.00 45.45  ? 203 E4Z A C2  1 
HETATM 1501 O  O2  . E4Z D 3 .   ? -1.622  -6.610  -0.767  1.00 55.52  ? 203 E4Z A O2  1 
HETATM 1502 O  O3  . E4Z D 3 .   ? 0.039   -8.608  -1.814  1.00 46.00  ? 203 E4Z A O3  1 
HETATM 1503 C  C4  . E4Z D 3 .   ? -2.088  -7.848  -2.677  1.00 47.22  ? 203 E4Z A C4  1 
HETATM 1504 O  O4  . E4Z D 3 .   ? -2.083  -12.330 -3.381  1.00 50.06  ? 203 E4Z A O4  1 
HETATM 1505 C  C5  . E4Z D 3 .   ? -2.373  -6.891  -1.712  1.00 50.06  ? 203 E4Z A C5  1 
HETATM 1506 C  C6  . E4Z D 3 .   ? -0.848  -8.727  -2.651  1.00 49.28  ? 203 E4Z A C6  1 
HETATM 1507 C  C7  . E4Z D 3 .   ? -1.916  -10.112 -4.409  1.00 49.76  ? 203 E4Z A C7  1 
HETATM 1508 C  C13 . E4Z D 3 .   ? -2.195  -9.510  -7.817  1.00 56.21  ? 203 E4Z A C13 1 
HETATM 1509 C  C14 . E4Z D 3 .   ? -3.697  -9.568  -7.537  1.00 53.40  ? 203 E4Z A C14 1 
HETATM 1510 C  C15 . E4Z D 3 .   ? -3.564  -6.684  -6.972  1.00 55.49  ? 203 E4Z A C15 1 
HETATM 1511 C  C16 . E4Z D 3 .   ? -2.500  -6.840  -6.081  1.00 49.70  ? 203 E4Z A C16 1 
HETATM 1512 C  C17 . E4Z D 3 .   ? -4.120  -5.413  -7.109  1.00 59.10  ? 203 E4Z A C17 1 
HETATM 1513 C  C18 . E4Z D 3 .   ? -3.625  -4.322  -6.401  1.00 55.80  ? 203 E4Z A C18 1 
HETATM 1514 C  C19 . E4Z D 3 .   ? -2.562  -4.470  -5.539  1.00 57.41  ? 203 E4Z A C19 1 
HETATM 1515 C  C20 . E4Z D 3 .   ? -2.010  -5.737  -5.384  1.00 57.53  ? 203 E4Z A C20 1 
HETATM 1516 C  C21 . E4Z D 3 .   ? 0.020   -8.654  -7.372  1.00 52.69  ? 203 E4Z A C21 1 
HETATM 1517 C  C22 . E4Z D 3 .   ? 0.533   -9.300  -8.527  1.00 53.85  ? 203 E4Z A C22 1 
HETATM 1518 C  C23 . E4Z D 3 .   ? -0.354  -10.045 -9.308  1.00 57.28  ? 203 E4Z A C23 1 
HETATM 1519 C  C24 . E4Z D 3 .   ? -1.676  -10.139 -8.961  1.00 56.27  ? 203 E4Z A C24 1 
HETATM 1520 F  F2  . E4Z D 3 .   ? 0.012   -10.690 -10.404 1.00 62.40  ? 203 E4Z A F2  1 
HETATM 1521 C  C12 . E4Z D 3 .   ? -1.344  -8.759  -7.008  1.00 52.07  ? 203 E4Z A C12 1 
HETATM 1522 F  F1  . E4Z D 3 .   ? -2.439  -10.872 -9.776  1.00 59.05  ? 203 E4Z A F1  1 
HETATM 1523 S  S3  . E4Z D 3 .   ? -4.312  -7.892  -7.899  1.00 54.62  ? 203 E4Z A S3  1 
HETATM 1524 C  C11 . E4Z D 3 .   ? -1.833  -8.098  -5.758  1.00 50.48  ? 203 E4Z A C11 1 
HETATM 1525 N  N2  . E4Z D 3 .   ? -2.694  -8.928  -4.774  1.00 52.84  ? 203 E4Z A N2  1 
HETATM 1526 C  C8  . E4Z D 3 .   ? -2.851  -11.167 -3.789  1.00 49.17  ? 203 E4Z A C8  1 
HETATM 1527 C  C9  . E4Z D 3 .   ? -0.895  -11.982 -2.577  1.00 49.02  ? 203 E4Z A C9  1 
HETATM 1528 C  C10 . E4Z D 3 .   ? 0.034   -10.956 -3.297  1.00 47.03  ? 203 E4Z A C10 1 
HETATM 1529 N  N3  . E4Z D 3 .   ? -0.849  -9.812  -3.438  1.00 47.95  ? 203 E4Z A N3  1 
HETATM 1530 C  C3  . E4Z D 3 .   ? -4.153  -7.376  -3.770  1.00 43.71  ? 203 E4Z A C3  1 
HETATM 1531 CL CL  . CL  E 4 .   ? -0.114  -13.498 1.340   1.00 35.88  ? 204 CL  A CL  1 
HETATM 1532 CL CL  . CL  F 4 .   ? -6.613  -16.721 1.366   1.00 49.77  ? 205 CL  A CL  1 
HETATM 1533 O  O   . HOH G 5 .   ? -0.516  -8.079  1.431   1.00 42.90  ? 301 HOH A O   1 
HETATM 1534 O  O   . HOH G 5 .   ? -4.661  -0.468  -5.990  1.00 42.69  ? 302 HOH A O   1 
HETATM 1535 O  O   . HOH G 5 .   ? -11.577 12.641  -8.629  1.00 46.20  ? 303 HOH A O   1 
HETATM 1536 O  O   . HOH G 5 .   ? -8.594  14.449  0.611   1.00 63.64  ? 304 HOH A O   1 
HETATM 1537 O  O   . HOH G 5 .   ? -5.668  -3.388  -2.189  1.00 48.95  ? 305 HOH A O   1 
HETATM 1538 O  O   . HOH G 5 .   ? -10.418 9.314   -2.805  1.00 57.57  ? 306 HOH A O   1 
HETATM 1539 O  O   . HOH G 5 .   ? 2.711   -7.881  0.413   1.00 56.73  ? 307 HOH A O   1 
HETATM 1540 O  O   . HOH G 5 .   ? -5.268  -6.288  -16.036 1.00 71.91  ? 308 HOH A O   1 
# 
